data_5D0C
# 
_entry.id   5D0C 
# 
_audit_conform.dict_name       mmcif_pdbx.dic 
_audit_conform.dict_version    5.380 
_audit_conform.dict_location   http://mmcif.pdb.org/dictionaries/ascii/mmcif_pdbx.dic 
# 
loop_
_database_2.database_id 
_database_2.database_code 
_database_2.pdbx_database_accession 
_database_2.pdbx_DOI 
PDB   5D0C         pdb_00005d0c 10.2210/pdb5d0c/pdb 
WWPDB D_1000212479 ?            ?                   
# 
loop_
_pdbx_database_related.db_name 
_pdbx_database_related.details 
_pdbx_database_related.db_id 
_pdbx_database_related.content_type 
PDB . 5CP5 unspecified 
PDB . 5CPE unspecified 
PDB . 5COI unspecified 
PDB . 5CQT unspecified 
PDB . 5CRM unspecified 
PDB . 5CRZ unspecified 
PDB . 5CS8 unspecified 
PDB . 5CTL unspecified 
PDB . 5CY9 unspecified 
# 
_pdbx_database_status.status_code                     REL 
_pdbx_database_status.status_code_sf                  REL 
_pdbx_database_status.status_code_mr                  ? 
_pdbx_database_status.entry_id                        5D0C 
_pdbx_database_status.recvd_initial_deposition_date   2015-08-03 
_pdbx_database_status.SG_entry                        N 
_pdbx_database_status.deposit_site                    RCSB 
_pdbx_database_status.process_site                    PDBJ 
_pdbx_database_status.status_code_cs                  ? 
_pdbx_database_status.methods_development_category    ? 
_pdbx_database_status.pdb_format_compatible           Y 
_pdbx_database_status.status_code_nmr_data            ? 
# 
loop_
_audit_author.name 
_audit_author.pdbx_ordinal 
'Zhang, Y.' 1 
'Song, M.'  2 
'Liu, Z.'   3 
'Xue, X.'   4 
'Xu, Y.'    5 
# 
_citation.abstract                  ? 
_citation.abstract_id_CAS           ? 
_citation.book_id_ISBN              ? 
_citation.book_publisher            ? 
_citation.book_publisher_city       ? 
_citation.book_title                ? 
_citation.coordinate_linkage        ? 
_citation.country                   US 
_citation.database_id_Medline       ? 
_citation.details                   ? 
_citation.id                        primary 
_citation.journal_abbrev            J.Med.Chem. 
_citation.journal_id_ASTM           JMCMAR 
_citation.journal_id_CSD            0151 
_citation.journal_id_ISSN           0022-2623 
_citation.journal_full              ? 
_citation.journal_issue             ? 
_citation.journal_volume            59 
_citation.language                  ? 
_citation.page_first                1565 
_citation.page_last                 1579 
_citation.title                     
;Discovery of Benzo[cd]indol-2(1H)-ones as Potent and Specific BET Bromodomain Inhibitors: Structure-Based Virtual Screening, Optimization, and Biological Evaluation
;
_citation.year                      2016 
_citation.database_id_CSD           ? 
_citation.pdbx_database_id_DOI      10.1021/acs.jmedchem.5b01511 
_citation.pdbx_database_id_PubMed   26731490 
_citation.unpublished_flag          ? 
# 
loop_
_citation_author.citation_id 
_citation_author.name 
_citation_author.ordinal 
_citation_author.identifier_ORCID 
primary 'Xue, X.'   1  ? 
primary 'Zhang, Y.' 2  ? 
primary 'Liu, Z.'   3  ? 
primary 'Song, M.'  4  ? 
primary 'Xing, Y.'  5  ? 
primary 'Xiang, Q.' 6  ? 
primary 'Wang, Z.'  7  ? 
primary 'Tu, Z.'    8  ? 
primary 'Zhou, Y.'  9  ? 
primary 'Ding, K.'  10 ? 
primary 'Xu, Y.'    11 ? 
# 
_cell.angle_alpha                  90.000 
_cell.angle_alpha_esd              ? 
_cell.angle_beta                   96.740 
_cell.angle_beta_esd               ? 
_cell.angle_gamma                  90.000 
_cell.angle_gamma_esd              ? 
_cell.entry_id                     5D0C 
_cell.details                      ? 
_cell.formula_units_Z              ? 
_cell.length_a                     30.030 
_cell.length_a_esd                 ? 
_cell.length_b                     46.270 
_cell.length_b_esd                 ? 
_cell.length_c                     47.440 
_cell.length_c_esd                 ? 
_cell.volume                       ? 
_cell.volume_esd                   ? 
_cell.Z_PDB                        2 
_cell.reciprocal_angle_alpha       ? 
_cell.reciprocal_angle_beta        ? 
_cell.reciprocal_angle_gamma       ? 
_cell.reciprocal_angle_alpha_esd   ? 
_cell.reciprocal_angle_beta_esd    ? 
_cell.reciprocal_angle_gamma_esd   ? 
_cell.reciprocal_length_a          ? 
_cell.reciprocal_length_b          ? 
_cell.reciprocal_length_c          ? 
_cell.reciprocal_length_a_esd      ? 
_cell.reciprocal_length_b_esd      ? 
_cell.reciprocal_length_c_esd      ? 
_cell.pdbx_unique_axis             ? 
# 
_symmetry.entry_id                         5D0C 
_symmetry.cell_setting                     ? 
_symmetry.Int_Tables_number                4 
_symmetry.space_group_name_Hall            ? 
_symmetry.space_group_name_H-M             'P 1 21 1' 
_symmetry.pdbx_full_space_group_name_H-M   ? 
# 
loop_
_entity.id 
_entity.type 
_entity.src_method 
_entity.pdbx_description 
_entity.formula_weight 
_entity.pdbx_number_of_molecules 
_entity.pdbx_ec 
_entity.pdbx_mutation 
_entity.pdbx_fragment 
_entity.details 
1 polymer     man 'Bromodomain-containing protein 4'                                                          16767.326 1   ? ? 
'N-TERMINAL BROMODOMAIN, UNP RESIDUES 44-168' ? 
2 non-polymer syn 'NITRATE ION'                                                                               62.005    3   ? ? ? 
? 
3 non-polymer syn 1,2-ETHANEDIOL                                                                              62.068    2   ? ? ? 
? 
4 non-polymer syn 'N-[(1-acetylpiperidin-4-yl)methyl]-1-ethyl-2-oxo-1,2-dihydrobenzo[cd]indole-6-sulfonamide' 415.506   1   ? ? ? 
? 
5 non-polymer syn GLYCEROL                                                                                    92.094    1   ? ? ? 
? 
6 water       nat water                                                                                       18.015    115 ? ? ? 
? 
# 
_entity_name_com.entity_id   1 
_entity_name_com.name        'Protein HUNK1' 
# 
_entity_poly.entity_id                      1 
_entity_poly.type                           'polypeptide(L)' 
_entity_poly.nstd_linkage                   no 
_entity_poly.nstd_monomer                   no 
_entity_poly.pdbx_seq_one_letter_code       
;MKKGHHHHHHLVPRGSNPPPPETSNPNKPKRQTNQLQYLLRVVLKTLWKHQFAWPFQQPVDAVKLNLPDYYKIIKTPMDM
GTIKKRLENNYYWNAQECIQDFNTMFTNCYIYNKPGDDIVLMAEALEKLFLQKINELPTEE
;
_entity_poly.pdbx_seq_one_letter_code_can   
;MKKGHHHHHHLVPRGSNPPPPETSNPNKPKRQTNQLQYLLRVVLKTLWKHQFAWPFQQPVDAVKLNLPDYYKIIKTPMDM
GTIKKRLENNYYWNAQECIQDFNTMFTNCYIYNKPGDDIVLMAEALEKLFLQKINELPTEE
;
_entity_poly.pdbx_strand_id                 A 
_entity_poly.pdbx_target_identifier         ? 
# 
loop_
_entity_poly_seq.entity_id 
_entity_poly_seq.num 
_entity_poly_seq.mon_id 
_entity_poly_seq.hetero 
1 1   MET n 
1 2   LYS n 
1 3   LYS n 
1 4   GLY n 
1 5   HIS n 
1 6   HIS n 
1 7   HIS n 
1 8   HIS n 
1 9   HIS n 
1 10  HIS n 
1 11  LEU n 
1 12  VAL n 
1 13  PRO n 
1 14  ARG n 
1 15  GLY n 
1 16  SER n 
1 17  ASN n 
1 18  PRO n 
1 19  PRO n 
1 20  PRO n 
1 21  PRO n 
1 22  GLU n 
1 23  THR n 
1 24  SER n 
1 25  ASN n 
1 26  PRO n 
1 27  ASN n 
1 28  LYS n 
1 29  PRO n 
1 30  LYS n 
1 31  ARG n 
1 32  GLN n 
1 33  THR n 
1 34  ASN n 
1 35  GLN n 
1 36  LEU n 
1 37  GLN n 
1 38  TYR n 
1 39  LEU n 
1 40  LEU n 
1 41  ARG n 
1 42  VAL n 
1 43  VAL n 
1 44  LEU n 
1 45  LYS n 
1 46  THR n 
1 47  LEU n 
1 48  TRP n 
1 49  LYS n 
1 50  HIS n 
1 51  GLN n 
1 52  PHE n 
1 53  ALA n 
1 54  TRP n 
1 55  PRO n 
1 56  PHE n 
1 57  GLN n 
1 58  GLN n 
1 59  PRO n 
1 60  VAL n 
1 61  ASP n 
1 62  ALA n 
1 63  VAL n 
1 64  LYS n 
1 65  LEU n 
1 66  ASN n 
1 67  LEU n 
1 68  PRO n 
1 69  ASP n 
1 70  TYR n 
1 71  TYR n 
1 72  LYS n 
1 73  ILE n 
1 74  ILE n 
1 75  LYS n 
1 76  THR n 
1 77  PRO n 
1 78  MET n 
1 79  ASP n 
1 80  MET n 
1 81  GLY n 
1 82  THR n 
1 83  ILE n 
1 84  LYS n 
1 85  LYS n 
1 86  ARG n 
1 87  LEU n 
1 88  GLU n 
1 89  ASN n 
1 90  ASN n 
1 91  TYR n 
1 92  TYR n 
1 93  TRP n 
1 94  ASN n 
1 95  ALA n 
1 96  GLN n 
1 97  GLU n 
1 98  CYS n 
1 99  ILE n 
1 100 GLN n 
1 101 ASP n 
1 102 PHE n 
1 103 ASN n 
1 104 THR n 
1 105 MET n 
1 106 PHE n 
1 107 THR n 
1 108 ASN n 
1 109 CYS n 
1 110 TYR n 
1 111 ILE n 
1 112 TYR n 
1 113 ASN n 
1 114 LYS n 
1 115 PRO n 
1 116 GLY n 
1 117 ASP n 
1 118 ASP n 
1 119 ILE n 
1 120 VAL n 
1 121 LEU n 
1 122 MET n 
1 123 ALA n 
1 124 GLU n 
1 125 ALA n 
1 126 LEU n 
1 127 GLU n 
1 128 LYS n 
1 129 LEU n 
1 130 PHE n 
1 131 LEU n 
1 132 GLN n 
1 133 LYS n 
1 134 ILE n 
1 135 ASN n 
1 136 GLU n 
1 137 LEU n 
1 138 PRO n 
1 139 THR n 
1 140 GLU n 
1 141 GLU n 
# 
_entity_src_gen.entity_id                          1 
_entity_src_gen.pdbx_src_id                        1 
_entity_src_gen.pdbx_alt_source_flag               sample 
_entity_src_gen.pdbx_seq_type                      'Biological sequence' 
_entity_src_gen.pdbx_beg_seq_num                   1 
_entity_src_gen.pdbx_end_seq_num                   141 
_entity_src_gen.gene_src_common_name               Human 
_entity_src_gen.gene_src_genus                     ? 
_entity_src_gen.pdbx_gene_src_gene                 'BRD4, HUNK1' 
_entity_src_gen.gene_src_species                   ? 
_entity_src_gen.gene_src_strain                    ? 
_entity_src_gen.gene_src_tissue                    ? 
_entity_src_gen.gene_src_tissue_fraction           ? 
_entity_src_gen.gene_src_details                   ? 
_entity_src_gen.pdbx_gene_src_fragment             ? 
_entity_src_gen.pdbx_gene_src_scientific_name      'Homo sapiens' 
_entity_src_gen.pdbx_gene_src_ncbi_taxonomy_id     9606 
_entity_src_gen.pdbx_gene_src_variant              ? 
_entity_src_gen.pdbx_gene_src_cell_line            ? 
_entity_src_gen.pdbx_gene_src_atcc                 ? 
_entity_src_gen.pdbx_gene_src_organ                ? 
_entity_src_gen.pdbx_gene_src_organelle            ? 
_entity_src_gen.pdbx_gene_src_cell                 ? 
_entity_src_gen.pdbx_gene_src_cellular_location    ? 
_entity_src_gen.host_org_common_name               ? 
_entity_src_gen.pdbx_host_org_scientific_name      'Escherichia coli' 
_entity_src_gen.pdbx_host_org_ncbi_taxonomy_id     469008 
_entity_src_gen.host_org_genus                     ? 
_entity_src_gen.pdbx_host_org_gene                 ? 
_entity_src_gen.pdbx_host_org_organ                ? 
_entity_src_gen.host_org_species                   ? 
_entity_src_gen.pdbx_host_org_tissue               ? 
_entity_src_gen.pdbx_host_org_tissue_fraction      ? 
_entity_src_gen.pdbx_host_org_strain               'BL21(DE3)' 
_entity_src_gen.pdbx_host_org_variant              ? 
_entity_src_gen.pdbx_host_org_cell_line            ? 
_entity_src_gen.pdbx_host_org_atcc                 ? 
_entity_src_gen.pdbx_host_org_culture_collection   ? 
_entity_src_gen.pdbx_host_org_cell                 ? 
_entity_src_gen.pdbx_host_org_organelle            ? 
_entity_src_gen.pdbx_host_org_cellular_location    ? 
_entity_src_gen.pdbx_host_org_vector_type          plasmid 
_entity_src_gen.pdbx_host_org_vector               ? 
_entity_src_gen.host_org_details                   ? 
_entity_src_gen.expression_system_id               ? 
_entity_src_gen.plasmid_name                       pET24a 
_entity_src_gen.plasmid_details                    ? 
_entity_src_gen.pdbx_description                   ? 
# 
_struct_ref.id                         1 
_struct_ref.db_name                    UNP 
_struct_ref.db_code                    BRD4_HUMAN 
_struct_ref.pdbx_db_accession          O60885 
_struct_ref.pdbx_db_isoform            ? 
_struct_ref.entity_id                  1 
_struct_ref.pdbx_seq_one_letter_code   
;NPPPPETSNPNKPKRQTNQLQYLLRVVLKTLWKHQFAWPFQQPVDAVKLNLPDYYKIIKTPMDMGTIKKRLENNYYWNAQ
ECIQDFNTMFTNCYIYNKPGDDIVLMAEALEKLFLQKINELPTEE
;
_struct_ref.pdbx_align_begin           44 
# 
_struct_ref_seq.align_id                      1 
_struct_ref_seq.ref_id                        1 
_struct_ref_seq.pdbx_PDB_id_code              5D0C 
_struct_ref_seq.pdbx_strand_id                A 
_struct_ref_seq.seq_align_beg                 17 
_struct_ref_seq.pdbx_seq_align_beg_ins_code   ? 
_struct_ref_seq.seq_align_end                 141 
_struct_ref_seq.pdbx_seq_align_end_ins_code   ? 
_struct_ref_seq.pdbx_db_accession             O60885 
_struct_ref_seq.db_align_beg                  44 
_struct_ref_seq.pdbx_db_align_beg_ins_code    ? 
_struct_ref_seq.db_align_end                  168 
_struct_ref_seq.pdbx_db_align_end_ins_code    ? 
_struct_ref_seq.pdbx_auth_seq_align_beg       44 
_struct_ref_seq.pdbx_auth_seq_align_end       168 
# 
loop_
_struct_ref_seq_dif.align_id 
_struct_ref_seq_dif.pdbx_pdb_id_code 
_struct_ref_seq_dif.mon_id 
_struct_ref_seq_dif.pdbx_pdb_strand_id 
_struct_ref_seq_dif.seq_num 
_struct_ref_seq_dif.pdbx_pdb_ins_code 
_struct_ref_seq_dif.pdbx_seq_db_name 
_struct_ref_seq_dif.pdbx_seq_db_accession_code 
_struct_ref_seq_dif.db_mon_id 
_struct_ref_seq_dif.pdbx_seq_db_seq_num 
_struct_ref_seq_dif.details 
_struct_ref_seq_dif.pdbx_auth_seq_num 
_struct_ref_seq_dif.pdbx_ordinal 
1 5D0C MET A 1  ? UNP O60885 ? ? 'initiating methionine' 28 1  
1 5D0C LYS A 2  ? UNP O60885 ? ? 'expression tag'        29 2  
1 5D0C LYS A 3  ? UNP O60885 ? ? 'expression tag'        30 3  
1 5D0C GLY A 4  ? UNP O60885 ? ? 'expression tag'        31 4  
1 5D0C HIS A 5  ? UNP O60885 ? ? 'expression tag'        32 5  
1 5D0C HIS A 6  ? UNP O60885 ? ? 'expression tag'        33 6  
1 5D0C HIS A 7  ? UNP O60885 ? ? 'expression tag'        34 7  
1 5D0C HIS A 8  ? UNP O60885 ? ? 'expression tag'        35 8  
1 5D0C HIS A 9  ? UNP O60885 ? ? 'expression tag'        36 9  
1 5D0C HIS A 10 ? UNP O60885 ? ? 'expression tag'        37 10 
1 5D0C LEU A 11 ? UNP O60885 ? ? 'expression tag'        38 11 
1 5D0C VAL A 12 ? UNP O60885 ? ? 'expression tag'        39 12 
1 5D0C PRO A 13 ? UNP O60885 ? ? 'expression tag'        40 13 
1 5D0C ARG A 14 ? UNP O60885 ? ? 'expression tag'        41 14 
1 5D0C GLY A 15 ? UNP O60885 ? ? 'expression tag'        42 15 
1 5D0C SER A 16 ? UNP O60885 ? ? 'expression tag'        43 16 
# 
loop_
_chem_comp.id 
_chem_comp.type 
_chem_comp.mon_nstd_flag 
_chem_comp.name 
_chem_comp.pdbx_synonyms 
_chem_comp.formula 
_chem_comp.formula_weight 
ALA 'L-peptide linking' y ALANINE                                                                                     ? 
'C3 H7 N O2'      89.093  
ARG 'L-peptide linking' y ARGININE                                                                                    ? 
'C6 H15 N4 O2 1'  175.209 
ASN 'L-peptide linking' y ASPARAGINE                                                                                  ? 
'C4 H8 N2 O3'     132.118 
ASP 'L-peptide linking' y 'ASPARTIC ACID'                                                                             ? 
'C4 H7 N O4'      133.103 
CYS 'L-peptide linking' y CYSTEINE                                                                                    ? 
'C3 H7 N O2 S'    121.158 
E0B non-polymer         . 'N-[(1-acetylpiperidin-4-yl)methyl]-1-ethyl-2-oxo-1,2-dihydrobenzo[cd]indole-6-sulfonamide' ? 
'C21 H25 N3 O4 S' 415.506 
EDO non-polymer         . 1,2-ETHANEDIOL                                                                              
'ETHYLENE GLYCOL'               'C2 H6 O2'        62.068  
GLN 'L-peptide linking' y GLUTAMINE                                                                                   ? 
'C5 H10 N2 O3'    146.144 
GLU 'L-peptide linking' y 'GLUTAMIC ACID'                                                                             ? 
'C5 H9 N O4'      147.129 
GLY 'peptide linking'   y GLYCINE                                                                                     ? 
'C2 H5 N O2'      75.067  
GOL non-polymer         . GLYCEROL                                                                                    
'GLYCERIN; PROPANE-1,2,3-TRIOL' 'C3 H8 O3'        92.094  
HIS 'L-peptide linking' y HISTIDINE                                                                                   ? 
'C6 H10 N3 O2 1'  156.162 
HOH non-polymer         . WATER                                                                                       ? 'H2 O' 
18.015  
ILE 'L-peptide linking' y ISOLEUCINE                                                                                  ? 
'C6 H13 N O2'     131.173 
LEU 'L-peptide linking' y LEUCINE                                                                                     ? 
'C6 H13 N O2'     131.173 
LYS 'L-peptide linking' y LYSINE                                                                                      ? 
'C6 H15 N2 O2 1'  147.195 
MET 'L-peptide linking' y METHIONINE                                                                                  ? 
'C5 H11 N O2 S'   149.211 
NO3 non-polymer         . 'NITRATE ION'                                                                               ? 'N O3 -1' 
62.005  
PHE 'L-peptide linking' y PHENYLALANINE                                                                               ? 
'C9 H11 N O2'     165.189 
PRO 'L-peptide linking' y PROLINE                                                                                     ? 
'C5 H9 N O2'      115.130 
SER 'L-peptide linking' y SERINE                                                                                      ? 
'C3 H7 N O3'      105.093 
THR 'L-peptide linking' y THREONINE                                                                                   ? 
'C4 H9 N O3'      119.119 
TRP 'L-peptide linking' y TRYPTOPHAN                                                                                  ? 
'C11 H12 N2 O2'   204.225 
TYR 'L-peptide linking' y TYROSINE                                                                                    ? 
'C9 H11 N O3'     181.189 
VAL 'L-peptide linking' y VALINE                                                                                      ? 
'C5 H11 N O2'     117.146 
# 
_exptl.absorpt_coefficient_mu     ? 
_exptl.absorpt_correction_T_max   ? 
_exptl.absorpt_correction_T_min   ? 
_exptl.absorpt_correction_type    ? 
_exptl.absorpt_process_details    ? 
_exptl.entry_id                   5D0C 
_exptl.crystals_number            1 
_exptl.details                    ? 
_exptl.method                     'X-RAY DIFFRACTION' 
_exptl.method_details             ? 
# 
_exptl_crystal.colour                      ? 
_exptl_crystal.density_diffrn              ? 
_exptl_crystal.density_Matthews            1.95 
_exptl_crystal.density_method              ? 
_exptl_crystal.density_percent_sol         36.99 
_exptl_crystal.description                 'THE ENTRY CONTAINS FRIEDEL PAIRS IN F_PLUS/MINUS COLUMNS.' 
_exptl_crystal.F_000                       ? 
_exptl_crystal.id                          1 
_exptl_crystal.preparation                 ? 
_exptl_crystal.size_max                    ? 
_exptl_crystal.size_mid                    ? 
_exptl_crystal.size_min                    ? 
_exptl_crystal.size_rad                    ? 
_exptl_crystal.colour_lustre               ? 
_exptl_crystal.colour_modifier             ? 
_exptl_crystal.colour_primary              ? 
_exptl_crystal.density_meas                ? 
_exptl_crystal.density_meas_esd            ? 
_exptl_crystal.density_meas_gt             ? 
_exptl_crystal.density_meas_lt             ? 
_exptl_crystal.density_meas_temp           ? 
_exptl_crystal.density_meas_temp_esd       ? 
_exptl_crystal.density_meas_temp_gt        ? 
_exptl_crystal.density_meas_temp_lt        ? 
_exptl_crystal.pdbx_crystal_image_url      ? 
_exptl_crystal.pdbx_crystal_image_format   ? 
_exptl_crystal.pdbx_mosaicity              ? 
_exptl_crystal.pdbx_mosaicity_esd          ? 
# 
_exptl_crystal_grow.apparatus       ? 
_exptl_crystal_grow.atmosphere      ? 
_exptl_crystal_grow.crystal_id      1 
_exptl_crystal_grow.details         ? 
_exptl_crystal_grow.method          'VAPOR DIFFUSION, SITTING DROP' 
_exptl_crystal_grow.method_ref      ? 
_exptl_crystal_grow.pH              7.5 
_exptl_crystal_grow.pressure        ? 
_exptl_crystal_grow.pressure_esd    ? 
_exptl_crystal_grow.seeding         ? 
_exptl_crystal_grow.seeding_ref     ? 
_exptl_crystal_grow.temp            277 
_exptl_crystal_grow.temp_details    ? 
_exptl_crystal_grow.temp_esd        ? 
_exptl_crystal_grow.time            ? 
_exptl_crystal_grow.pdbx_details    '20% PEG3350, 0.2M NaNO3, 0.1M HEPES, 10% EtGhly,pH 7.5' 
_exptl_crystal_grow.pdbx_pH_range   ? 
# 
_diffrn.ambient_environment    ? 
_diffrn.ambient_temp           100 
_diffrn.ambient_temp_details   ? 
_diffrn.ambient_temp_esd       ? 
_diffrn.crystal_id             1 
_diffrn.crystal_support        ? 
_diffrn.crystal_treatment      ? 
_diffrn.details                ? 
_diffrn.id                     1 
_diffrn.ambient_pressure       ? 
_diffrn.ambient_pressure_esd   ? 
_diffrn.ambient_pressure_gt    ? 
_diffrn.ambient_pressure_lt    ? 
_diffrn.ambient_temp_gt        ? 
_diffrn.ambient_temp_lt        ? 
# 
_diffrn_detector.details                      ? 
_diffrn_detector.detector                     CCD 
_diffrn_detector.diffrn_id                    1 
_diffrn_detector.type                         'ADSC QUANTUM 315' 
_diffrn_detector.area_resol_mean              ? 
_diffrn_detector.dtime                        ? 
_diffrn_detector.pdbx_frames_total            ? 
_diffrn_detector.pdbx_collection_time_total   ? 
_diffrn_detector.pdbx_collection_date         2014-09-08 
# 
_diffrn_radiation.collimation                      ? 
_diffrn_radiation.diffrn_id                        1 
_diffrn_radiation.filter_edge                      ? 
_diffrn_radiation.inhomogeneity                    ? 
_diffrn_radiation.monochromator                    ? 
_diffrn_radiation.polarisn_norm                    ? 
_diffrn_radiation.polarisn_ratio                   ? 
_diffrn_radiation.probe                            ? 
_diffrn_radiation.type                             ? 
_diffrn_radiation.xray_symbol                      ? 
_diffrn_radiation.wavelength_id                    1 
_diffrn_radiation.pdbx_monochromatic_or_laue_m_l   M 
_diffrn_radiation.pdbx_wavelength_list             ? 
_diffrn_radiation.pdbx_wavelength                  ? 
_diffrn_radiation.pdbx_diffrn_protocol             'SINGLE WAVELENGTH' 
_diffrn_radiation.pdbx_analyzer                    ? 
_diffrn_radiation.pdbx_scattering_type             x-ray 
# 
_diffrn_radiation_wavelength.id           1 
_diffrn_radiation_wavelength.wavelength   0.97915 
_diffrn_radiation_wavelength.wt           1.0 
# 
_diffrn_source.current                     ? 
_diffrn_source.details                     ? 
_diffrn_source.diffrn_id                   1 
_diffrn_source.power                       ? 
_diffrn_source.size                        ? 
_diffrn_source.source                      SYNCHROTRON 
_diffrn_source.target                      ? 
_diffrn_source.type                        'SSRF BEAMLINE BL17U' 
_diffrn_source.voltage                     ? 
_diffrn_source.take-off_angle              ? 
_diffrn_source.pdbx_wavelength_list        0.97915 
_diffrn_source.pdbx_wavelength             ? 
_diffrn_source.pdbx_synchrotron_beamline   BL17U 
_diffrn_source.pdbx_synchrotron_site       SSRF 
# 
_reflns.B_iso_Wilson_estimate            ? 
_reflns.entry_id                         5D0C 
_reflns.data_reduction_details           ? 
_reflns.data_reduction_method            ? 
_reflns.d_resolution_high                1.490 
_reflns.d_resolution_low                 47.110 
_reflns.details                          ? 
_reflns.limit_h_max                      ? 
_reflns.limit_h_min                      ? 
_reflns.limit_k_max                      ? 
_reflns.limit_k_min                      ? 
_reflns.limit_l_max                      ? 
_reflns.limit_l_min                      ? 
_reflns.number_all                       ? 
_reflns.number_obs                       19102 
_reflns.observed_criterion               ? 
_reflns.observed_criterion_F_max         ? 
_reflns.observed_criterion_F_min         ? 
_reflns.observed_criterion_I_max         ? 
_reflns.observed_criterion_I_min         ? 
_reflns.observed_criterion_sigma_F       ? 
_reflns.observed_criterion_sigma_I       ? 
_reflns.percent_possible_obs             90.800 
_reflns.R_free_details                   ? 
_reflns.Rmerge_F_all                     ? 
_reflns.Rmerge_F_obs                     ? 
_reflns.Friedel_coverage                 ? 
_reflns.number_gt                        ? 
_reflns.threshold_expression             ? 
_reflns.pdbx_redundancy                  7.000 
_reflns.pdbx_Rmerge_I_obs                0.060 
_reflns.pdbx_Rmerge_I_all                ? 
_reflns.pdbx_Rsym_value                  ? 
_reflns.pdbx_netI_over_av_sigmaI         ? 
_reflns.pdbx_netI_over_sigmaI            23.900 
_reflns.pdbx_res_netI_over_av_sigmaI_2   ? 
_reflns.pdbx_res_netI_over_sigmaI_2      ? 
_reflns.pdbx_chi_squared                 ? 
_reflns.pdbx_scaling_rejects             103 
_reflns.pdbx_d_res_high_opt              ? 
_reflns.pdbx_d_res_low_opt               ? 
_reflns.pdbx_d_res_opt_method            ? 
_reflns.phase_calculation_details        ? 
_reflns.pdbx_Rrim_I_all                  ? 
_reflns.pdbx_Rpim_I_all                  0.026 
_reflns.pdbx_d_opt                       ? 
_reflns.pdbx_number_measured_all         134610 
_reflns.pdbx_diffrn_id                   1 
_reflns.pdbx_ordinal                     1 
_reflns.pdbx_CC_half                     0.996 
_reflns.pdbx_R_split                     ? 
# 
loop_
_reflns_shell.d_res_high 
_reflns_shell.d_res_low 
_reflns_shell.meanI_over_sigI_all 
_reflns_shell.meanI_over_sigI_obs 
_reflns_shell.number_measured_all 
_reflns_shell.number_measured_obs 
_reflns_shell.number_possible 
_reflns_shell.number_unique_all 
_reflns_shell.number_unique_obs 
_reflns_shell.percent_possible_all 
_reflns_shell.percent_possible_obs 
_reflns_shell.Rmerge_F_all 
_reflns_shell.Rmerge_F_obs 
_reflns_shell.Rmerge_I_all 
_reflns_shell.Rmerge_I_obs 
_reflns_shell.meanI_over_sigI_gt 
_reflns_shell.meanI_over_uI_all 
_reflns_shell.meanI_over_uI_gt 
_reflns_shell.number_measured_gt 
_reflns_shell.number_unique_gt 
_reflns_shell.percent_possible_gt 
_reflns_shell.Rmerge_F_gt 
_reflns_shell.Rmerge_I_gt 
_reflns_shell.pdbx_redundancy 
_reflns_shell.pdbx_Rsym_value 
_reflns_shell.pdbx_chi_squared 
_reflns_shell.pdbx_netI_over_sigmaI_all 
_reflns_shell.pdbx_netI_over_sigmaI_obs 
_reflns_shell.pdbx_Rrim_I_all 
_reflns_shell.pdbx_Rpim_I_all 
_reflns_shell.pdbx_rejects 
_reflns_shell.pdbx_ordinal 
_reflns_shell.pdbx_diffrn_id 
_reflns_shell.pdbx_CC_half 
_reflns_shell.pdbx_R_split 
1.490 1.520  ? 15.200 6788 ? ? 986 ? 96.500 ? ? ? ? 0.100 ? ? ? ? ? ? ? ? 6.900 ? ? ? ? ? 0.041 0 1 1 0.993 ? 
8.180 47.110 ? 21.300 385  ? ? 90  ? 61.000 ? ? ? ? 0.059 ? ? ? ? ? ? ? ? 4.300 ? ? ? ? ? 0.035 0 2 1 0.984 ? 
# 
_refine.aniso_B[1][1]                            -0.3200 
_refine.aniso_B[1][2]                            0.0000 
_refine.aniso_B[1][3]                            -0.2600 
_refine.aniso_B[2][2]                            0.4700 
_refine.aniso_B[2][3]                            0.0000 
_refine.aniso_B[3][3]                            -0.0900 
_refine.B_iso_max                                53.910 
_refine.B_iso_mean                               15.2640 
_refine.B_iso_min                                5.660 
_refine.correlation_coeff_Fo_to_Fc               0.9580 
_refine.correlation_coeff_Fo_to_Fc_free          0.9560 
_refine.details                                  
;HYDROGENS HAVE BEEN ADDED IN THE RIDING POSITIONS U VALUES      : REFINED INDIVIDUALLY.
SF FILE CONTAINS FRIEDEL PAIRS UNDER I/F_MINUS AND I/F_PLUS COLUMNS.
;
_refine.diff_density_max                         ? 
_refine.diff_density_max_esd                     ? 
_refine.diff_density_min                         ? 
_refine.diff_density_min_esd                     ? 
_refine.diff_density_rms                         ? 
_refine.diff_density_rms_esd                     ? 
_refine.entry_id                                 5D0C 
_refine.pdbx_refine_id                           'X-RAY DIFFRACTION' 
_refine.ls_abs_structure_details                 ? 
_refine.ls_abs_structure_Flack                   ? 
_refine.ls_abs_structure_Flack_esd               ? 
_refine.ls_abs_structure_Rogers                  ? 
_refine.ls_abs_structure_Rogers_esd              ? 
_refine.ls_d_res_high                            1.4900 
_refine.ls_d_res_low                             47.1100 
_refine.ls_extinction_coef                       ? 
_refine.ls_extinction_coef_esd                   ? 
_refine.ls_extinction_expression                 ? 
_refine.ls_extinction_method                     ? 
_refine.ls_goodness_of_fit_all                   ? 
_refine.ls_goodness_of_fit_all_esd               ? 
_refine.ls_goodness_of_fit_obs                   ? 
_refine.ls_goodness_of_fit_obs_esd               ? 
_refine.ls_hydrogen_treatment                    ? 
_refine.ls_matrix_type                           ? 
_refine.ls_number_constraints                    ? 
_refine.ls_number_parameters                     ? 
_refine.ls_number_reflns_all                     ? 
_refine.ls_number_reflns_obs                     18213 
_refine.ls_number_reflns_R_free                  874 
_refine.ls_number_reflns_R_work                  ? 
_refine.ls_number_restraints                     ? 
_refine.ls_percent_reflns_obs                    90.6900 
_refine.ls_percent_reflns_R_free                 4.6000 
_refine.ls_R_factor_all                          ? 
_refine.ls_R_factor_obs                          0.1654 
_refine.ls_R_factor_R_free                       0.1833 
_refine.ls_R_factor_R_free_error                 ? 
_refine.ls_R_factor_R_free_error_details         ? 
_refine.ls_R_factor_R_work                       0.1645 
_refine.ls_R_Fsqd_factor_obs                     ? 
_refine.ls_R_I_factor_obs                        ? 
_refine.ls_redundancy_reflns_all                 ? 
_refine.ls_redundancy_reflns_obs                 ? 
_refine.ls_restrained_S_all                      ? 
_refine.ls_restrained_S_obs                      ? 
_refine.ls_shift_over_esd_max                    ? 
_refine.ls_shift_over_esd_mean                   ? 
_refine.ls_structure_factor_coef                 ? 
_refine.ls_weighting_details                     ? 
_refine.ls_weighting_scheme                      ? 
_refine.ls_wR_factor_all                         ? 
_refine.ls_wR_factor_obs                         ? 
_refine.ls_wR_factor_R_free                      ? 
_refine.ls_wR_factor_R_work                      ? 
_refine.occupancy_max                            ? 
_refine.occupancy_min                            ? 
_refine.solvent_model_details                    MASK 
_refine.solvent_model_param_bsol                 ? 
_refine.solvent_model_param_ksol                 ? 
_refine.ls_R_factor_gt                           ? 
_refine.ls_goodness_of_fit_gt                    ? 
_refine.ls_goodness_of_fit_ref                   ? 
_refine.ls_shift_over_su_max                     ? 
_refine.ls_shift_over_su_max_lt                  ? 
_refine.ls_shift_over_su_mean                    ? 
_refine.ls_shift_over_su_mean_lt                 ? 
_refine.pdbx_ls_sigma_I                          ? 
_refine.pdbx_ls_sigma_F                          0.000 
_refine.pdbx_ls_sigma_Fsqd                       ? 
_refine.pdbx_data_cutoff_high_absF               ? 
_refine.pdbx_data_cutoff_high_rms_absF           ? 
_refine.pdbx_data_cutoff_low_absF                ? 
_refine.pdbx_isotropic_thermal_model             ? 
_refine.pdbx_ls_cross_valid_method               THROUGHOUT 
_refine.pdbx_method_to_determine_struct          'MOLECULAR REPLACEMENT' 
_refine.pdbx_starting_model                      3MXF 
_refine.pdbx_stereochemistry_target_values       'MAXIMUM LIKELIHOOD' 
_refine.pdbx_R_Free_selection_details            RANDOM 
_refine.pdbx_stereochem_target_val_spec_case     ? 
_refine.pdbx_overall_ESU_R                       0.0790 
_refine.pdbx_overall_ESU_R_Free                  0.0750 
_refine.pdbx_solvent_vdw_probe_radii             1.2000 
_refine.pdbx_solvent_ion_probe_radii             0.8000 
_refine.pdbx_solvent_shrinkage_radii             0.8000 
_refine.pdbx_real_space_R                        ? 
_refine.pdbx_density_correlation                 ? 
_refine.pdbx_pd_number_of_powder_patterns        ? 
_refine.pdbx_pd_number_of_points                 ? 
_refine.pdbx_pd_meas_number_of_points            ? 
_refine.pdbx_pd_proc_ls_prof_R_factor            ? 
_refine.pdbx_pd_proc_ls_prof_wR_factor           ? 
_refine.pdbx_pd_Marquardt_correlation_coeff      ? 
_refine.pdbx_pd_Fsqrd_R_factor                   ? 
_refine.pdbx_pd_ls_matrix_band_width             ? 
_refine.pdbx_overall_phase_error                 ? 
_refine.pdbx_overall_SU_R_free_Cruickshank_DPI   ? 
_refine.pdbx_overall_SU_R_free_Blow_DPI          ? 
_refine.pdbx_overall_SU_R_Blow_DPI               ? 
_refine.pdbx_TLS_residual_ADP_flag               ? 
_refine.pdbx_diffrn_id                           1 
_refine.overall_SU_B                             1.0410 
_refine.overall_SU_ML                            0.0410 
_refine.overall_SU_R_Cruickshank_DPI             ? 
_refine.overall_SU_R_free                        ? 
_refine.overall_FOM_free_R_set                   ? 
_refine.overall_FOM_work_R_set                   ? 
_refine.pdbx_average_fsc_overall                 ? 
_refine.pdbx_average_fsc_work                    ? 
_refine.pdbx_average_fsc_free                    ? 
# 
_refine_hist.cycle_id                         final 
_refine_hist.pdbx_refine_id                   'X-RAY DIFFRACTION' 
_refine_hist.d_res_high                       1.4900 
_refine_hist.d_res_low                        47.1100 
_refine_hist.pdbx_number_atoms_ligand         55 
_refine_hist.number_atoms_solvent             115 
_refine_hist.number_atoms_total               1242 
_refine_hist.pdbx_number_residues_total       129 
_refine_hist.pdbx_B_iso_mean_ligand           20.84 
_refine_hist.pdbx_B_iso_mean_solvent          24.82 
_refine_hist.pdbx_number_atoms_protein        1072 
_refine_hist.pdbx_number_atoms_nucleic_acid   0 
# 
loop_
_refine_ls_restr.pdbx_refine_id 
_refine_ls_restr.criterion 
_refine_ls_restr.dev_ideal 
_refine_ls_restr.dev_ideal_target 
_refine_ls_restr.number 
_refine_ls_restr.rejects 
_refine_ls_restr.type 
_refine_ls_restr.weight 
_refine_ls_restr.pdbx_restraint_function 
'X-RAY DIFFRACTION' ? 0.011  0.020  1155 ? r_bond_refined_d       ? ? 
'X-RAY DIFFRACTION' ? 0.005  0.020  1104 ? r_bond_other_d         ? ? 
'X-RAY DIFFRACTION' ? 1.583  2.016  1568 ? r_angle_refined_deg    ? ? 
'X-RAY DIFFRACTION' ? 1.054  3.007  2550 ? r_angle_other_deg      ? ? 
'X-RAY DIFFRACTION' ? 5.043  5.000  128  ? r_dihedral_angle_1_deg ? ? 
'X-RAY DIFFRACTION' ? 36.395 25.472 53   ? r_dihedral_angle_2_deg ? ? 
'X-RAY DIFFRACTION' ? 12.899 15.000 196  ? r_dihedral_angle_3_deg ? ? 
'X-RAY DIFFRACTION' ? 9.624  15.000 4    ? r_dihedral_angle_4_deg ? ? 
'X-RAY DIFFRACTION' ? 0.085  0.200  164  ? r_chiral_restr         ? ? 
'X-RAY DIFFRACTION' ? 0.008  0.021  1267 ? r_gen_planes_refined   ? ? 
'X-RAY DIFFRACTION' ? 0.002  0.020  253  ? r_gen_planes_other     ? ? 
'X-RAY DIFFRACTION' ? 1.029  1.285  515  ? r_mcbond_it            ? ? 
'X-RAY DIFFRACTION' ? 1.028  1.279  514  ? r_mcbond_other         ? ? 
'X-RAY DIFFRACTION' ? 1.683  1.919  642  ? r_mcangle_it           ? ? 
# 
_refine_ls_shell.pdbx_refine_id                   'X-RAY DIFFRACTION' 
_refine_ls_shell.d_res_high                       1.4940 
_refine_ls_shell.d_res_low                        1.5330 
_refine_ls_shell.number_reflns_all                1205 
_refine_ls_shell.number_reflns_obs                ? 
_refine_ls_shell.number_reflns_R_free             53 
_refine_ls_shell.number_reflns_R_work             1152 
_refine_ls_shell.percent_reflns_obs               77.9900 
_refine_ls_shell.percent_reflns_R_free            ? 
_refine_ls_shell.R_factor_all                     ? 
_refine_ls_shell.R_factor_obs                     ? 
_refine_ls_shell.R_factor_R_free                  0.1930 
_refine_ls_shell.R_factor_R_free_error            ? 
_refine_ls_shell.R_factor_R_work                  0.1570 
_refine_ls_shell.redundancy_reflns_all            ? 
_refine_ls_shell.redundancy_reflns_obs            ? 
_refine_ls_shell.wR_factor_all                    ? 
_refine_ls_shell.wR_factor_obs                    ? 
_refine_ls_shell.wR_factor_R_free                 ? 
_refine_ls_shell.wR_factor_R_work                 ? 
_refine_ls_shell.pdbx_total_number_of_bins_used   20 
_refine_ls_shell.pdbx_phase_error                 ? 
_refine_ls_shell.pdbx_fsc_work                    ? 
_refine_ls_shell.pdbx_fsc_free                    ? 
# 
_struct.entry_id                     5D0C 
_struct.title                        
'Crystal Structure of the first bromodomain of human BRD4 in complex with benzo[cd]indol-2(1H)-one ligand' 
_struct.pdbx_model_details           ? 
_struct.pdbx_formula_weight          ? 
_struct.pdbx_formula_weight_method   ? 
_struct.pdbx_model_type_details      ? 
_struct.pdbx_CASP_flag               ? 
# 
_struct_keywords.entry_id        5D0C 
_struct_keywords.text            
'BRD4, Bromodomain, Four Alpha Helices, BROMODOMAIN BINDING INHIBITOR, SIGNALING PROTEIN-INHIBITOR complex' 
_struct_keywords.pdbx_keywords   'SIGNALING PROTEIN/INHIBITOR' 
# 
loop_
_struct_asym.id 
_struct_asym.pdbx_blank_PDB_chainid_flag 
_struct_asym.pdbx_modified 
_struct_asym.entity_id 
_struct_asym.details 
A N N 1 ? 
B N N 2 ? 
C N N 2 ? 
D N N 2 ? 
E N N 3 ? 
F N N 3 ? 
G N N 4 ? 
H N N 5 ? 
I N N 6 ? 
# 
loop_
_struct_conf.conf_type_id 
_struct_conf.id 
_struct_conf.pdbx_PDB_helix_id 
_struct_conf.beg_label_comp_id 
_struct_conf.beg_label_asym_id 
_struct_conf.beg_label_seq_id 
_struct_conf.pdbx_beg_PDB_ins_code 
_struct_conf.end_label_comp_id 
_struct_conf.end_label_asym_id 
_struct_conf.end_label_seq_id 
_struct_conf.pdbx_end_PDB_ins_code 
_struct_conf.beg_auth_comp_id 
_struct_conf.beg_auth_asym_id 
_struct_conf.beg_auth_seq_id 
_struct_conf.end_auth_comp_id 
_struct_conf.end_auth_asym_id 
_struct_conf.end_auth_seq_id 
_struct_conf.pdbx_PDB_helix_class 
_struct_conf.details 
_struct_conf.pdbx_PDB_helix_length 
HELX_P HELX_P1 AA1 THR A 33  ? VAL A 42  ? THR A 60  VAL A 69  1 ? 10 
HELX_P HELX_P2 AA2 VAL A 42  ? HIS A 50  ? VAL A 69  HIS A 77  1 ? 9  
HELX_P HELX_P3 AA3 ALA A 53  ? GLN A 57  ? ALA A 80  GLN A 84  5 ? 5  
HELX_P HELX_P4 AA4 ASP A 69  ? ILE A 74  ? ASP A 96  ILE A 101 1 ? 6  
HELX_P HELX_P5 AA5 ASP A 79  ? ASN A 89  ? ASP A 106 ASN A 116 1 ? 11 
HELX_P HELX_P6 AA6 ASN A 94  ? ASN A 113 ? ASN A 121 ASN A 140 1 ? 20 
HELX_P HELX_P7 AA7 ASP A 117 ? ASN A 135 ? ASP A 144 ASN A 162 1 ? 19 
# 
_struct_conf_type.id          HELX_P 
_struct_conf_type.criteria    ? 
_struct_conf_type.reference   ? 
# 
loop_
_struct_site.id 
_struct_site.pdbx_evidence_code 
_struct_site.pdbx_auth_asym_id 
_struct_site.pdbx_auth_comp_id 
_struct_site.pdbx_auth_seq_id 
_struct_site.pdbx_auth_ins_code 
_struct_site.pdbx_num_residues 
_struct_site.details 
AC1 Software A NO3 201 ? 6  'binding site for residue NO3 A 201' 
AC2 Software A NO3 202 ? 8  'binding site for residue NO3 A 202' 
AC3 Software A NO3 203 ? 5  'binding site for residue NO3 A 203' 
AC4 Software A EDO 204 ? 6  'binding site for residue EDO A 204' 
AC5 Software A EDO 205 ? 6  'binding site for residue EDO A 205' 
AC6 Software A E0B 206 ? 11 'binding site for residue E0B A 206' 
AC7 Software A GOL 207 ? 2  'binding site for residue GOL A 207' 
# 
loop_
_struct_site_gen.id 
_struct_site_gen.site_id 
_struct_site_gen.pdbx_num_res 
_struct_site_gen.label_comp_id 
_struct_site_gen.label_asym_id 
_struct_site_gen.label_seq_id 
_struct_site_gen.pdbx_auth_ins_code 
_struct_site_gen.auth_comp_id 
_struct_site_gen.auth_asym_id 
_struct_site_gen.auth_seq_id 
_struct_site_gen.label_atom_id 
_struct_site_gen.label_alt_id 
_struct_site_gen.symmetry 
_struct_site_gen.details 
1  AC1 6  ASP A 117 ? ASP A 144 . ? 1_555 ? 
2  AC1 6  ASP A 118 ? ASP A 145 . ? 1_555 ? 
3  AC1 6  ILE A 119 ? ILE A 146 . ? 1_555 ? 
4  AC1 6  E0B G .   ? E0B A 206 . ? 1_555 ? 
5  AC1 6  HOH I .   ? HOH A 353 . ? 1_555 ? 
6  AC1 6  HOH I .   ? HOH A 360 . ? 1_555 ? 
7  AC2 8  GLY A 15  ? GLY A 42  . ? 1_555 ? 
8  AC2 8  SER A 16  ? SER A 43  . ? 1_555 ? 
9  AC2 8  ALA A 62  ? ALA A 89  . ? 1_555 ? 
10 AC2 8  PRO A 68  ? PRO A 95  . ? 1_555 ? 
11 AC2 8  ASP A 69  ? ASP A 96  . ? 1_555 ? 
12 AC2 8  TYR A 70  ? TYR A 97  . ? 1_555 ? 
13 AC2 8  TYR A 71  ? TYR A 98  . ? 1_555 ? 
14 AC2 8  LYS A 72  ? LYS A 99  . ? 1_555 ? 
15 AC3 5  THR A 33  ? THR A 60  . ? 1_555 ? 
16 AC3 5  GLN A 35  ? GLN A 62  . ? 1_555 ? 
17 AC3 5  LEU A 36  ? LEU A 63  . ? 1_555 ? 
18 AC3 5  ASN A 94  ? ASN A 121 . ? 1_555 ? 
19 AC3 5  ALA A 95  ? ALA A 122 . ? 1_555 ? 
20 AC4 6  PRO A 59  ? PRO A 86  . ? 1_555 ? 
21 AC4 6  ASP A 79  ? ASP A 106 . ? 1_555 ? 
22 AC4 6  GLY A 81  ? GLY A 108 . ? 1_555 ? 
23 AC4 6  THR A 82  ? THR A 109 . ? 1_555 ? 
24 AC4 6  LYS A 85  ? LYS A 112 . ? 1_555 ? 
25 AC4 6  HOH I .   ? HOH A 313 . ? 1_555 ? 
26 AC5 6  TRP A 54  ? TRP A 81  . ? 1_555 ? 
27 AC5 6  PRO A 55  ? PRO A 82  . ? 1_555 ? 
28 AC5 6  GLN A 58  ? GLN A 85  . ? 1_555 ? 
29 AC5 6  LEU A 65  ? LEU A 92  . ? 1_555 ? 
30 AC5 6  HOH I .   ? HOH A 334 . ? 1_555 ? 
31 AC5 6  HOH I .   ? HOH A 357 . ? 1_555 ? 
32 AC6 11 TRP A 54  ? TRP A 81  . ? 1_555 ? 
33 AC6 11 PRO A 55  ? PRO A 82  . ? 1_555 ? 
34 AC6 11 PHE A 56  ? PHE A 83  . ? 1_555 ? 
35 AC6 11 VAL A 60  ? VAL A 87  . ? 1_555 ? 
36 AC6 11 LEU A 65  ? LEU A 92  . ? 1_555 ? 
37 AC6 11 ASN A 113 ? ASN A 140 . ? 1_555 ? 
38 AC6 11 MET A 122 ? MET A 149 . ? 1_555 ? 
39 AC6 11 NO3 B .   ? NO3 A 201 . ? 1_555 ? 
40 AC6 11 HOH I .   ? HOH A 303 . ? 1_555 ? 
41 AC6 11 HOH I .   ? HOH A 306 . ? 1_555 ? 
42 AC6 11 HOH I .   ? HOH A 353 . ? 1_555 ? 
43 AC7 2  PRO A 77  ? PRO A 104 . ? 1_555 ? 
44 AC7 2  HOH I .   ? HOH A 315 . ? 1_555 ? 
# 
_atom_sites.entry_id                    5D0C 
_atom_sites.fract_transf_matrix[1][1]   -0.02267091 
_atom_sites.fract_transf_matrix[1][2]   0.01749407 
_atom_sites.fract_transf_matrix[1][3]   -0.01744597 
_atom_sites.fract_transf_matrix[2][1]   0.00665571 
_atom_sites.fract_transf_matrix[2][2]   -0.00953945 
_atom_sites.fract_transf_matrix[2][3]   -0.01821480 
_atom_sites.fract_transf_matrix[3][1]   -0.01579376 
_atom_sites.fract_transf_matrix[3][2]   -0.01408953 
_atom_sites.fract_transf_matrix[3][3]   0.00160790 
_atom_sites.fract_transf_vector[1]      0.398409 
_atom_sites.fract_transf_vector[2]      0.022797 
_atom_sites.fract_transf_vector[3]      0.231091 
# 
loop_
_atom_type.symbol 
C 
N 
O 
S 
# 
loop_
_atom_site.group_PDB 
_atom_site.id 
_atom_site.type_symbol 
_atom_site.label_atom_id 
_atom_site.label_alt_id 
_atom_site.label_comp_id 
_atom_site.label_asym_id 
_atom_site.label_entity_id 
_atom_site.label_seq_id 
_atom_site.pdbx_PDB_ins_code 
_atom_site.Cartn_x 
_atom_site.Cartn_y 
_atom_site.Cartn_z 
_atom_site.occupancy 
_atom_site.B_iso_or_equiv 
_atom_site.pdbx_formal_charge 
_atom_site.auth_seq_id 
_atom_site.auth_comp_id 
_atom_site.auth_asym_id 
_atom_site.auth_atom_id 
_atom_site.pdbx_PDB_model_num 
ATOM   1    N N   . LEU A 1 11  ? 17.488  -20.591 -17.216 1.00 27.57 ? 38  LEU A N   1 
ATOM   2    C CA  . LEU A 1 11  ? 18.643  -20.955 -16.338 1.00 25.77 ? 38  LEU A CA  1 
ATOM   3    C C   . LEU A 1 11  ? 18.836  -20.006 -15.147 1.00 22.56 ? 38  LEU A C   1 
ATOM   4    O O   . LEU A 1 11  ? 19.442  -20.396 -14.171 1.00 23.20 ? 38  LEU A O   1 
ATOM   5    C CB  . LEU A 1 11  ? 19.949  -21.052 -17.144 1.00 25.92 ? 38  LEU A CB  1 
ATOM   6    C CG  . LEU A 1 11  ? 19.998  -22.154 -18.206 1.00 26.74 ? 38  LEU A CG  1 
ATOM   7    C CD1 . LEU A 1 11  ? 21.363  -22.169 -18.869 1.00 27.43 ? 38  LEU A CD1 1 
ATOM   8    C CD2 . LEU A 1 11  ? 19.681  -23.520 -17.607 1.00 27.10 ? 38  LEU A CD2 1 
ATOM   9    N N   . VAL A 1 12  ? 18.341  -18.774 -15.255 1.00 19.87 ? 39  VAL A N   1 
ATOM   10   C CA  . VAL A 1 12  ? 18.268  -17.831 -14.150 1.00 18.99 ? 39  VAL A CA  1 
ATOM   11   C C   . VAL A 1 12  ? 16.776  -17.536 -13.963 1.00 16.88 ? 39  VAL A C   1 
ATOM   12   O O   . VAL A 1 12  ? 16.150  -16.940 -14.852 1.00 17.04 ? 39  VAL A O   1 
ATOM   13   C CB  . VAL A 1 12  ? 19.013  -16.519 -14.485 1.00 18.96 ? 39  VAL A CB  1 
ATOM   14   C CG1 . VAL A 1 12  ? 18.961  -15.525 -13.328 1.00 19.77 ? 39  VAL A CG1 1 
ATOM   15   C CG2 . VAL A 1 12  ? 20.458  -16.819 -14.870 1.00 19.39 ? 39  VAL A CG2 1 
ATOM   16   N N   . PRO A 1 13  ? 16.213  -17.912 -12.796 1.00 16.95 ? 40  PRO A N   1 
ATOM   17   C CA  . PRO A 1 13  ? 14.774  -17.620 -12.633 1.00 16.11 ? 40  PRO A CA  1 
ATOM   18   C C   . PRO A 1 13  ? 14.495  -16.133 -12.660 1.00 14.02 ? 40  PRO A C   1 
ATOM   19   O O   . PRO A 1 13  ? 15.254  -15.379 -12.070 1.00 12.98 ? 40  PRO A O   1 
ATOM   20   C CB  . PRO A 1 13  ? 14.459  -18.181 -11.255 1.00 16.60 ? 40  PRO A CB  1 
ATOM   21   C CG  . PRO A 1 13  ? 15.514  -19.229 -11.027 1.00 17.74 ? 40  PRO A CG  1 
ATOM   22   C CD  . PRO A 1 13  ? 16.747  -18.639 -11.636 1.00 17.93 ? 40  PRO A CD  1 
ATOM   23   N N   . ARG A 1 14  ? 13.456  -15.713 -13.375 1.00 14.55 ? 41  ARG A N   1 
ATOM   24   C CA  . ARG A 1 14  ? 13.149  -14.270 -13.513 1.00 15.48 ? 41  ARG A CA  1 
ATOM   25   C C   . ARG A 1 14  ? 11.866  -13.840 -12.804 1.00 16.41 ? 41  ARG A C   1 
ATOM   26   O O   . ARG A 1 14  ? 11.638  -12.643 -12.606 1.00 17.87 ? 41  ARG A O   1 
ATOM   27   C CB  . ARG A 1 14  ? 13.078  -13.869 -14.998 1.00 15.19 ? 41  ARG A CB  1 
ATOM   28   C CG  . ARG A 1 14  ? 14.346  -14.108 -15.818 1.00 15.17 ? 41  ARG A CG  1 
ATOM   29   C CD  . ARG A 1 14  ? 15.613  -13.544 -15.176 1.00 15.14 ? 41  ARG A CD  1 
ATOM   30   N NE  . ARG A 1 14  ? 15.563  -12.085 -15.083 1.00 14.91 ? 41  ARG A NE  1 
ATOM   31   C CZ  . ARG A 1 14  ? 16.163  -11.212 -15.896 1.00 14.21 ? 41  ARG A CZ  1 
ATOM   32   N NH1 . ARG A 1 14  ? 16.011  -9.924  -15.686 1.00 12.86 ? 41  ARG A NH1 1 
ATOM   33   N NH2 . ARG A 1 14  ? 16.901  -11.600 -16.947 1.00 13.79 ? 41  ARG A NH2 1 
ATOM   34   N N   . GLY A 1 15  ? 11.061  -14.796 -12.354 1.00 15.94 ? 42  GLY A N   1 
ATOM   35   C CA  . GLY A 1 15  ? 9.833   -14.494 -11.620 1.00 15.57 ? 42  GLY A CA  1 
ATOM   36   C C   . GLY A 1 15  ? 8.667   -14.261 -12.538 1.00 14.81 ? 42  GLY A C   1 
ATOM   37   O O   . GLY A 1 15  ? 8.749   -14.404 -13.759 1.00 14.09 ? 42  GLY A O   1 
ATOM   38   N N   . SER A 1 16  ? 7.528   -13.977 -11.916 1.00 14.08 ? 43  SER A N   1 
ATOM   39   C CA  . SER A 1 16  ? 6.335   -13.690 -12.670 1.00 15.43 ? 43  SER A CA  1 
ATOM   40   C C   . SER A 1 16  ? 5.354   -12.982 -11.735 1.00 13.63 ? 43  SER A C   1 
ATOM   41   O O   . SER A 1 16  ? 5.401   -13.134 -10.516 1.00 14.52 ? 43  SER A O   1 
ATOM   42   C CB  . SER A 1 16  ? 5.795   -14.946 -13.407 1.00 19.71 ? 43  SER A CB  1 
ATOM   43   O OG  . SER A 1 16  ? 4.643   -15.519 -12.889 1.00 20.62 ? 43  SER A OG  1 
ATOM   44   N N   . ASN A 1 17  ? 4.486   -12.182 -12.335 1.00 11.78 ? 44  ASN A N   1 
ATOM   45   C CA  . ASN A 1 17  ? 3.629   -11.286 -11.584 1.00 11.21 ? 44  ASN A CA  1 
ATOM   46   C C   . ASN A 1 17  ? 2.183   -11.744 -11.559 1.00 10.77 ? 44  ASN A C   1 
ATOM   47   O O   . ASN A 1 17  ? 1.654   -12.159 -12.587 1.00 11.66 ? 44  ASN A O   1 
ATOM   48   C CB  . ASN A 1 17  ? 3.658   -9.914  -12.237 1.00 11.38 ? 44  ASN A CB  1 
ATOM   49   C CG  . ASN A 1 17  ? 5.016   -9.266  -12.167 1.00 11.95 ? 44  ASN A CG  1 
ATOM   50   O OD1 . ASN A 1 17  ? 5.664   -9.262  -11.117 1.00 12.28 ? 44  ASN A OD1 1 
ATOM   51   N ND2 . ASN A 1 17  ? 5.464   -8.735  -13.290 1.00 12.12 ? 44  ASN A ND2 1 
ATOM   52   N N   . PRO A 1 18  ? 1.510   -11.579 -10.419 1.00 10.36 ? 45  PRO A N   1 
ATOM   53   C CA  . PRO A 1 18  ? 0.093   -11.849 -10.341 1.00 10.74 ? 45  PRO A CA  1 
ATOM   54   C C   . PRO A 1 18  ? -0.710  -10.711 -10.956 1.00 10.46 ? 45  PRO A C   1 
ATOM   55   O O   . PRO A 1 18  ? -0.180  -9.612  -11.151 1.00 10.53 ? 45  PRO A O   1 
ATOM   56   C CB  . PRO A 1 18  ? -0.151  -11.892 -8.848  1.00 10.52 ? 45  PRO A CB  1 
ATOM   57   C CG  . PRO A 1 18  ? 0.796   -10.856 -8.320  1.00 11.09 ? 45  PRO A CG  1 
ATOM   58   C CD  . PRO A 1 18  ? 2.023   -11.022 -9.154  1.00 10.78 ? 45  PRO A CD  1 
ATOM   59   N N   . PRO A 1 19  ? -2.004  -10.944 -11.228 1.00 10.45 ? 46  PRO A N   1 
ATOM   60   C CA  . PRO A 1 19  ? -2.855  -9.776  -11.455 1.00 11.08 ? 46  PRO A CA  1 
ATOM   61   C C   . PRO A 1 19  ? -2.818  -8.848  -10.234 1.00 11.05 ? 46  PRO A C   1 
ATOM   62   O O   . PRO A 1 19  ? -2.598  -9.330  -9.124  1.00 11.37 ? 46  PRO A O   1 
ATOM   63   C CB  . PRO A 1 19  ? -4.243  -10.388 -11.630 1.00 11.42 ? 46  PRO A CB  1 
ATOM   64   C CG  . PRO A 1 19  ? -4.205  -11.679 -10.930 1.00 12.15 ? 46  PRO A CG  1 
ATOM   65   C CD  . PRO A 1 19  ? -2.786  -12.167 -10.986 1.00 11.43 ? 46  PRO A CD  1 
ATOM   66   N N   . PRO A 1 20  ? -3.011  -7.532  -10.436 1.00 11.62 ? 47  PRO A N   1 
ATOM   67   C CA  . PRO A 1 20  ? -2.950  -6.620  -9.296  1.00 11.88 ? 47  PRO A CA  1 
ATOM   68   C C   . PRO A 1 20  ? -4.147  -6.894  -8.404  1.00 11.82 ? 47  PRO A C   1 
ATOM   69   O O   . PRO A 1 20  ? -5.136  -7.501  -8.870  1.00 12.96 ? 47  PRO A O   1 
ATOM   70   C CB  . PRO A 1 20  ? -3.042  -5.247  -9.954  1.00 12.62 ? 47  PRO A CB  1 
ATOM   71   C CG  . PRO A 1 20  ? -3.867  -5.498  -11.163 1.00 13.12 ? 47  PRO A CG  1 
ATOM   72   C CD  . PRO A 1 20  ? -3.376  -6.831  -11.671 1.00 12.48 ? 47  PRO A CD  1 
ATOM   73   N N   . PRO A 1 21  ? -4.075  -6.541  -7.118  1.00 11.06 ? 48  PRO A N   1 
ATOM   74   C CA  . PRO A 1 21  ? -5.225  -6.747  -6.229  1.00 11.28 ? 48  PRO A CA  1 
ATOM   75   C C   . PRO A 1 21  ? -6.521  -6.085  -6.741  1.00 11.13 ? 48  PRO A C   1 
ATOM   76   O O   . PRO A 1 21  ? -6.492  -5.063  -7.447  1.00 11.18 ? 48  PRO A O   1 
ATOM   77   C CB  . PRO A 1 21  ? -4.781  -6.116  -4.900  1.00 11.34 ? 48  PRO A CB  1 
ATOM   78   C CG  . PRO A 1 21  ? -3.291  -6.002  -5.029  1.00 11.31 ? 48  PRO A CG  1 
ATOM   79   C CD  . PRO A 1 21  ? -2.993  -5.790  -6.457  1.00 11.68 ? 48  PRO A CD  1 
ATOM   80   N N   . GLU A 1 22  ? -7.651  -6.697  -6.407  1.00 12.50 ? 49  GLU A N   1 
ATOM   81   C CA  . GLU A 1 22  ? -8.955  -6.141  -6.714  1.00 13.95 ? 49  GLU A CA  1 
ATOM   82   C C   . GLU A 1 22  ? -9.104  -4.759  -6.095  1.00 12.30 ? 49  GLU A C   1 
ATOM   83   O O   . GLU A 1 22  ? -8.642  -4.512  -4.984  1.00 11.59 ? 49  GLU A O   1 
ATOM   84   C CB  . GLU A 1 22  ? -10.073 -7.055  -6.185  1.00 16.78 ? 49  GLU A CB  1 
ATOM   85   C CG  . GLU A 1 22  ? -11.480 -6.641  -6.598  1.00 20.59 ? 49  GLU A CG  1 
ATOM   86   C CD  . GLU A 1 22  ? -11.647 -6.484  -8.124  1.00 24.04 ? 49  GLU A CD  1 
ATOM   87   O OE1 . GLU A 1 22  ? -11.826 -7.537  -8.790  1.00 28.44 ? 49  GLU A OE1 1 
ATOM   88   O OE2 . GLU A 1 22  ? -11.596 -5.328  -8.662  1.00 25.14 ? 49  GLU A OE2 1 
ATOM   89   N N   . THR A 1 23  ? -9.747  -3.861  -6.823  1.00 11.54 ? 50  THR A N   1 
ATOM   90   C CA  . THR A 1 23  ? -9.978  -2.486  -6.353  1.00 11.80 ? 50  THR A CA  1 
ATOM   91   C C   . THR A 1 23  ? -11.448 -2.073  -6.303  1.00 12.50 ? 50  THR A C   1 
ATOM   92   O O   . THR A 1 23  ? -11.731 -0.981  -5.843  1.00 11.78 ? 50  THR A O   1 
ATOM   93   C CB  . THR A 1 23  ? -9.235  -1.472  -7.230  1.00 12.23 ? 50  THR A CB  1 
ATOM   94   O OG1 . THR A 1 23  ? -9.665  -1.632  -8.574  1.00 13.27 ? 50  THR A OG1 1 
ATOM   95   C CG2 . THR A 1 23  ? -7.721  -1.680  -7.156  1.00 12.11 ? 50  THR A CG2 1 
ATOM   96   N N   . SER A 1 24  ? -12.371 -2.919  -6.762  1.00 14.00 ? 51  SER A N   1 
ATOM   97   C CA  . SER A 1 24  ? -13.795 -2.586  -6.720  1.00 15.79 ? 51  SER A CA  1 
ATOM   98   C C   . SER A 1 24  ? -14.592 -3.720  -6.101  1.00 17.24 ? 51  SER A C   1 
ATOM   99   O O   . SER A 1 24  ? -14.223 -4.901  -6.193  1.00 18.36 ? 51  SER A O   1 
ATOM   100  C CB  . SER A 1 24  ? -14.319 -2.249  -8.115  1.00 18.17 ? 51  SER A CB  1 
ATOM   101  O OG  . SER A 1 24  ? -14.126 -3.332  -8.982  1.00 22.31 ? 51  SER A OG  1 
ATOM   102  N N   . ASN A 1 25  ? -15.661 -3.352  -5.409  1.00 18.97 ? 52  ASN A N   1 
ATOM   103  C CA  . ASN A 1 25  ? -16.611 -4.334  -4.923  1.00 21.99 ? 52  ASN A CA  1 
ATOM   104  C C   . ASN A 1 25  ? -17.997 -3.855  -5.337  1.00 22.46 ? 52  ASN A C   1 
ATOM   105  O O   . ASN A 1 25  ? -18.576 -3.019  -4.649  1.00 21.60 ? 52  ASN A O   1 
ATOM   106  C CB  . ASN A 1 25  ? -16.508 -4.468  -3.406  1.00 23.22 ? 52  ASN A CB  1 
ATOM   107  C CG  . ASN A 1 25  ? -17.466 -5.503  -2.852  1.00 24.67 ? 52  ASN A CG  1 
ATOM   108  O OD1 . ASN A 1 25  ? -18.200 -6.177  -3.606  1.00 26.19 ? 52  ASN A OD1 1 
ATOM   109  N ND2 . ASN A 1 25  ? -17.478 -5.634  -1.541  1.00 23.62 ? 52  ASN A ND2 1 
ATOM   110  N N   . PRO A 1 26  ? -18.509 -4.348  -6.486  1.00 25.31 ? 53  PRO A N   1 
ATOM   111  C CA  . PRO A 1 26  ? -19.791 -3.866  -7.024  1.00 26.81 ? 53  PRO A CA  1 
ATOM   112  C C   . PRO A 1 26  ? -21.019 -4.235  -6.183  1.00 26.90 ? 53  PRO A C   1 
ATOM   113  O O   . PRO A 1 26  ? -22.061 -3.606  -6.348  1.00 28.75 ? 53  PRO A O   1 
ATOM   114  C CB  . PRO A 1 26  ? -19.867 -4.515  -8.413  1.00 27.81 ? 53  PRO A CB  1 
ATOM   115  C CG  . PRO A 1 26  ? -18.976 -5.696  -8.346  1.00 27.74 ? 53  PRO A CG  1 
ATOM   116  C CD  . PRO A 1 26  ? -17.916 -5.407  -7.321  1.00 26.36 ? 53  PRO A CD  1 
ATOM   117  N N   . ASN A 1 27  ? -20.894 -5.232  -5.302  1.00 25.56 ? 54  ASN A N   1 
ATOM   118  C CA  . ASN A 1 27  ? -21.997 -5.660  -4.419  1.00 26.40 ? 54  ASN A CA  1 
ATOM   119  C C   . ASN A 1 27  ? -22.195 -4.785  -3.172  1.00 24.01 ? 54  ASN A C   1 
ATOM   120  O O   . ASN A 1 27  ? -23.244 -4.812  -2.539  1.00 23.50 ? 54  ASN A O   1 
ATOM   121  C CB  . ASN A 1 27  ? -21.781 -7.111  -3.994  1.00 28.14 ? 54  ASN A CB  1 
ATOM   122  C CG  . ASN A 1 27  ? -21.620 -8.042  -5.183  1.00 31.60 ? 54  ASN A CG  1 
ATOM   123  O OD1 . ASN A 1 27  ? -22.359 -7.931  -6.164  1.00 35.68 ? 54  ASN A OD1 1 
ATOM   124  N ND2 . ASN A 1 27  ? -20.628 -8.936  -5.126  1.00 33.56 ? 54  ASN A ND2 1 
ATOM   125  N N   . LYS A 1 28  ? -21.180 -3.993  -2.838  1.00 22.08 ? 55  LYS A N   1 
ATOM   126  C CA  . LYS A 1 28  ? -21.186 -3.186  -1.646  1.00 20.34 ? 55  LYS A CA  1 
ATOM   127  C C   . LYS A 1 28  ? -21.852 -1.804  -1.890  1.00 21.65 ? 55  LYS A C   1 
ATOM   128  O O   . LYS A 1 28  ? -21.619 -1.179  -2.931  1.00 20.67 ? 55  LYS A O   1 
ATOM   129  C CB  . LYS A 1 28  ? -19.724 -3.054  -1.175  1.00 19.58 ? 55  LYS A CB  1 
ATOM   130  C CG  . LYS A 1 28  ? -19.525 -2.042  -0.100  1.00 17.86 ? 55  LYS A CG  1 
ATOM   131  C CD  . LYS A 1 28  ? -18.062 -1.718  0.145   1.00 16.26 ? 55  LYS A CD  1 
ATOM   132  C CE  . LYS A 1 28  ? -18.016 -0.611  1.166   1.00 15.39 ? 55  LYS A CE  1 
ATOM   133  N NZ  . LYS A 1 28  ? -18.481 0.681   0.630   1.00 15.04 ? 55  LYS A NZ  1 
ATOM   134  N N   . PRO A 1 29  ? -22.660 -1.308  -0.928  1.00 22.76 ? 56  PRO A N   1 
ATOM   135  C CA  . PRO A 1 29  ? -23.220 0.036   -1.074  1.00 23.61 ? 56  PRO A CA  1 
ATOM   136  C C   . PRO A 1 29  ? -22.173 1.149   -0.956  1.00 23.81 ? 56  PRO A C   1 
ATOM   137  O O   . PRO A 1 29  ? -21.137 0.981   -0.306  1.00 23.38 ? 56  PRO A O   1 
ATOM   138  C CB  . PRO A 1 29  ? -24.239 0.121   0.078   1.00 23.56 ? 56  PRO A CB  1 
ATOM   139  C CG  . PRO A 1 29  ? -23.700 -0.797  1.111   1.00 23.86 ? 56  PRO A CG  1 
ATOM   140  C CD  . PRO A 1 29  ? -23.088 -1.934  0.347   1.00 23.95 ? 56  PRO A CD  1 
ATOM   141  N N   . LYS A 1 30  ? -22.452 2.270   -1.601  1.00 25.33 ? 57  LYS A N   1 
ATOM   142  C CA  . LYS A 1 30  ? -21.604 3.438   -1.543  1.00 29.56 ? 57  LYS A CA  1 
ATOM   143  C C   . LYS A 1 30  ? -21.803 4.163   -0.209  1.00 32.11 ? 57  LYS A C   1 
ATOM   144  O O   . LYS A 1 30  ? -22.712 4.981   -0.076  1.00 35.54 ? 57  LYS A O   1 
ATOM   145  C CB  . LYS A 1 30  ? -21.914 4.353   -2.734  1.00 31.72 ? 57  LYS A CB  1 
ATOM   146  C CG  . LYS A 1 30  ? -21.010 5.564   -2.890  1.00 35.34 ? 57  LYS A CG  1 
ATOM   147  C CD  . LYS A 1 30  ? -21.330 6.272   -4.208  1.00 37.89 ? 57  LYS A CD  1 
ATOM   148  C CE  . LYS A 1 30  ? -20.253 7.256   -4.639  1.00 40.11 ? 57  LYS A CE  1 
ATOM   149  N NZ  . LYS A 1 30  ? -20.451 8.598   -4.027  1.00 42.29 ? 57  LYS A NZ  1 
ATOM   150  N N   . ARG A 1 31  ? -20.967 3.826   0.775   1.00 32.21 ? 58  ARG A N   1 
ATOM   151  C CA  . ARG A 1 31  ? -20.997 4.441   2.109   1.00 33.63 ? 58  ARG A CA  1 
ATOM   152  C C   . ARG A 1 31  ? -19.784 5.383   2.275   1.00 33.41 ? 58  ARG A C   1 
ATOM   153  O O   . ARG A 1 31  ? -18.702 4.941   2.640   1.00 31.19 ? 58  ARG A O   1 
ATOM   154  C CB  . ARG A 1 31  ? -20.957 3.350   3.192   1.00 35.26 ? 58  ARG A CB  1 
ATOM   155  C CG  . ARG A 1 31  ? -22.178 2.436   3.315   1.00 37.72 ? 58  ARG A CG  1 
ATOM   156  C CD  . ARG A 1 31  ? -23.095 2.803   4.485   1.00 40.65 ? 58  ARG A CD  1 
ATOM   157  N NE  . ARG A 1 31  ? -23.512 1.631   5.276   1.00 42.26 ? 58  ARG A NE  1 
ATOM   158  C CZ  . ARG A 1 31  ? -22.907 1.158   6.374   1.00 41.50 ? 58  ARG A CZ  1 
ATOM   159  N NH1 . ARG A 1 31  ? -23.407 0.079   6.961   1.00 39.55 ? 58  ARG A NH1 1 
ATOM   160  N NH2 . ARG A 1 31  ? -21.824 1.740   6.911   1.00 43.25 ? 58  ARG A NH2 1 
ATOM   161  N N   . GLN A 1 32  ? -19.969 6.671   2.010   1.00 33.74 ? 59  GLN A N   1 
ATOM   162  C CA  . GLN A 1 32  ? -18.906 7.671   2.182   1.00 34.24 ? 59  GLN A CA  1 
ATOM   163  C C   . GLN A 1 32  ? -18.802 8.112   3.640   1.00 31.73 ? 59  GLN A C   1 
ATOM   164  O O   . GLN A 1 32  ? -19.822 8.249   4.325   1.00 34.52 ? 59  GLN A O   1 
ATOM   165  C CB  . GLN A 1 32  ? -19.169 8.883   1.301   1.00 37.04 ? 59  GLN A CB  1 
ATOM   166  C CG  . GLN A 1 32  ? -19.189 8.544   -0.179  1.00 40.58 ? 59  GLN A CG  1 
ATOM   167  C CD  . GLN A 1 32  ? -19.054 9.768   -1.062  1.00 43.74 ? 59  GLN A CD  1 
ATOM   168  O OE1 . GLN A 1 32  ? -18.133 9.864   -1.873  1.00 47.19 ? 59  GLN A OE1 1 
ATOM   169  N NE2 . GLN A 1 32  ? -19.972 10.717  -0.906  1.00 47.47 ? 59  GLN A NE2 1 
ATOM   170  N N   . THR A 1 33  ? -17.576 8.299   4.129   1.00 28.13 ? 60  THR A N   1 
ATOM   171  C CA  . THR A 1 33  ? -17.358 8.770   5.505   1.00 26.33 ? 60  THR A CA  1 
ATOM   172  C C   . THR A 1 33  ? -16.278 9.833   5.537   1.00 26.34 ? 60  THR A C   1 
ATOM   173  O O   . THR A 1 33  ? -15.441 9.917   4.640   1.00 24.12 ? 60  THR A O   1 
ATOM   174  C CB  . THR A 1 33  ? -16.979 7.639   6.496   1.00 25.65 ? 60  THR A CB  1 
ATOM   175  O OG1 . THR A 1 33  ? -15.591 7.274   6.344   1.00 22.98 ? 60  THR A OG1 1 
ATOM   176  C CG2 . THR A 1 33  ? -17.879 6.403   6.337   1.00 26.58 ? 60  THR A CG2 1 
ATOM   177  N N   . ASN A 1 34  ? -16.326 10.668  6.567   1.00 26.27 ? 61  ASN A N   1 
ATOM   178  C CA  . ASN A 1 34  ? -15.337 11.728  6.707   1.00 26.23 ? 61  ASN A CA  1 
ATOM   179  C C   . ASN A 1 34  ? -13.925 11.156  6.837   1.00 21.93 ? 61  ASN A C   1 
ATOM   180  O O   . ASN A 1 34  ? -12.993 11.692  6.252   1.00 20.56 ? 61  ASN A O   1 
ATOM   181  C CB  . ASN A 1 34  ? -15.671 12.688  7.873   1.00 29.37 ? 61  ASN A CB  1 
ATOM   182  C CG  . ASN A 1 34  ? -15.799 11.985  9.210   1.00 33.27 ? 61  ASN A CG  1 
ATOM   183  O OD1 . ASN A 1 34  ? -15.921 10.759  9.281   1.00 38.03 ? 61  ASN A OD1 1 
ATOM   184  N ND2 . ASN A 1 34  ? -15.792 12.767  10.288  1.00 36.96 ? 61  ASN A ND2 1 
ATOM   185  N N   . GLN A 1 35  ? -13.797 10.054  7.562   1.00 20.54 ? 62  GLN A N   1 
ATOM   186  C CA  . GLN A 1 35  ? -12.496 9.428   7.765   1.00 18.78 ? 62  GLN A CA  1 
ATOM   187  C C   . GLN A 1 35  ? -11.937 8.840   6.487   1.00 17.49 ? 62  GLN A C   1 
ATOM   188  O O   . GLN A 1 35  ? -10.754 8.996   6.235   1.00 15.57 ? 62  GLN A O   1 
ATOM   189  C CB  . GLN A 1 35  ? -12.556 8.375   8.852   1.00 19.40 ? 62  GLN A CB  1 
ATOM   190  C CG  . GLN A 1 35  ? -12.884 8.950   10.225  1.00 21.92 ? 62  GLN A CG  1 
ATOM   191  C CD  . GLN A 1 35  ? -12.705 7.933   11.309  1.00 23.74 ? 62  GLN A CD  1 
ATOM   192  O OE1 . GLN A 1 35  ? -12.759 6.741   11.057  1.00 25.58 ? 62  GLN A OE1 1 
ATOM   193  N NE2 . GLN A 1 35  ? -12.483 8.399   12.537  1.00 25.84 ? 62  GLN A NE2 1 
ATOM   194  N N   . LEU A 1 36  ? -12.774 8.174   5.688   1.00 16.14 ? 63  LEU A N   1 
ATOM   195  C CA  . LEU A 1 36  ? -12.346 7.684   4.369   1.00 15.36 ? 63  LEU A CA  1 
ATOM   196  C C   . LEU A 1 36  ? -12.016 8.834   3.411   1.00 15.55 ? 63  LEU A C   1 
ATOM   197  O O   . LEU A 1 36  ? -11.017 8.769   2.691   1.00 14.13 ? 63  LEU A O   1 
ATOM   198  C CB  . LEU A 1 36  ? -13.400 6.748   3.769   1.00 15.14 ? 63  LEU A CB  1 
ATOM   199  C CG  . LEU A 1 36  ? -13.475 5.365   4.417   1.00 15.46 ? 63  LEU A CG  1 
ATOM   200  C CD1 . LEU A 1 36  ? -14.763 4.648   3.997   1.00 15.91 ? 63  LEU A CD1 1 
ATOM   201  C CD2 . LEU A 1 36  ? -12.249 4.517   4.110   1.00 16.12 ? 63  LEU A CD2 1 
ATOM   202  N N   . GLN A 1 37  ? -12.807 9.913   3.412   1.00 16.43 ? 64  GLN A N   1 
ATOM   203  C CA  . GLN A 1 37  ? -12.454 11.106  2.633   1.00 18.38 ? 64  GLN A CA  1 
ATOM   204  C C   . GLN A 1 37  ? -11.081 11.673  3.032   1.00 16.32 ? 64  GLN A C   1 
ATOM   205  O O   . GLN A 1 37  ? -10.280 12.041  2.176   1.00 15.72 ? 64  GLN A O   1 
ATOM   206  C CB  . GLN A 1 37  ? -13.524 12.207  2.786   1.00 22.00 ? 64  GLN A CB  1 
ATOM   207  C CG  . GLN A 1 37  ? -14.676 12.096  1.802   1.00 26.50 ? 64  GLN A CG  1 
ATOM   208  C CD  . GLN A 1 37  ? -14.370 12.752  0.458   1.00 31.54 ? 64  GLN A CD  1 
ATOM   209  O OE1 . GLN A 1 37  ? -14.828 13.868  0.182   1.00 38.50 ? 64  GLN A OE1 1 
ATOM   210  N NE2 . GLN A 1 37  ? -13.595 12.073  -0.382  1.00 33.50 ? 64  GLN A NE2 1 
ATOM   211  N N   . TYR A 1 38  ? -10.824 11.732  4.336   1.00 14.99 ? 65  TYR A N   1 
ATOM   212  C CA  . TYR A 1 38  ? -9.556  12.217  4.857   1.00 15.35 ? 65  TYR A CA  1 
ATOM   213  C C   . TYR A 1 38  ? -8.424  11.308  4.434   1.00 13.72 ? 65  TYR A C   1 
ATOM   214  O O   . TYR A 1 38  ? -7.388  11.769  4.009   1.00 14.29 ? 65  TYR A O   1 
ATOM   215  C CB  . TYR A 1 38  ? -9.606  12.321  6.379   1.00 15.98 ? 65  TYR A CB  1 
ATOM   216  C CG  . TYR A 1 38  ? -8.303  12.721  7.030   1.00 17.79 ? 65  TYR A CG  1 
ATOM   217  C CD1 . TYR A 1 38  ? -7.881  14.044  7.077   1.00 19.60 ? 65  TYR A CD1 1 
ATOM   218  C CD2 . TYR A 1 38  ? -7.479  11.754  7.578   1.00 19.68 ? 65  TYR A CD2 1 
ATOM   219  C CE1 . TYR A 1 38  ? -6.670  14.382  7.677   1.00 20.74 ? 65  TYR A CE1 1 
ATOM   220  C CE2 . TYR A 1 38  ? -6.279  12.076  8.181   1.00 20.88 ? 65  TYR A CE2 1 
ATOM   221  C CZ  . TYR A 1 38  ? -5.868  13.381  8.212   1.00 20.89 ? 65  TYR A CZ  1 
ATOM   222  O OH  . TYR A 1 38  ? -4.660  13.671  8.804   1.00 24.75 ? 65  TYR A OH  1 
ATOM   223  N N   . LEU A 1 39  ? -8.651  10.007  4.520   1.00 12.89 ? 66  LEU A N   1 
ATOM   224  C CA  . LEU A 1 39  ? -7.632  9.027   4.087   1.00 12.40 ? 66  LEU A CA  1 
ATOM   225  C C   . LEU A 1 39  ? -7.250  9.208   2.625   1.00 12.76 ? 66  LEU A C   1 
ATOM   226  O O   . LEU A 1 39  ? -6.068  9.088   2.302   1.00 12.23 ? 66  LEU A O   1 
ATOM   227  C CB  . LEU A 1 39  ? -8.099  7.585   4.364   1.00 12.34 ? 66  LEU A CB  1 
ATOM   228  C CG  . LEU A 1 39  ? -7.929  7.173   5.835   1.00 12.20 ? 66  LEU A CG  1 
ATOM   229  C CD1 . LEU A 1 39  ? -8.850  6.015   6.168   1.00 13.04 ? 66  LEU A CD1 1 
ATOM   230  C CD2 . LEU A 1 39  ? -6.486  6.815   6.175   1.00 12.83 ? 66  LEU A CD2 1 
ATOM   231  N N   . LEU A 1 40  ? -8.214  9.530   1.762   1.00 12.61 ? 67  LEU A N   1 
ATOM   232  C CA  . LEU A 1 40  ? -7.925  9.751   0.339   1.00 13.55 ? 67  LEU A CA  1 
ATOM   233  C C   . LEU A 1 40  ? -7.298  11.131  0.079   1.00 14.19 ? 67  LEU A C   1 
ATOM   234  O O   . LEU A 1 40  ? -6.246  11.250  -0.540  1.00 14.78 ? 67  LEU A O   1 
ATOM   235  C CB  . LEU A 1 40  ? -9.193  9.617   -0.492  1.00 14.23 ? 67  LEU A CB  1 
ATOM   236  C CG  . LEU A 1 40  ? -9.023  9.795   -2.007  1.00 14.45 ? 67  LEU A CG  1 
ATOM   237  C CD1 . LEU A 1 40  ? -8.008  8.836   -2.616  1.00 14.91 ? 67  LEU A CD1 1 
ATOM   238  C CD2 . LEU A 1 40  ? -10.381 9.650   -2.677  1.00 15.58 ? 67  LEU A CD2 1 
ATOM   239  N N   . ARG A 1 41  ? -7.982  12.160  0.546   1.00 15.67 ? 68  ARG A N   1 
ATOM   240  C CA  . ARG A 1 41  ? -7.632  13.535  0.201   1.00 17.46 ? 68  ARG A CA  1 
ATOM   241  C C   . ARG A 1 41  ? -6.432  14.090  0.946   1.00 15.96 ? 68  ARG A C   1 
ATOM   242  O O   . ARG A 1 41  ? -5.732  14.949  0.394   1.00 17.19 ? 68  ARG A O   1 
ATOM   243  C CB  . ARG A 1 41  ? -8.844  14.447  0.413   1.00 20.20 ? 68  ARG A CB  1 
ATOM   244  C CG  . ARG A 1 41  ? -9.996  14.153  -0.549  1.00 23.97 ? 68  ARG A CG  1 
ATOM   245  C CD  . ARG A 1 41  ? -11.331 14.649  -0.007  1.00 28.19 ? 68  ARG A CD  1 
ATOM   246  N NE  . ARG A 1 41  ? -11.288 16.074  0.325   1.00 32.02 ? 68  ARG A NE  1 
ATOM   247  C CZ  . ARG A 1 41  ? -12.255 16.739  0.955   1.00 34.44 ? 68  ARG A CZ  1 
ATOM   248  N NH1 . ARG A 1 41  ? -12.090 18.035  1.223   1.00 37.41 ? 68  ARG A NH1 1 
ATOM   249  N NH2 . ARG A 1 41  ? -13.383 16.131  1.327   1.00 36.30 ? 68  ARG A NH2 1 
ATOM   250  N N   . VAL A 1 42  ? -6.183  13.605  2.165   1.00 14.22 ? 69  VAL A N   1 
ATOM   251  C CA  . VAL A 1 42  ? -5.033  14.046  2.964   1.00 15.16 ? 69  VAL A CA  1 
ATOM   252  C C   . VAL A 1 42  ? -3.984  12.942  3.123   1.00 15.30 ? 69  VAL A C   1 
ATOM   253  O O   . VAL A 1 42  ? -2.826  13.131  2.750   1.00 15.31 ? 69  VAL A O   1 
ATOM   254  C CB  . VAL A 1 42  ? -5.483  14.596  4.351   1.00 15.87 ? 69  VAL A CB  1 
ATOM   255  C CG1 . VAL A 1 42  ? -4.279  14.951  5.238   1.00 16.22 ? 69  VAL A CG1 1 
ATOM   256  C CG2 . VAL A 1 42  ? -6.395  15.807  4.160   1.00 17.21 ? 69  VAL A CG2 1 
ATOM   257  N N   . VAL A 1 43  ? -4.359  11.787  3.666   1.00 14.85 ? 70  VAL A N   1 
ATOM   258  C CA  . VAL A 1 43  ? -3.332  10.826  4.090   1.00 15.27 ? 70  VAL A CA  1 
ATOM   259  C C   . VAL A 1 43  ? -2.639  10.223  2.882   1.00 15.02 ? 70  VAL A C   1 
ATOM   260  O O   . VAL A 1 43  ? -1.423  10.330  2.742   1.00 14.45 ? 70  VAL A O   1 
ATOM   261  C CB  . VAL A 1 43  ? -3.879  9.735   5.036   1.00 15.47 ? 70  VAL A CB  1 
ATOM   262  C CG1 . VAL A 1 43  ? -2.754  8.770   5.461   1.00 15.82 ? 70  VAL A CG1 1 
ATOM   263  C CG2 . VAL A 1 43  ? -4.543  10.390  6.235   1.00 16.03 ? 70  VAL A CG2 1 
ATOM   264  N N   . LEU A 1 44  ? -3.420  9.670   1.970   1.00 14.72 ? 71  LEU A N   1 
ATOM   265  C CA  . LEU A 1 44  ? -2.861  9.067   0.772   1.00 15.47 ? 71  LEU A CA  1 
ATOM   266  C C   . LEU A 1 44  ? -2.084  10.092  -0.061  1.00 15.40 ? 71  LEU A C   1 
ATOM   267  O O   . LEU A 1 44  ? -0.969  9.834   -0.501  1.00 13.44 ? 71  LEU A O   1 
ATOM   268  C CB  . LEU A 1 44  ? -3.971  8.422   -0.060  1.00 16.78 ? 71  LEU A CB  1 
ATOM   269  C CG  . LEU A 1 44  ? -3.631  7.635   -1.346  1.00 18.55 ? 71  LEU A CG  1 
ATOM   270  C CD1 . LEU A 1 44  ? -3.229  8.469   -2.566  1.00 19.68 ? 71  LEU A CD1 1 
ATOM   271  C CD2 . LEU A 1 44  ? -2.578  6.591   -1.046  1.00 19.00 ? 71  LEU A CD2 1 
ATOM   272  N N   . LYS A 1 45  ? -2.677  11.263  -0.274  1.00 15.58 ? 72  LYS A N   1 
ATOM   273  C CA  . LYS A 1 45  ? -2.026  12.311  -1.062  1.00 17.12 ? 72  LYS A CA  1 
ATOM   274  C C   . LYS A 1 45  ? -0.689  12.754  -0.463  1.00 16.45 ? 72  LYS A C   1 
ATOM   275  O O   . LYS A 1 45  ? 0.298   12.896  -1.190  1.00 17.34 ? 72  LYS A O   1 
ATOM   276  C CB  . LYS A 1 45  ? -2.977  13.511  -1.250  1.00 19.26 ? 72  LYS A CB  1 
ATOM   277  C CG  . LYS A 1 45  ? -2.751  14.243  -2.574  1.00 21.99 ? 72  LYS A CG  1 
ATOM   278  C CD  . LYS A 1 45  ? -3.965  15.037  -3.047  1.00 24.34 ? 72  LYS A CD  1 
ATOM   279  C CE  . LYS A 1 45  ? -4.048  16.362  -2.346  1.00 25.64 ? 72  LYS A CE  1 
ATOM   280  N NZ  . LYS A 1 45  ? -5.088  17.221  -2.965  1.00 25.42 ? 72  LYS A NZ  1 
ATOM   281  N N   . THR A 1 46  ? -0.655  12.930  0.855   1.00 15.85 ? 73  THR A N   1 
ATOM   282  C CA  . THR A 1 46  ? 0.575   13.297  1.573   1.00 16.59 ? 73  THR A CA  1 
ATOM   283  C C   . THR A 1 46  ? 1.664   12.222  1.471   1.00 15.99 ? 73  THR A C   1 
ATOM   284  O O   . THR A 1 46  ? 2.838   12.523  1.238   1.00 15.91 ? 73  THR A O   1 
ATOM   285  C CB  . THR A 1 46  ? 0.262   13.607  3.043   1.00 17.56 ? 73  THR A CB  1 
ATOM   286  O OG1 . THR A 1 46  ? -0.691  14.688  3.093   1.00 19.41 ? 73  THR A OG1 1 
ATOM   287  C CG2 . THR A 1 46  ? 1.521   14.007  3.823   1.00 18.58 ? 73  THR A CG2 1 
ATOM   288  N N   . LEU A 1 47  ? 1.277   10.972  1.642   1.00 14.69 ? 74  LEU A N   1 
ATOM   289  C CA  . LEU A 1 47  ? 2.237   9.875   1.506   1.00 14.47 ? 74  LEU A CA  1 
ATOM   290  C C   . LEU A 1 47  ? 2.716   9.768   0.062   1.00 12.93 ? 74  LEU A C   1 
ATOM   291  O O   . LEU A 1 47  ? 3.900   9.569   -0.184  1.00 11.35 ? 74  LEU A O   1 
ATOM   292  C CB  . LEU A 1 47  ? 1.597   8.553   1.960   1.00 15.39 ? 74  LEU A CB  1 
ATOM   293  C CG  . LEU A 1 47  ? 1.739   8.133   3.431   1.00 17.06 ? 74  LEU A CG  1 
ATOM   294  C CD1 . LEU A 1 47  ? 3.146   7.652   3.655   1.00 18.31 ? 74  LEU A CD1 1 
ATOM   295  C CD2 . LEU A 1 47  ? 1.404   9.203   4.453   1.00 17.97 ? 74  LEU A CD2 1 
ATOM   296  N N   . TRP A 1 48  ? 1.803   9.926   -0.888  1.00 11.25 ? 75  TRP A N   1 
ATOM   297  C CA  . TRP A 1 48  ? 2.147   9.810   -2.301  1.00 10.65 ? 75  TRP A CA  1 
ATOM   298  C C   . TRP A 1 48  ? 3.268   10.771  -2.726  1.00 10.68 ? 75  TRP A C   1 
ATOM   299  O O   . TRP A 1 48  ? 4.142   10.414  -3.527  1.00 10.54 ? 75  TRP A O   1 
ATOM   300  C CB  . TRP A 1 48  ? 0.927   10.039  -3.208  1.00 10.82 ? 75  TRP A CB  1 
ATOM   301  C CG  . TRP A 1 48  ? 1.138   9.647   -4.632  1.00 10.64 ? 75  TRP A CG  1 
ATOM   302  C CD1 . TRP A 1 48  ? 1.756   10.348  -5.612  1.00 9.93  ? 75  TRP A CD1 1 
ATOM   303  C CD2 . TRP A 1 48  ? 0.713   8.438   -5.241  1.00 10.08 ? 75  TRP A CD2 1 
ATOM   304  N NE1 . TRP A 1 48  ? 1.752   9.670   -6.793  1.00 10.09 ? 75  TRP A NE1 1 
ATOM   305  C CE2 . TRP A 1 48  ? 1.118   8.471   -6.591  1.00 10.06 ? 75  TRP A CE2 1 
ATOM   306  C CE3 . TRP A 1 48  ? 0.014   7.309   -4.760  1.00 10.82 ? 75  TRP A CE3 1 
ATOM   307  C CZ2 . TRP A 1 48  ? 0.865   7.427   -7.467  1.00 10.77 ? 75  TRP A CZ2 1 
ATOM   308  C CZ3 . TRP A 1 48  ? -0.238  6.270   -5.656  1.00 10.72 ? 75  TRP A CZ3 1 
ATOM   309  C CH2 . TRP A 1 48  ? 0.195   6.336   -6.974  1.00 11.27 ? 75  TRP A CH2 1 
ATOM   310  N N   . LYS A 1 49  ? 3.207   12.000  -2.201  1.00 11.16 ? 76  LYS A N   1 
ATOM   311  C CA  . LYS A 1 49  ? 4.140   13.048  -2.595  1.00 11.49 ? 76  LYS A CA  1 
ATOM   312  C C   . LYS A 1 49  ? 5.435   13.063  -1.798  1.00 11.87 ? 76  LYS A C   1 
ATOM   313  O O   . LYS A 1 49  ? 6.347   13.832  -2.118  1.00 12.24 ? 76  LYS A O   1 
ATOM   314  C CB  . LYS A 1 49  ? 3.445   14.417  -2.549  1.00 11.51 ? 76  LYS A CB  1 
ATOM   315  C CG  . LYS A 1 49  ? 2.289   14.520  -3.537  1.00 11.86 ? 76  LYS A CG  1 
ATOM   316  C CD  . LYS A 1 49  ? 1.684   15.892  -3.482  1.00 12.04 ? 76  LYS A CD  1 
ATOM   317  C CE  . LYS A 1 49  ? 0.445   15.949  -4.358  1.00 12.21 ? 76  LYS A CE  1 
ATOM   318  N NZ  . LYS A 1 49  ? -0.064  17.352  -4.441  1.00 12.94 ? 76  LYS A NZ  1 
ATOM   319  N N   . HIS A 1 50  ? 5.546   12.214  -0.763  1.00 11.73 ? 77  HIS A N   1 
ATOM   320  C CA  . HIS A 1 50  ? 6.780   12.104  0.002   1.00 11.40 ? 77  HIS A CA  1 
ATOM   321  C C   . HIS A 1 50  ? 7.919   11.638  -0.905  1.00 11.28 ? 77  HIS A C   1 
ATOM   322  O O   . HIS A 1 50  ? 7.725   10.833  -1.825  1.00 11.05 ? 77  HIS A O   1 
ATOM   323  C CB  . HIS A 1 50  ? 6.574   11.123  1.168   1.00 11.61 ? 77  HIS A CB  1 
ATOM   324  C CG  . HIS A 1 50  ? 7.678   11.127  2.178   1.00 12.12 ? 77  HIS A CG  1 
ATOM   325  N ND1 . HIS A 1 50  ? 8.836   10.426  1.984   1.00 12.33 ? 77  HIS A ND1 1 
ATOM   326  C CD2 . HIS A 1 50  ? 7.787   11.691  3.404   1.00 12.95 ? 77  HIS A CD2 1 
ATOM   327  C CE1 . HIS A 1 50  ? 9.626   10.567  3.028   1.00 12.16 ? 77  HIS A CE1 1 
ATOM   328  N NE2 . HIS A 1 50  ? 9.011   11.325  3.910   1.00 13.56 ? 77  HIS A NE2 1 
ATOM   329  N N   . GLN A 1 51  ? 9.129   12.164  -0.641  1.00 12.69 ? 78  GLN A N   1 
ATOM   330  C CA  . GLN A 1 51  ? 10.336  11.840  -1.413  1.00 13.80 ? 78  GLN A CA  1 
ATOM   331  C C   . GLN A 1 51  ? 10.623  10.314  -1.581  1.00 11.80 ? 78  GLN A C   1 
ATOM   332  O O   . GLN A 1 51  ? 11.141  9.875   -2.597  1.00 11.62 ? 78  GLN A O   1 
ATOM   333  C CB  . GLN A 1 51  ? 11.583  12.545  -0.821  1.00 16.36 ? 78  GLN A CB  1 
ATOM   334  C CG  . GLN A 1 51  ? 11.908  12.139  0.619   1.00 19.53 ? 78  GLN A CG  1 
ATOM   335  C CD  . GLN A 1 51  ? 13.101  12.834  1.243   1.00 25.02 ? 78  GLN A CD  1 
ATOM   336  O OE1 . GLN A 1 51  ? 14.115  13.092  0.579   1.00 30.25 ? 78  GLN A OE1 1 
ATOM   337  N NE2 . GLN A 1 51  ? 12.998  13.112  2.549   1.00 28.46 ? 78  GLN A NE2 1 
ATOM   338  N N   . PHE A 1 52  ? 10.248  9.548   -0.562  1.00 10.98 ? 79  PHE A N   1 
ATOM   339  C CA  . PHE A 1 52  ? 10.458  8.096   -0.541  1.00 11.01 ? 79  PHE A CA  1 
ATOM   340  C C   . PHE A 1 52  ? 9.293   7.256   -1.043  1.00 9.91  ? 79  PHE A C   1 
ATOM   341  O O   . PHE A 1 52  ? 9.352   6.026   -0.966  1.00 9.41  ? 79  PHE A O   1 
ATOM   342  C CB  . PHE A 1 52  ? 10.817  7.663   0.896   1.00 11.05 ? 79  PHE A CB  1 
ATOM   343  C CG  . PHE A 1 52  ? 12.154  8.187   1.417   1.00 12.04 ? 79  PHE A CG  1 
ATOM   344  C CD1 . PHE A 1 52  ? 13.139  8.691   0.571   1.00 12.96 ? 79  PHE A CD1 1 
ATOM   345  C CD2 . PHE A 1 52  ? 12.429  8.113   2.788   1.00 13.17 ? 79  PHE A CD2 1 
ATOM   346  C CE1 . PHE A 1 52  ? 14.366  9.117   1.070   1.00 14.75 ? 79  PHE A CE1 1 
ATOM   347  C CE2 . PHE A 1 52  ? 13.665  8.551   3.292   1.00 13.55 ? 79  PHE A CE2 1 
ATOM   348  C CZ  . PHE A 1 52  ? 14.614  9.053   2.428   1.00 14.32 ? 79  PHE A CZ  1 
ATOM   349  N N   . ALA A 1 53  ? 8.238   7.875   -1.587  1.00 9.49  ? 80  ALA A N   1 
ATOM   350  C CA  . ALA A 1 53  ? 7.013   7.130   -1.933  1.00 8.56  ? 80  ALA A CA  1 
ATOM   351  C C   . ALA A 1 53  ? 7.094   6.300   -3.184  1.00 8.63  ? 80  ALA A C   1 
ATOM   352  O O   . ALA A 1 53  ? 6.385   5.288   -3.292  1.00 8.14  ? 80  ALA A O   1 
ATOM   353  C CB  . ALA A 1 53  ? 5.826   8.063   -2.042  1.00 9.19  ? 80  ALA A CB  1 
ATOM   354  N N   . TRP A 1 54  ? 7.882   6.704   -4.176  1.00 8.83  ? 81  TRP A N   1 
ATOM   355  C CA  . TRP A 1 54  ? 7.780   6.116   -5.495  1.00 9.20  ? 81  TRP A CA  1 
ATOM   356  C C   . TRP A 1 54  ? 7.885   4.593   -5.565  1.00 8.61  ? 81  TRP A C   1 
ATOM   357  O O   . TRP A 1 54  ? 7.126   3.977   -6.325  1.00 8.92  ? 81  TRP A O   1 
ATOM   358  C CB  . TRP A 1 54  ? 8.685   6.835   -6.536  1.00 9.71  ? 81  TRP A CB  1 
ATOM   359  C CG  . TRP A 1 54  ? 10.121  6.694   -6.317  1.00 10.48 ? 81  TRP A CG  1 
ATOM   360  C CD1 . TRP A 1 54  ? 10.940  7.552   -5.637  1.00 10.84 ? 81  TRP A CD1 1 
ATOM   361  C CD2 . TRP A 1 54  ? 10.924  5.627   -6.754  1.00 11.05 ? 81  TRP A CD2 1 
ATOM   362  N NE1 . TRP A 1 54  ? 12.216  7.065   -5.631  1.00 12.14 ? 81  TRP A NE1 1 
ATOM   363  C CE2 . TRP A 1 54  ? 12.239  5.881   -6.309  1.00 12.35 ? 81  TRP A CE2 1 
ATOM   364  C CE3 . TRP A 1 54  ? 10.671  4.460   -7.479  1.00 11.62 ? 81  TRP A CE3 1 
ATOM   365  C CZ2 . TRP A 1 54  ? 13.289  5.030   -6.597  1.00 11.64 ? 81  TRP A CZ2 1 
ATOM   366  C CZ3 . TRP A 1 54  ? 11.704  3.598   -7.725  1.00 12.04 ? 81  TRP A CZ3 1 
ATOM   367  C CH2 . TRP A 1 54  ? 13.002  3.887   -7.304  1.00 12.15 ? 81  TRP A CH2 1 
ATOM   368  N N   . PRO A 1 55  ? 8.758   3.961   -4.758  1.00 7.56  ? 82  PRO A N   1 
ATOM   369  C CA  . PRO A 1 55  ? 8.805   2.489   -4.891  1.00 7.52  ? 82  PRO A CA  1 
ATOM   370  C C   . PRO A 1 55  ? 7.526   1.791   -4.420  1.00 7.36  ? 82  PRO A C   1 
ATOM   371  O O   . PRO A 1 55  ? 7.337   0.615   -4.712  1.00 8.17  ? 82  PRO A O   1 
ATOM   372  C CB  . PRO A 1 55  ? 9.978   2.086   -3.976  1.00 7.44  ? 82  PRO A CB  1 
ATOM   373  C CG  . PRO A 1 55  ? 10.827  3.328   -3.869  1.00 7.42  ? 82  PRO A CG  1 
ATOM   374  C CD  . PRO A 1 55  ? 9.803   4.442   -3.821  1.00 7.46  ? 82  PRO A CD  1 
ATOM   375  N N   . PHE A 1 56  ? 6.698   2.518   -3.698  1.00 7.08  ? 83  PHE A N   1 
ATOM   376  C CA  . PHE A 1 56  ? 5.467   1.978   -3.099  1.00 6.82  ? 83  PHE A CA  1 
ATOM   377  C C   . PHE A 1 56  ? 4.205   2.368   -3.872  1.00 6.90  ? 83  PHE A C   1 
ATOM   378  O O   . PHE A 1 56  ? 3.081   2.046   -3.445  1.00 6.88  ? 83  PHE A O   1 
ATOM   379  C CB  . PHE A 1 56  ? 5.344   2.502   -1.675  1.00 6.82  ? 83  PHE A CB  1 
ATOM   380  C CG  . PHE A 1 56  ? 6.520   2.151   -0.818  1.00 6.88  ? 83  PHE A CG  1 
ATOM   381  C CD1 . PHE A 1 56  ? 7.657   2.988   -0.790  1.00 7.22  ? 83  PHE A CD1 1 
ATOM   382  C CD2 . PHE A 1 56  ? 6.553   0.973   -0.090  1.00 7.07  ? 83  PHE A CD2 1 
ATOM   383  C CE1 . PHE A 1 56  ? 8.759   2.682   -0.021  1.00 7.25  ? 83  PHE A CE1 1 
ATOM   384  C CE2 . PHE A 1 56  ? 7.677   0.657   0.669   1.00 7.31  ? 83  PHE A CE2 1 
ATOM   385  C CZ  . PHE A 1 56  ? 8.787   1.485   0.690   1.00 7.36  ? 83  PHE A CZ  1 
ATOM   386  N N   . GLN A 1 57  ? 4.360   3.080   -4.984  1.00 6.89  ? 84  GLN A N   1 
ATOM   387  C CA  . GLN A 1 57  ? 3.211   3.620   -5.727  1.00 7.50  ? 84  GLN A CA  1 
ATOM   388  C C   . GLN A 1 57  ? 2.496   2.655   -6.657  1.00 7.82  ? 84  GLN A C   1 
ATOM   389  O O   . GLN A 1 57  ? 1.400   2.957   -7.147  1.00 8.89  ? 84  GLN A O   1 
ATOM   390  C CB  . GLN A 1 57  ? 3.671   4.843   -6.513  1.00 7.89  ? 84  GLN A CB  1 
ATOM   391  C CG  . GLN A 1 57  ? 3.836   6.077   -5.642  1.00 8.28  ? 84  GLN A CG  1 
ATOM   392  C CD  . GLN A 1 57  ? 4.413   7.262   -6.376  1.00 8.94  ? 84  GLN A CD  1 
ATOM   393  O OE1 . GLN A 1 57  ? 4.769   7.159   -7.535  1.00 10.58 ? 84  GLN A OE1 1 
ATOM   394  N NE2 . GLN A 1 57  ? 4.564   8.353   -5.672  1.00 9.86  ? 84  GLN A NE2 1 
ATOM   395  N N   . GLN A 1 58  ? 3.103   1.531   -6.956  1.00 8.20  ? 85  GLN A N   1 
ATOM   396  C CA  . GLN A 1 58  ? 2.546   0.582   -7.897  1.00 8.63  ? 85  GLN A CA  1 
ATOM   397  C C   . GLN A 1 58  ? 2.884   -0.823  -7.428  1.00 7.78  ? 85  GLN A C   1 
ATOM   398  O O   . GLN A 1 58  ? 3.826   -0.986  -6.652  1.00 7.08  ? 85  GLN A O   1 
ATOM   399  C CB  . GLN A 1 58  ? 3.053   0.797   -9.312  1.00 10.28 ? 85  GLN A CB  1 
ATOM   400  C CG  . GLN A 1 58  ? 4.543   0.768   -9.447  1.00 11.45 ? 85  GLN A CG  1 
ATOM   401  C CD  . GLN A 1 58  ? 5.171   2.039   -8.907  1.00 13.54 ? 85  GLN A CD  1 
ATOM   402  O OE1 . GLN A 1 58  ? 4.750   3.149   -9.290  1.00 16.86 ? 85  GLN A OE1 1 
ATOM   403  N NE2 . GLN A 1 58  ? 6.144   1.903   -7.974  1.00 14.79 ? 85  GLN A NE2 1 
ATOM   404  N N   . PRO A 1 59  ? 2.157   -1.839  -7.931  1.00 7.44  ? 86  PRO A N   1 
ATOM   405  C CA  . PRO A 1 59  ? 2.493   -3.200  -7.560  1.00 7.55  ? 86  PRO A CA  1 
ATOM   406  C C   . PRO A 1 59  ? 3.939   -3.528  -7.909  1.00 7.60  ? 86  PRO A C   1 
ATOM   407  O O   . PRO A 1 59  ? 4.453   -3.101  -8.938  1.00 8.22  ? 86  PRO A O   1 
ATOM   408  C CB  . PRO A 1 59  ? 1.535   -4.020  -8.398  1.00 7.79  ? 86  PRO A CB  1 
ATOM   409  C CG  . PRO A 1 59  ? 0.365   -3.129  -8.617  1.00 7.76  ? 86  PRO A CG  1 
ATOM   410  C CD  . PRO A 1 59  ? 0.968   -1.793  -8.813  1.00 7.99  ? 86  PRO A CD  1 
ATOM   411  N N   . VAL A 1 60  ? 4.581   -4.321  -7.064  1.00 7.62  ? 87  VAL A N   1 
ATOM   412  C CA  . VAL A 1 60  ? 5.911   -4.792  -7.366  1.00 8.06  ? 87  VAL A CA  1 
ATOM   413  C C   . VAL A 1 60  ? 5.920   -5.607  -8.673  1.00 8.07  ? 87  VAL A C   1 
ATOM   414  O O   . VAL A 1 60  ? 5.162   -6.572  -8.812  1.00 8.05  ? 87  VAL A O   1 
ATOM   415  C CB  . VAL A 1 60  ? 6.447   -5.680  -6.235  1.00 8.32  ? 87  VAL A CB  1 
ATOM   416  C CG1 . VAL A 1 60  ? 7.686   -6.450  -6.698  1.00 8.58  ? 87  VAL A CG1 1 
ATOM   417  C CG2 . VAL A 1 60  ? 6.738   -4.841  -4.986  1.00 8.80  ? 87  VAL A CG2 1 
ATOM   418  N N   . ASP A 1 61  ? 6.780   -5.216  -9.600  1.00 8.45  ? 88  ASP A N   1 
ATOM   419  C CA  . ASP A 1 61  ? 7.029   -5.973  -10.820 1.00 8.95  ? 88  ASP A CA  1 
ATOM   420  C C   . ASP A 1 61  ? 8.271   -6.812  -10.557 1.00 9.04  ? 88  ASP A C   1 
ATOM   421  O O   . ASP A 1 61  ? 9.400   -6.327  -10.622 1.00 8.79  ? 88  ASP A O   1 
ATOM   422  C CB  . ASP A 1 61  ? 7.201   -5.030  -12.001 1.00 9.72  ? 88  ASP A CB  1 
ATOM   423  C CG  . ASP A 1 61  ? 7.343   -5.762  -13.319 1.00 10.33 ? 88  ASP A CG  1 
ATOM   424  O OD1 . ASP A 1 61  ? 7.814   -6.926  -13.347 1.00 10.63 ? 88  ASP A OD1 1 
ATOM   425  O OD2 . ASP A 1 61  ? 6.988   -5.143  -14.352 1.00 12.39 ? 88  ASP A OD2 1 
ATOM   426  N N   . ALA A 1 62  ? 8.057   -8.059  -10.159 1.00 8.91  ? 89  ALA A N   1 
ATOM   427  C CA  . ALA A 1 62  ? 9.128   -8.962  -9.767  1.00 9.30  ? 89  ALA A CA  1 
ATOM   428  C C   . ALA A 1 62  ? 10.108  -9.199  -10.906 1.00 9.41  ? 89  ALA A C   1 
ATOM   429  O O   . ALA A 1 62  ? 11.285  -9.428  -10.679 1.00 9.88  ? 89  ALA A O   1 
ATOM   430  C CB  . ALA A 1 62  ? 8.532   -10.285 -9.346  1.00 9.49  ? 89  ALA A CB  1 
ATOM   431  N N   . VAL A 1 63  ? 9.604   -9.164  -12.130 1.00 10.26 ? 90  VAL A N   1 
ATOM   432  C CA  . VAL A 1 63  ? 10.437  -9.387  -13.295 1.00 10.70 ? 90  VAL A CA  1 
ATOM   433  C C   . VAL A 1 63  ? 11.329  -8.176  -13.585 1.00 10.21 ? 90  VAL A C   1 
ATOM   434  O O   . VAL A 1 63  ? 12.536  -8.275  -13.617 1.00 10.21 ? 90  VAL A O   1 
ATOM   435  C CB  . VAL A 1 63  ? 9.564   -9.742  -14.508 1.00 12.17 ? 90  VAL A CB  1 
ATOM   436  C CG1 . VAL A 1 63  ? 10.440  -9.943  -15.749 1.00 12.96 ? 90  VAL A CG1 1 
ATOM   437  C CG2 . VAL A 1 63  ? 8.691   -10.974 -14.229 1.00 12.54 ? 90  VAL A CG2 1 
ATOM   438  N N   . LYS A 1 64  ? 10.727  -7.004  -13.756 1.00 9.90  ? 91  LYS A N   1 
ATOM   439  C CA  . LYS A 1 64  ? 11.493  -5.803  -14.115 1.00 11.04 ? 91  LYS A CA  1 
ATOM   440  C C   . LYS A 1 64  ? 12.370  -5.296  -12.979 1.00 10.68 ? 91  LYS A C   1 
ATOM   441  O O   . LYS A 1 64  ? 13.423  -4.707  -13.210 1.00 11.67 ? 91  LYS A O   1 
ATOM   442  C CB  . LYS A 1 64  ? 10.568  -4.698  -14.647 1.00 12.50 ? 91  LYS A CB  1 
ATOM   443  C CG  . LYS A 1 64  ? 9.953   -5.083  -15.980 1.00 14.58 ? 91  LYS A CG  1 
ATOM   444  C CD  . LYS A 1 64  ? 9.226   -3.954  -16.679 1.00 16.12 ? 91  LYS A CD  1 
ATOM   445  C CE  . LYS A 1 64  ? 8.694   -4.489  -18.000 1.00 18.51 ? 91  LYS A CE  1 
ATOM   446  N NZ  . LYS A 1 64  ? 8.125   -3.467  -18.905 1.00 20.89 ? 91  LYS A NZ  1 
ATOM   447  N N   . LEU A 1 65  ? 11.968  -5.525  -11.737 1.00 9.92  ? 92  LEU A N   1 
ATOM   448  C CA  . LEU A 1 65  ? 12.803  -5.175  -10.595 1.00 9.82  ? 92  LEU A CA  1 
ATOM   449  C C   . LEU A 1 65  ? 13.829  -6.245  -10.207 1.00 9.34  ? 92  LEU A C   1 
ATOM   450  O O   . LEU A 1 65  ? 14.571  -6.057  -9.234  1.00 10.01 ? 92  LEU A O   1 
ATOM   451  C CB  . LEU A 1 65  ? 11.940  -4.846  -9.351  1.00 9.65  ? 92  LEU A CB  1 
ATOM   452  C CG  . LEU A 1 65  ? 10.987  -3.663  -9.479  1.00 10.06 ? 92  LEU A CG  1 
ATOM   453  C CD1 . LEU A 1 65  ? 10.212  -3.520  -8.185  1.00 10.35 ? 92  LEU A CD1 1 
ATOM   454  C CD2 . LEU A 1 65  ? 11.764  -2.386  -9.782  1.00 10.64 ? 92  LEU A CD2 1 
ATOM   455  N N   . ASN A 1 66  ? 13.837  -7.383  -10.899 1.00 9.60  ? 93  ASN A N   1 
ATOM   456  C CA  . ASN A 1 66  ? 14.806  -8.458  -10.604 1.00 9.98  ? 93  ASN A CA  1 
ATOM   457  C C   . ASN A 1 66  ? 14.673  -8.935  -9.151  1.00 9.93  ? 93  ASN A C   1 
ATOM   458  O O   . ASN A 1 66  ? 15.650  -9.079  -8.404  1.00 10.79 ? 93  ASN A O   1 
ATOM   459  C CB  . ASN A 1 66  ? 16.253  -8.035  -10.950 1.00 10.34 ? 93  ASN A CB  1 
ATOM   460  C CG  . ASN A 1 66  ? 16.516  -8.023  -12.460 1.00 11.11 ? 93  ASN A CG  1 
ATOM   461  O OD1 . ASN A 1 66  ? 15.694  -8.496  -13.232 1.00 11.69 ? 93  ASN A OD1 1 
ATOM   462  N ND2 . ASN A 1 66  ? 17.653  -7.451  -12.878 1.00 11.80 ? 93  ASN A ND2 1 
ATOM   463  N N   . LEU A 1 67  ? 13.428  -9.214  -8.792  1.00 10.16 ? 94  LEU A N   1 
ATOM   464  C CA  . LEU A 1 67  ? 13.081  -9.780  -7.489  1.00 10.31 ? 94  LEU A CA  1 
ATOM   465  C C   . LEU A 1 67  ? 12.316  -11.072 -7.755  1.00 11.13 ? 94  LEU A C   1 
ATOM   466  O O   . LEU A 1 67  ? 11.112  -11.180 -7.510  1.00 11.00 ? 94  LEU A O   1 
ATOM   467  C CB  . LEU A 1 67  ? 12.216  -8.786  -6.712  1.00 10.00 ? 94  LEU A CB  1 
ATOM   468  C CG  . LEU A 1 67  ? 12.791  -7.393  -6.487  1.00 9.87  ? 94  LEU A CG  1 
ATOM   469  C CD1 . LEU A 1 67  ? 11.748  -6.539  -5.753  1.00 10.04 ? 94  LEU A CD1 1 
ATOM   470  C CD2 . LEU A 1 67  ? 14.110  -7.461  -5.721  1.00 10.36 ? 94  LEU A CD2 1 
ATOM   471  N N   . PRO A 1 68  ? 13.017  -12.090 -8.288  1.00 12.43 ? 95  PRO A N   1 
ATOM   472  C CA  . PRO A 1 68  ? 12.314  -13.246 -8.850  1.00 13.47 ? 95  PRO A CA  1 
ATOM   473  C C   . PRO A 1 68  ? 11.542  -14.135 -7.871  1.00 13.78 ? 95  PRO A C   1 
ATOM   474  O O   . PRO A 1 68  ? 10.657  -14.868 -8.289  1.00 16.82 ? 95  PRO A O   1 
ATOM   475  C CB  . PRO A 1 68  ? 13.441  -14.042 -9.537  1.00 13.89 ? 95  PRO A CB  1 
ATOM   476  C CG  . PRO A 1 68  ? 14.699  -13.544 -8.944  1.00 14.30 ? 95  PRO A CG  1 
ATOM   477  C CD  . PRO A 1 68  ? 14.471  -12.140 -8.509  1.00 13.31 ? 95  PRO A CD  1 
ATOM   478  N N   . ASP A 1 69  ? 11.823  -14.023 -6.575  1.00 12.93 ? 96  ASP A N   1 
ATOM   479  C CA  . ASP A 1 69  ? 11.103  -14.750 -5.526  1.00 13.25 ? 96  ASP A CA  1 
ATOM   480  C C   . ASP A 1 69  ? 10.121  -13.874 -4.737  1.00 11.02 ? 96  ASP A C   1 
ATOM   481  O O   . ASP A 1 69  ? 9.578   -14.316 -3.728  1.00 11.20 ? 96  ASP A O   1 
ATOM   482  C CB  . ASP A 1 69  ? 12.111  -15.331 -4.550  1.00 14.42 ? 96  ASP A CB  1 
ATOM   483  C CG  . ASP A 1 69  ? 13.012  -14.266 -3.918  1.00 15.71 ? 96  ASP A CG  1 
ATOM   484  O OD1 . ASP A 1 69  ? 13.108  -13.101 -4.427  1.00 16.07 ? 96  ASP A OD1 1 
ATOM   485  O OD2 . ASP A 1 69  ? 13.674  -14.614 -2.918  1.00 20.74 ? 96  ASP A OD2 1 
ATOM   486  N N   . TYR A 1 70  ? 9.858   -12.666 -5.209  1.00 9.06  ? 97  TYR A N   1 
ATOM   487  C CA  . TYR A 1 70  ? 9.026   -11.736 -4.441  1.00 8.41  ? 97  TYR A CA  1 
ATOM   488  C C   . TYR A 1 70  ? 7.668   -12.340 -4.090  1.00 8.55  ? 97  TYR A C   1 
ATOM   489  O O   . TYR A 1 70  ? 7.235   -12.302 -2.915  1.00 8.04  ? 97  TYR A O   1 
ATOM   490  C CB  . TYR A 1 70  ? 8.850   -10.408 -5.158  1.00 7.65  ? 97  TYR A CB  1 
ATOM   491  C CG  . TYR A 1 70  ? 8.135   -9.418  -4.301  1.00 7.24  ? 97  TYR A CG  1 
ATOM   492  C CD1 . TYR A 1 70  ? 8.822   -8.643  -3.368  1.00 6.82  ? 97  TYR A CD1 1 
ATOM   493  C CD2 . TYR A 1 70  ? 6.774   -9.270  -4.377  1.00 7.00  ? 97  TYR A CD2 1 
ATOM   494  C CE1 . TYR A 1 70  ? 8.164   -7.733  -2.536  1.00 6.78  ? 97  TYR A CE1 1 
ATOM   495  C CE2 . TYR A 1 70  ? 6.101   -8.375  -3.560  1.00 6.99  ? 97  TYR A CE2 1 
ATOM   496  C CZ  . TYR A 1 70  ? 6.798   -7.606  -2.633  1.00 6.88  ? 97  TYR A CZ  1 
ATOM   497  O OH  . TYR A 1 70  ? 6.137   -6.725  -1.791  1.00 7.62  ? 97  TYR A OH  1 
ATOM   498  N N   . TYR A 1 71  ? 6.983   -12.888 -5.087  1.00 9.08  ? 98  TYR A N   1 
ATOM   499  C CA  . TYR A 1 71  ? 5.637   -13.429 -4.881  1.00 9.64  ? 98  TYR A CA  1 
ATOM   500  C C   . TYR A 1 71  ? 5.631   -14.856 -4.333  1.00 10.95 ? 98  TYR A C   1 
ATOM   501  O O   . TYR A 1 71  ? 4.570   -15.354 -3.943  1.00 12.90 ? 98  TYR A O   1 
ATOM   502  C CB  . TYR A 1 71  ? 4.813   -13.251 -6.153  1.00 9.46  ? 98  TYR A CB  1 
ATOM   503  C CG  . TYR A 1 71  ? 4.494   -11.790 -6.423  1.00 9.03  ? 98  TYR A CG  1 
ATOM   504  C CD1 . TYR A 1 71  ? 3.589   -11.098 -5.642  1.00 8.81  ? 98  TYR A CD1 1 
ATOM   505  C CD2 . TYR A 1 71  ? 5.119   -11.076 -7.438  1.00 8.83  ? 98  TYR A CD2 1 
ATOM   506  C CE1 . TYR A 1 71  ? 3.292   -9.783  -5.887  1.00 8.54  ? 98  TYR A CE1 1 
ATOM   507  C CE2 . TYR A 1 71  ? 4.849   -9.725  -7.685  1.00 8.70  ? 98  TYR A CE2 1 
ATOM   508  C CZ  . TYR A 1 71  ? 3.916   -9.063  -6.910  1.00 8.72  ? 98  TYR A CZ  1 
ATOM   509  O OH  . TYR A 1 71  ? 3.612   -7.744  -7.108  1.00 9.69  ? 98  TYR A OH  1 
ATOM   510  N N   . LYS A 1 72  ? 6.788   -15.468 -4.195  1.00 12.08 ? 99  LYS A N   1 
ATOM   511  C CA  . LYS A 1 72  ? 6.903   -16.667 -3.363  1.00 14.56 ? 99  LYS A CA  1 
ATOM   512  C C   . LYS A 1 72  ? 6.770   -16.286 -1.890  1.00 14.09 ? 99  LYS A C   1 
ATOM   513  O O   . LYS A 1 72  ? 6.150   -16.997 -1.083  1.00 17.06 ? 99  LYS A O   1 
ATOM   514  C CB  . LYS A 1 72  ? 8.236   -17.353 -3.595  1.00 16.89 ? 99  LYS A CB  1 
ATOM   515  C CG  . LYS A 1 72  ? 8.395   -18.648 -2.834  1.00 20.17 ? 99  LYS A CG  1 
ATOM   516  C CD  . LYS A 1 72  ? 9.485   -19.485 -3.475  1.00 22.90 ? 99  LYS A CD  1 
ATOM   517  C CE  . LYS A 1 72  ? 9.879   -20.679 -2.624  1.00 25.24 ? 99  LYS A CE  1 
ATOM   518  N NZ  . LYS A 1 72  ? 11.091  -21.354 -3.177  1.00 26.94 ? 99  LYS A NZ  1 
ATOM   519  N N   . ILE A 1 73  ? 7.378   -15.161 -1.519  1.00 11.60 ? 100 ILE A N   1 
ATOM   520  C CA  . ILE A 1 73  ? 7.469   -14.732 -0.119  1.00 11.29 ? 100 ILE A CA  1 
ATOM   521  C C   . ILE A 1 73  ? 6.290   -13.870 0.300   1.00 10.81 ? 100 ILE A C   1 
ATOM   522  O O   . ILE A 1 73  ? 5.803   -13.989 1.427   1.00 11.65 ? 100 ILE A O   1 
ATOM   523  C CB  . ILE A 1 73  ? 8.800   -13.962 0.073   1.00 11.89 ? 100 ILE A CB  1 
ATOM   524  C CG1 . ILE A 1 73  ? 9.997   -14.905 -0.215  1.00 13.02 ? 100 ILE A CG1 1 
ATOM   525  C CG2 . ILE A 1 73  ? 8.875   -13.299 1.455   1.00 11.57 ? 100 ILE A CG2 1 
ATOM   526  C CD1 . ILE A 1 73  ? 11.323  -14.247 -0.444  1.00 14.54 ? 100 ILE A CD1 1 
ATOM   527  N N   . ILE A 1 74  ? 5.849   -12.984 -0.574  1.00 9.09  ? 101 ILE A N   1 
ATOM   528  C CA  . ILE A 1 74  ? 4.763   -12.064 -0.258  1.00 8.72  ? 101 ILE A CA  1 
ATOM   529  C C   . ILE A 1 74  ? 3.449   -12.595 -0.829  1.00 9.93  ? 101 ILE A C   1 
ATOM   530  O O   . ILE A 1 74  ? 3.217   -12.557 -2.032  1.00 10.44 ? 101 ILE A O   1 
ATOM   531  C CB  . ILE A 1 74  ? 5.104   -10.654 -0.794  1.00 7.72  ? 101 ILE A CB  1 
ATOM   532  C CG1 . ILE A 1 74  ? 6.391   -10.139 -0.124  1.00 7.93  ? 101 ILE A CG1 1 
ATOM   533  C CG2 . ILE A 1 74  ? 3.939   -9.669  -0.621  1.00 7.66  ? 101 ILE A CG2 1 
ATOM   534  C CD1 . ILE A 1 74  ? 6.315   -10.015 1.383   1.00 7.69  ? 101 ILE A CD1 1 
ATOM   535  N N   . LYS A 1 75  ? 2.588   -13.042 0.085   1.00 11.38 ? 102 LYS A N   1 
ATOM   536  C CA  . LYS A 1 75  ? 1.346   -13.688 -0.315  1.00 13.06 ? 102 LYS A CA  1 
ATOM   537  C C   . LYS A 1 75  ? 0.216   -12.703 -0.495  1.00 11.93 ? 102 LYS A C   1 
ATOM   538  O O   . LYS A 1 75  ? -0.722  -12.974 -1.230  1.00 12.27 ? 102 LYS A O   1 
ATOM   539  C CB  . LYS A 1 75  ? 0.937   -14.750 0.721   1.00 16.15 ? 102 LYS A CB  1 
ATOM   540  C CG  . LYS A 1 75  ? 2.004   -15.793 1.055   1.00 19.99 ? 102 LYS A CG  1 
ATOM   541  C CD  . LYS A 1 75  ? 2.428   -16.667 -0.098  1.00 23.73 ? 102 LYS A CD  1 
ATOM   542  C CE  . LYS A 1 75  ? 3.412   -17.715 0.418   1.00 27.50 ? 102 LYS A CE  1 
ATOM   543  N NZ  . LYS A 1 75  ? 3.855   -18.721 -0.599  1.00 30.09 ? 102 LYS A NZ  1 
ATOM   544  N N   . THR A 1 76  ? 0.305   -11.560 0.186   1.00 10.62 ? 103 THR A N   1 
ATOM   545  C CA  . THR A 1 76  ? -0.725  -10.522 0.119   1.00 10.96 ? 103 THR A CA  1 
ATOM   546  C C   . THR A 1 76  ? -0.080  -9.207  -0.311  1.00 9.89  ? 103 THR A C   1 
ATOM   547  O O   . THR A 1 76  ? 0.174   -8.344  0.510   1.00 8.83  ? 103 THR A O   1 
ATOM   548  C CB  . THR A 1 76  ? -1.425  -10.341 1.482   1.00 12.46 ? 103 THR A CB  1 
ATOM   549  O OG1 . THR A 1 76  ? -1.929  -11.613 1.917   1.00 15.21 ? 103 THR A OG1 1 
ATOM   550  C CG2 . THR A 1 76  ? -2.582  -9.374  1.366   1.00 12.74 ? 103 THR A CG2 1 
ATOM   551  N N   . PRO A 1 77  ? 0.190   -9.037  -1.605  1.00 9.07  ? 104 PRO A N   1 
ATOM   552  C CA  . PRO A 1 77  ? 0.824   -7.804  -2.043  1.00 8.73  ? 104 PRO A CA  1 
ATOM   553  C C   . PRO A 1 77  ? -0.059  -6.602  -1.843  1.00 7.71  ? 104 PRO A C   1 
ATOM   554  O O   . PRO A 1 77  ? -1.284  -6.698  -1.871  1.00 7.87  ? 104 PRO A O   1 
ATOM   555  C CB  . PRO A 1 77  ? 1.121   -8.038  -3.506  1.00 9.58  ? 104 PRO A CB  1 
ATOM   556  C CG  . PRO A 1 77  ? 0.355   -9.214  -3.885  1.00 10.29 ? 104 PRO A CG  1 
ATOM   557  C CD  . PRO A 1 77  ? -0.097  -9.954  -2.717  1.00 9.52  ? 104 PRO A CD  1 
ATOM   558  N N   . MET A 1 78  ? 0.566   -5.459  -1.616  1.00 6.89  ? 105 MET A N   1 
ATOM   559  C CA  . MET A 1 78  ? -0.183  -4.223  -1.504  1.00 6.95  ? 105 MET A CA  1 
ATOM   560  C C   . MET A 1 78  ? 0.692   -3.050  -1.870  1.00 7.03  ? 105 MET A C   1 
ATOM   561  O O   . MET A 1 78  ? 1.899   -3.080  -1.636  1.00 7.48  ? 105 MET A O   1 
ATOM   562  C CB  . MET A 1 78  ? -0.752  -4.057  -0.087  1.00 7.16  ? 105 MET A CB  1 
ATOM   563  C CG  . MET A 1 78  ? -1.726  -2.891  0.097   1.00 7.22  ? 105 MET A CG  1 
ATOM   564  S SD  . MET A 1 78  ? -3.084  -2.839  -1.088  1.00 7.47  ? 105 MET A SD  1 
ATOM   565  C CE  . MET A 1 78  ? -3.835  -4.433  -0.869  1.00 7.93  ? 105 MET A CE  1 
ATOM   566  N N   . ASP A 1 79  ? 0.083   -1.999  -2.424  1.00 6.48  ? 106 ASP A N   1 
ATOM   567  C CA  . ASP A 1 79  ? 0.806   -0.806  -2.893  1.00 6.88  ? 106 ASP A CA  1 
ATOM   568  C C   . ASP A 1 79  ? -0.142  0.381   -2.815  1.00 6.95  ? 106 ASP A C   1 
ATOM   569  O O   . ASP A 1 79  ? -1.356  0.209   -2.701  1.00 6.13  ? 106 ASP A O   1 
ATOM   570  C CB  . ASP A 1 79  ? 1.266   -1.007  -4.345  1.00 7.02  ? 106 ASP A CB  1 
ATOM   571  C CG  . ASP A 1 79  ? 0.120   -1.137  -5.278  1.00 7.09  ? 106 ASP A CG  1 
ATOM   572  O OD1 . ASP A 1 79  ? -0.464  -2.238  -5.363  1.00 7.33  ? 106 ASP A OD1 1 
ATOM   573  O OD2 . ASP A 1 79  ? -0.257  -0.116  -5.866  1.00 7.81  ? 106 ASP A OD2 1 
ATOM   574  N N   . MET A 1 80  ? 0.414   1.596   -2.883  1.00 7.55  ? 107 MET A N   1 
ATOM   575  C CA  . MET A 1 80  ? -0.397  2.799   -2.723  1.00 8.25  ? 107 MET A CA  1 
ATOM   576  C C   . MET A 1 80  ? -1.317  3.055   -3.892  1.00 7.50  ? 107 MET A C   1 
ATOM   577  O O   . MET A 1 80  ? -2.347  3.670   -3.682  1.00 7.94  ? 107 MET A O   1 
ATOM   578  C CB  . MET A 1 80  ? 0.452   4.024   -2.464  1.00 10.08 ? 107 MET A CB  1 
ATOM   579  C CG  . MET A 1 80  ? 1.093   3.930   -1.095  1.00 10.99 ? 107 MET A CG  1 
ATOM   580  S SD  . MET A 1 80  ? 1.429   5.487   -0.261  1.00 17.63 ? 107 MET A SD  1 
ATOM   581  C CE  . MET A 1 80  ? 2.547   5.903   -1.494  1.00 10.86 ? 107 MET A CE  1 
ATOM   582  N N   . GLY A 1 81  ? -0.975  2.593   -5.091  1.00 7.22  ? 108 GLY A N   1 
ATOM   583  C CA  . GLY A 1 81  ? -1.880  2.751   -6.204  1.00 6.92  ? 108 GLY A CA  1 
ATOM   584  C C   . GLY A 1 81  ? -3.161  1.956   -6.018  1.00 6.82  ? 108 GLY A C   1 
ATOM   585  O O   . GLY A 1 81  ? -4.258  2.433   -6.302  1.00 7.31  ? 108 GLY A O   1 
ATOM   586  N N   . THR A 1 82  ? -3.005  0.737   -5.496  1.00 6.52  ? 109 THR A N   1 
ATOM   587  C CA  . THR A 1 82  ? -4.130  -0.105  -5.122  1.00 6.30  ? 109 THR A CA  1 
ATOM   588  C C   . THR A 1 82  ? -4.978  0.506   -4.019  1.00 6.25  ? 109 THR A C   1 
ATOM   589  O O   . THR A 1 82  ? -6.199  0.560   -4.145  1.00 5.66  ? 109 THR A O   1 
ATOM   590  C CB  . THR A 1 82  ? -3.652  -1.522  -4.729  1.00 6.58  ? 109 THR A CB  1 
ATOM   591  O OG1 . THR A 1 82  ? -3.079  -2.136  -5.890  1.00 6.69  ? 109 THR A OG1 1 
ATOM   592  C CG2 . THR A 1 82  ? -4.811  -2.376  -4.244  1.00 6.69  ? 109 THR A CG2 1 
ATOM   593  N N   . ILE A 1 83  ? -4.328  1.049   -2.988  1.00 6.13  ? 110 ILE A N   1 
ATOM   594  C CA  . ILE A 1 83  ? -5.058  1.706   -1.915  1.00 6.32  ? 110 ILE A CA  1 
ATOM   595  C C   . ILE A 1 83  ? -5.817  2.934   -2.445  1.00 6.65  ? 110 ILE A C   1 
ATOM   596  O O   . ILE A 1 83  ? -6.974  3.153   -2.073  1.00 6.41  ? 110 ILE A O   1 
ATOM   597  C CB  . ILE A 1 83  ? -4.118  2.098   -0.759  1.00 6.50  ? 110 ILE A CB  1 
ATOM   598  C CG1 . ILE A 1 83  ? -3.549  0.830   -0.116  1.00 6.21  ? 110 ILE A CG1 1 
ATOM   599  C CG2 . ILE A 1 83  ? -4.844  2.951   0.277   1.00 6.86  ? 110 ILE A CG2 1 
ATOM   600  C CD1 . ILE A 1 83  ? -2.376  1.089   0.805   1.00 6.33  ? 110 ILE A CD1 1 
ATOM   601  N N   . LYS A 1 84  ? -5.174  3.704   -3.310  1.00 6.77  ? 111 LYS A N   1 
ATOM   602  C CA  . LYS A 1 84  ? -5.809  4.887   -3.903  1.00 7.46  ? 111 LYS A CA  1 
ATOM   603  C C   . LYS A 1 84  ? -7.062  4.476   -4.656  1.00 7.68  ? 111 LYS A C   1 
ATOM   604  O O   . LYS A 1 84  ? -8.124  5.082   -4.483  1.00 7.78  ? 111 LYS A O   1 
ATOM   605  C CB  . LYS A 1 84  ? -4.804  5.581   -4.834  1.00 7.72  ? 111 LYS A CB  1 
ATOM   606  C CG  . LYS A 1 84  ? -5.345  6.801   -5.576  1.00 8.70  ? 111 LYS A CG  1 
ATOM   607  C CD  . LYS A 1 84  ? -4.249  7.508   -6.347  1.00 9.14  ? 111 LYS A CD  1 
ATOM   608  C CE  . LYS A 1 84  ? -4.798  8.696   -7.147  1.00 9.65  ? 111 LYS A CE  1 
ATOM   609  N NZ  . LYS A 1 84  ? -5.474  8.272   -8.402  1.00 9.82  ? 111 LYS A NZ  1 
ATOM   610  N N   . LYS A 1 85  ? -6.960  3.439   -5.484  1.00 7.85  ? 112 LYS A N   1 
ATOM   611  C CA  . LYS A 1 85  ? -8.127  2.963   -6.234  1.00 8.26  ? 112 LYS A CA  1 
ATOM   612  C C   . LYS A 1 85  ? -9.220  2.440   -5.319  1.00 7.88  ? 112 LYS A C   1 
ATOM   613  O O   . LYS A 1 85  ? -10.412 2.648   -5.562  1.00 7.95  ? 112 LYS A O   1 
ATOM   614  C CB  . LYS A 1 85  ? -7.725  1.894   -7.250  1.00 9.48  ? 112 LYS A CB  1 
ATOM   615  C CG  . LYS A 1 85  ? -6.950  2.459   -8.409  1.00 10.67 ? 112 LYS A CG  1 
ATOM   616  C CD  . LYS A 1 85  ? -6.673  1.431   -9.483  1.00 12.64 ? 112 LYS A CD  1 
ATOM   617  C CE  . LYS A 1 85  ? -5.919  2.034   -10.654 1.00 14.09 ? 112 LYS A CE  1 
ATOM   618  N NZ  . LYS A 1 85  ? -6.715  3.128   -11.317 1.00 15.32 ? 112 LYS A NZ  1 
ATOM   619  N N   . ARG A 1 86  ? -8.848  1.703   -4.285  1.00 7.76  ? 113 ARG A N   1 
ATOM   620  C CA  . ARG A 1 86  ? -9.827  1.198   -3.329  1.00 7.57  ? 113 ARG A CA  1 
ATOM   621  C C   . ARG A 1 86  ? -10.578 2.355   -2.653  1.00 7.78  ? 113 ARG A C   1 
ATOM   622  O O   . ARG A 1 86  ? -11.814 2.322   -2.541  1.00 7.74  ? 113 ARG A O   1 
ATOM   623  C CB  . ARG A 1 86  ? -9.161  0.258   -2.310  1.00 7.40  ? 113 ARG A CB  1 
ATOM   624  C CG  . ARG A 1 86  ? -8.809  -1.075  -2.896  1.00 7.68  ? 113 ARG A CG  1 
ATOM   625  C CD  . ARG A 1 86  ? -8.119  -1.988  -1.925  1.00 7.94  ? 113 ARG A CD  1 
ATOM   626  N NE  . ARG A 1 86  ? -7.983  -3.299  -2.553  1.00 8.12  ? 113 ARG A NE  1 
ATOM   627  C CZ  . ARG A 1 86  ? -7.654  -4.414  -1.905  1.00 8.68  ? 113 ARG A CZ  1 
ATOM   628  N NH1 . ARG A 1 86  ? -7.343  -4.391  -0.616  1.00 8.51  ? 113 ARG A NH1 1 
ATOM   629  N NH2 . ARG A 1 86  ? -7.595  -5.551  -2.573  1.00 9.58  ? 113 ARG A NH2 1 
ATOM   630  N N   . LEU A 1 87  ? -9.856  3.398   -2.261  1.00 7.78  ? 114 LEU A N   1 
ATOM   631  C CA  . LEU A 1 87  ? -10.524 4.589   -1.704  1.00 8.15  ? 114 LEU A CA  1 
ATOM   632  C C   . LEU A 1 87  ? -11.436 5.262   -2.728  1.00 8.71  ? 114 LEU A C   1 
ATOM   633  O O   . LEU A 1 87  ? -12.590 5.612   -2.415  1.00 9.73  ? 114 LEU A O   1 
ATOM   634  C CB  . LEU A 1 87  ? -9.517  5.596   -1.160  1.00 8.29  ? 114 LEU A CB  1 
ATOM   635  C CG  . LEU A 1 87  ? -8.856  5.181   0.140   1.00 8.55  ? 114 LEU A CG  1 
ATOM   636  C CD1 . LEU A 1 87  ? -7.539  5.894   0.365   1.00 8.79  ? 114 LEU A CD1 1 
ATOM   637  C CD2 . LEU A 1 87  ? -9.806  5.377   1.312   1.00 8.80  ? 114 LEU A CD2 1 
ATOM   638  N N   . GLU A 1 88  ? -10.968 5.419   -3.958  1.00 9.09  ? 115 GLU A N   1 
ATOM   639  C CA  . GLU A 1 88  ? -11.776 6.062   -4.998  1.00 9.27  ? 115 GLU A CA  1 
ATOM   640  C C   . GLU A 1 88  ? -13.036 5.310   -5.296  1.00 10.00 ? 115 GLU A C   1 
ATOM   641  O O   . GLU A 1 88  ? -14.088 5.906   -5.590  1.00 10.79 ? 115 GLU A O   1 
ATOM   642  C CB  . GLU A 1 88  ? -10.961 6.170   -6.284  1.00 9.85  ? 115 GLU A CB  1 
ATOM   643  C CG  . GLU A 1 88  ? -9.816  7.142   -6.188  1.00 9.41  ? 115 GLU A CG  1 
ATOM   644  C CD  . GLU A 1 88  ? -8.725  6.952   -7.246  1.00 9.40  ? 115 GLU A CD  1 
ATOM   645  O OE1 . GLU A 1 88  ? -8.699  5.936   -7.981  1.00 9.96  ? 115 GLU A OE1 1 
ATOM   646  O OE2 . GLU A 1 88  ? -7.897  7.879   -7.364  1.00 9.74  ? 115 GLU A OE2 1 
ATOM   647  N N   . ASN A 1 89  ? -12.947 3.990   -5.258  1.00 9.70  ? 116 ASN A N   1 
ATOM   648  C CA  . ASN A 1 89  ? -14.050 3.107   -5.603  1.00 10.32 ? 116 ASN A CA  1 
ATOM   649  C C   . ASN A 1 89  ? -14.924 2.745   -4.402  1.00 10.60 ? 116 ASN A C   1 
ATOM   650  O O   . ASN A 1 89  ? -15.823 1.914   -4.541  1.00 11.52 ? 116 ASN A O   1 
ATOM   651  C CB  . ASN A 1 89  ? -13.531 1.814   -6.241  1.00 10.92 ? 116 ASN A CB  1 
ATOM   652  C CG  . ASN A 1 89  ? -12.797 2.049   -7.536  1.00 12.34 ? 116 ASN A CG  1 
ATOM   653  O OD1 . ASN A 1 89  ? -12.978 3.066   -8.179  1.00 15.77 ? 116 ASN A OD1 1 
ATOM   654  N ND2 . ASN A 1 89  ? -11.959 1.105   -7.909  1.00 12.32 ? 116 ASN A ND2 1 
ATOM   655  N N   . ASN A 1 90  ? -14.647 3.341   -3.248  1.00 10.46 ? 117 ASN A N   1 
ATOM   656  C CA  . ASN A 1 90  ? -15.395 3.058   -2.010  1.00 10.97 ? 117 ASN A CA  1 
ATOM   657  C C   . ASN A 1 90  ? -15.367 1.569   -1.636  1.00 10.22 ? 117 ASN A C   1 
ATOM   658  O O   . ASN A 1 90  ? -16.337 0.989   -1.158  1.00 11.23 ? 117 ASN A O   1 
ATOM   659  C CB  . ASN A 1 90  ? -16.838 3.585   -2.129  1.00 12.04 ? 117 ASN A CB  1 
ATOM   660  C CG  . ASN A 1 90  ? -17.477 3.859   -0.782  1.00 13.89 ? 117 ASN A CG  1 
ATOM   661  O OD1 . ASN A 1 90  ? -18.533 3.309   -0.493  1.00 15.19 ? 117 ASN A OD1 1 
ATOM   662  N ND2 . ASN A 1 90  ? -16.863 4.705   0.034   1.00 14.94 ? 117 ASN A ND2 1 
ATOM   663  N N   . TYR A 1 91  ? -14.207 0.946   -1.832  1.00 9.18  ? 118 TYR A N   1 
ATOM   664  C CA  . TYR A 1 91  ? -14.019 -0.481  -1.567  1.00 9.42  ? 118 TYR A CA  1 
ATOM   665  C C   . TYR A 1 91  ? -14.048 -0.788  -0.074  1.00 9.02  ? 118 TYR A C   1 
ATOM   666  O O   . TYR A 1 91  ? -14.476 -1.859  0.335   1.00 9.39  ? 118 TYR A O   1 
ATOM   667  C CB  . TYR A 1 91  ? -12.675 -0.898  -2.161  1.00 9.37  ? 118 TYR A CB  1 
ATOM   668  C CG  . TYR A 1 91  ? -12.256 -2.338  -2.037  1.00 10.10 ? 118 TYR A CG  1 
ATOM   669  C CD1 . TYR A 1 91  ? -11.494 -2.768  -0.972  1.00 10.10 ? 118 TYR A CD1 1 
ATOM   670  C CD2 . TYR A 1 91  ? -12.586 -3.259  -3.012  1.00 11.43 ? 118 TYR A CD2 1 
ATOM   671  C CE1 . TYR A 1 91  ? -11.073 -4.068  -0.872  1.00 11.40 ? 118 TYR A CE1 1 
ATOM   672  C CE2 . TYR A 1 91  ? -12.165 -4.575  -2.919  1.00 11.68 ? 118 TYR A CE2 1 
ATOM   673  C CZ  . TYR A 1 91  ? -11.396 -4.958  -1.851  1.00 12.54 ? 118 TYR A CZ  1 
ATOM   674  O OH  . TYR A 1 91  ? -10.962 -6.275  -1.740  1.00 16.26 ? 118 TYR A OH  1 
ATOM   675  N N   . TYR A 1 92  ? -13.577 0.153   0.739   1.00 8.62  ? 119 TYR A N   1 
ATOM   676  C CA  . TYR A 1 92  ? -13.456 -0.055  2.181   1.00 8.73  ? 119 TYR A CA  1 
ATOM   677  C C   . TYR A 1 92  ? -14.749 0.316   2.893   1.00 9.12  ? 119 TYR A C   1 
ATOM   678  O O   . TYR A 1 92  ? -15.362 1.342   2.597   1.00 10.17 ? 119 TYR A O   1 
ATOM   679  C CB  . TYR A 1 92  ? -12.333 0.802   2.749   1.00 8.65  ? 119 TYR A CB  1 
ATOM   680  C CG  . TYR A 1 92  ? -10.954 0.563   2.138   1.00 8.10  ? 119 TYR A CG  1 
ATOM   681  C CD1 . TYR A 1 92  ? -10.316 -0.653  2.278   1.00 7.61  ? 119 TYR A CD1 1 
ATOM   682  C CD2 . TYR A 1 92  ? -10.277 1.576   1.478   1.00 7.95  ? 119 TYR A CD2 1 
ATOM   683  C CE1 . TYR A 1 92  ? -9.049  -0.880  1.788   1.00 7.98  ? 119 TYR A CE1 1 
ATOM   684  C CE2 . TYR A 1 92  ? -9.003  1.366   0.970   1.00 8.18  ? 119 TYR A CE2 1 
ATOM   685  C CZ  . TYR A 1 92  ? -8.385  0.152   1.128   1.00 8.09  ? 119 TYR A CZ  1 
ATOM   686  O OH  . TYR A 1 92  ? -7.124  -0.047  0.620   1.00 8.66  ? 119 TYR A OH  1 
ATOM   687  N N   . TRP A 1 93  ? -15.123 -0.513  3.853   1.00 9.54  ? 120 TRP A N   1 
ATOM   688  C CA  . TRP A 1 93  ? -16.260 -0.197  4.722   1.00 10.25 ? 120 TRP A CA  1 
ATOM   689  C C   . TRP A 1 93  ? -15.925 0.823   5.789   1.00 11.05 ? 120 TRP A C   1 
ATOM   690  O O   . TRP A 1 93  ? -16.819 1.518   6.291   1.00 13.03 ? 120 TRP A O   1 
ATOM   691  C CB  . TRP A 1 93  ? -16.709 -1.455  5.414   1.00 10.43 ? 120 TRP A CB  1 
ATOM   692  C CG  . TRP A 1 93  ? -17.400 -2.425  4.544   1.00 10.38 ? 120 TRP A CG  1 
ATOM   693  C CD1 . TRP A 1 93  ? -16.866 -3.509  3.904   1.00 11.05 ? 120 TRP A CD1 1 
ATOM   694  C CD2 . TRP A 1 93  ? -18.794 -2.437  4.263   1.00 10.78 ? 120 TRP A CD2 1 
ATOM   695  N NE1 . TRP A 1 93  ? -17.857 -4.182  3.234   1.00 11.01 ? 120 TRP A NE1 1 
ATOM   696  C CE2 . TRP A 1 93  ? -19.047 -3.544  3.439   1.00 10.72 ? 120 TRP A CE2 1 
ATOM   697  C CE3 . TRP A 1 93  ? -19.860 -1.607  4.624   1.00 11.26 ? 120 TRP A CE3 1 
ATOM   698  C CZ2 . TRP A 1 93  ? -20.324 -3.862  2.985   1.00 11.28 ? 120 TRP A CZ2 1 
ATOM   699  C CZ3 . TRP A 1 93  ? -21.151 -1.952  4.186   1.00 11.95 ? 120 TRP A CZ3 1 
ATOM   700  C CH2 . TRP A 1 93  ? -21.356 -3.050  3.364   1.00 11.53 ? 120 TRP A CH2 1 
ATOM   701  N N   . ASN A 1 94  ? -14.653 0.917   6.172   1.00 10.57 ? 121 ASN A N   1 
ATOM   702  C CA  . ASN A 1 94  ? -14.271 1.814   7.257   1.00 10.91 ? 121 ASN A CA  1 
ATOM   703  C C   . ASN A 1 94  ? -12.799 2.110   7.188   1.00 10.89 ? 121 ASN A C   1 
ATOM   704  O O   . ASN A 1 94  ? -12.069 1.503   6.390   1.00 10.04 ? 121 ASN A O   1 
ATOM   705  C CB  . ASN A 1 94  ? -14.652 1.179   8.621   1.00 11.52 ? 121 ASN A CB  1 
ATOM   706  C CG  . ASN A 1 94  ? -13.980 -0.174  8.886   1.00 12.66 ? 121 ASN A CG  1 
ATOM   707  O OD1 . ASN A 1 94  ? -12.799 -0.356  8.659   1.00 13.12 ? 121 ASN A OD1 1 
ATOM   708  N ND2 . ASN A 1 94  ? -14.735 -1.124  9.395   1.00 13.63 ? 121 ASN A ND2 1 
ATOM   709  N N   . ALA A 1 95  ? -12.354 3.020   8.030   1.00 10.82 ? 122 ALA A N   1 
ATOM   710  C CA  . ALA A 1 95  ? -10.975 3.478   8.029   1.00 11.03 ? 122 ALA A CA  1 
ATOM   711  C C   . ALA A 1 95  ? -10.024 2.366   8.408   1.00 11.60 ? 122 ALA A C   1 
ATOM   712  O O   . ALA A 1 95  ? -8.894  2.301   7.911   1.00 10.73 ? 122 ALA A O   1 
ATOM   713  C CB  . ALA A 1 95  ? -10.828 4.637   9.003   1.00 11.59 ? 122 ALA A CB  1 
ATOM   714  N N   . GLN A 1 96  ? -10.445 1.482   9.289   1.00 11.65 ? 123 GLN A N   1 
ATOM   715  C CA  . GLN A 1 96  ? -9.609  0.390   9.768   1.00 12.89 ? 123 GLN A CA  1 
ATOM   716  C C   . GLN A 1 96  ? -9.170  -0.518  8.615   1.00 11.07 ? 123 GLN A C   1 
ATOM   717  O O   . GLN A 1 96  ? -8.037  -0.975  8.561   1.00 10.30 ? 123 GLN A O   1 
ATOM   718  C CB  . GLN A 1 96  ? -10.372 -0.417  10.833  1.00 16.30 ? 123 GLN A CB  1 
ATOM   719  C CG  . GLN A 1 96  ? -9.625  -1.543  11.510  1.00 21.33 ? 123 GLN A CG  1 
ATOM   720  C CD  . GLN A 1 96  ? -10.444 -2.162  12.649  1.00 26.73 ? 123 GLN A CD  1 
ATOM   721  O OE1 . GLN A 1 96  ? -10.652 -3.379  12.705  1.00 32.00 ? 123 GLN A OE1 1 
ATOM   722  N NE2 . GLN A 1 96  ? -10.927 -1.317  13.559  1.00 32.74 ? 123 GLN A NE2 1 
ATOM   723  N N   . GLU A 1 97  ? -10.085 -0.792  7.696   1.00 10.23 ? 124 GLU A N   1 
ATOM   724  C CA  . GLU A 1 97  ? -9.729  -1.637  6.547   1.00 9.65  ? 124 GLU A CA  1 
ATOM   725  C C   . GLU A 1 97  ? -8.665  -0.989  5.703   1.00 9.19  ? 124 GLU A C   1 
ATOM   726  O O   . GLU A 1 97  ? -7.751  -1.671  5.209   1.00 9.20  ? 124 GLU A O   1 
ATOM   727  C CB  . GLU A 1 97  ? -10.961 -1.941  5.697   1.00 10.31 ? 124 GLU A CB  1 
ATOM   728  C CG  . GLU A 1 97  ? -11.907 -2.929  6.362   1.00 10.92 ? 124 GLU A CG  1 
ATOM   729  C CD  . GLU A 1 97  ? -13.002 -3.385  5.423   1.00 11.87 ? 124 GLU A CD  1 
ATOM   730  O OE1 . GLU A 1 97  ? -13.431 -2.597  4.563   1.00 12.61 ? 124 GLU A OE1 1 
ATOM   731  O OE2 . GLU A 1 97  ? -13.444 -4.528  5.582   1.00 14.97 ? 124 GLU A OE2 1 
ATOM   732  N N   . CYS A 1 98  ? -8.773  0.319   5.507   1.00 8.26  ? 125 CYS A N   1 
ATOM   733  C CA  . CYS A 1 98  ? -7.772  1.038   4.741   1.00 8.41  ? 125 CYS A CA  1 
ATOM   734  C C   . CYS A 1 98  ? -6.432  1.045   5.463   1.00 8.59  ? 125 CYS A C   1 
ATOM   735  O O   . CYS A 1 98  ? -5.378  0.736   4.862   1.00 8.21  ? 125 CYS A O   1 
ATOM   736  C CB  . CYS A 1 98  ? -8.262  2.439   4.443   1.00 8.95  ? 125 CYS A CB  1 
ATOM   737  S SG  . CYS A 1 98  ? -7.065  3.465   3.618   1.00 9.78  ? 125 CYS A SG  1 
ATOM   738  N N   . ILE A 1 99  ? -6.455  1.356   6.757   1.00 8.40  ? 126 ILE A N   1 
ATOM   739  C CA  . ILE A 1 99  ? -5.243  1.289   7.584   1.00 8.81  ? 126 ILE A CA  1 
ATOM   740  C C   . ILE A 1 99  ? -4.570  -0.093  7.516   1.00 8.81  ? 126 ILE A C   1 
ATOM   741  O O   . ILE A 1 99  ? -3.341  -0.198  7.438   1.00 8.52  ? 126 ILE A O   1 
ATOM   742  C CB  . ILE A 1 99  ? -5.575  1.697   9.041   1.00 9.47  ? 126 ILE A CB  1 
ATOM   743  C CG1 . ILE A 1 99  ? -5.886  3.211   9.078   1.00 10.00 ? 126 ILE A CG1 1 
ATOM   744  C CG2 . ILE A 1 99  ? -4.455  1.351   10.016  1.00 9.95  ? 126 ILE A CG2 1 
ATOM   745  C CD1 . ILE A 1 99  ? -6.697  3.686   10.282  1.00 10.74 ? 126 ILE A CD1 1 
ATOM   746  N N   . GLN A 1 100 ? -5.364  -1.154  7.546   1.00 8.74  ? 127 GLN A N   1 
ATOM   747  C CA  . GLN A 1 100 ? -4.831  -2.494  7.428   1.00 9.66  ? 127 GLN A CA  1 
ATOM   748  C C   . GLN A 1 100 ? -4.044  -2.669  6.125   1.00 8.46  ? 127 GLN A C   1 
ATOM   749  O O   . GLN A 1 100 ? -2.998  -3.259  6.110   1.00 8.37  ? 127 GLN A O   1 
ATOM   750  C CB  . GLN A 1 100 ? -5.955  -3.522  7.498   1.00 12.13 ? 127 GLN A CB  1 
ATOM   751  C CG  . GLN A 1 100 ? -5.469  -4.956  7.416   1.00 16.51 ? 127 GLN A CG  1 
ATOM   752  C CD  . GLN A 1 100 ? -6.518  -5.945  7.898   1.00 22.04 ? 127 GLN A CD  1 
ATOM   753  O OE1 . GLN A 1 100 ? -7.743  -5.703  7.786   1.00 29.19 ? 127 GLN A OE1 1 
ATOM   754  N NE2 . GLN A 1 100 ? -6.049  -7.060  8.489   1.00 27.25 ? 127 GLN A NE2 1 
ATOM   755  N N   . ASP A 1 101 ? -4.555  -2.145  5.024   1.00 7.45  ? 128 ASP A N   1 
ATOM   756  C CA  . ASP A 1 101 ? -3.820  -2.246  3.748   1.00 7.00  ? 128 ASP A CA  1 
ATOM   757  C C   . ASP A 1 101 ? -2.514  -1.464  3.772   1.00 6.82  ? 128 ASP A C   1 
ATOM   758  O O   . ASP A 1 101 ? -1.509  -1.938  3.246   1.00 6.15  ? 128 ASP A O   1 
ATOM   759  C CB  . ASP A 1 101 ? -4.666  -1.787  2.543   1.00 7.25  ? 128 ASP A CB  1 
ATOM   760  C CG  . ASP A 1 101 ? -5.625  -2.856  2.017   1.00 7.70  ? 128 ASP A CG  1 
ATOM   761  O OD1 . ASP A 1 101 ? -5.551  -4.015  2.448   1.00 8.30  ? 128 ASP A OD1 1 
ATOM   762  O OD2 . ASP A 1 101 ? -6.437  -2.502  1.130   1.00 8.21  ? 128 ASP A OD2 1 
ATOM   763  N N   . PHE A 1 102 ? -2.482  -0.269  4.387   1.00 6.68  ? 129 PHE A N   1 
ATOM   764  C CA  . PHE A 1 102 ? -1.205  0.432   4.553   1.00 7.39  ? 129 PHE A CA  1 
ATOM   765  C C   . PHE A 1 102 ? -0.250  -0.443  5.367   1.00 7.51  ? 129 PHE A C   1 
ATOM   766  O O   . PHE A 1 102 ? 0.932   -0.599  5.024   1.00 7.55  ? 129 PHE A O   1 
ATOM   767  C CB  . PHE A 1 102 ? -1.405  1.784   5.238   1.00 7.56  ? 129 PHE A CB  1 
ATOM   768  C CG  . PHE A 1 102 ? -1.774  2.913   4.302   1.00 8.10  ? 129 PHE A CG  1 
ATOM   769  C CD1 . PHE A 1 102 ? -0.771  3.582   3.603   1.00 8.63  ? 129 PHE A CD1 1 
ATOM   770  C CD2 . PHE A 1 102 ? -3.103  3.315   4.138   1.00 8.68  ? 129 PHE A CD2 1 
ATOM   771  C CE1 . PHE A 1 102 ? -1.080  4.618   2.750   1.00 8.98  ? 129 PHE A CE1 1 
ATOM   772  C CE2 . PHE A 1 102 ? -3.406  4.391   3.296   1.00 8.69  ? 129 PHE A CE2 1 
ATOM   773  C CZ  . PHE A 1 102 ? -2.380  5.023   2.600   1.00 8.93  ? 129 PHE A CZ  1 
ATOM   774  N N   . ASN A 1 103 ? -0.744  -1.019  6.462   1.00 7.72  ? 130 ASN A N   1 
ATOM   775  C CA  . ASN A 1 103 ? 0.089   -1.887  7.282   1.00 8.74  ? 130 ASN A CA  1 
ATOM   776  C C   . ASN A 1 103 ? 0.639   -3.088  6.513   1.00 7.89  ? 130 ASN A C   1 
ATOM   777  O O   . ASN A 1 103 ? 1.799   -3.462  6.690   1.00 7.41  ? 130 ASN A O   1 
ATOM   778  C CB  . ASN A 1 103 ? -0.679  -2.339  8.522   1.00 10.63 ? 130 ASN A CB  1 
ATOM   779  C CG  . ASN A 1 103 ? 0.162   -3.216  9.450   1.00 13.23 ? 130 ASN A CG  1 
ATOM   780  O OD1 . ASN A 1 103 ? 1.064   -2.732  10.143  1.00 16.70 ? 130 ASN A OD1 1 
ATOM   781  N ND2 . ASN A 1 103 ? -0.089  -4.505  9.428   1.00 14.76 ? 130 ASN A ND2 1 
ATOM   782  N N   . THR A 1 104 ? -0.198  -3.703  5.686   1.00 6.95  ? 131 THR A N   1 
ATOM   783  C CA  . THR A 1 104 ? 0.236   -4.798  4.832   1.00 6.78  ? 131 THR A CA  1 
ATOM   784  C C   . THR A 1 104 ? 1.338   -4.346  3.892   1.00 6.52  ? 131 THR A C   1 
ATOM   785  O O   . THR A 1 104 ? 2.340   -5.026  3.735   1.00 6.34  ? 131 THR A O   1 
ATOM   786  C CB  . THR A 1 104 ? -0.946  -5.387  4.040   1.00 6.98  ? 131 THR A CB  1 
ATOM   787  O OG1 . THR A 1 104 ? -1.873  -5.955  4.994   1.00 7.81  ? 131 THR A OG1 1 
ATOM   788  C CG2 . THR A 1 104 ? -0.532  -6.398  3.007   1.00 7.44  ? 131 THR A CG2 1 
ATOM   789  N N   . MET A 1 105 ? 1.181   -3.173  3.282   1.00 6.12  ? 132 MET A N   1 
ATOM   790  C CA  . MET A 1 105 ? 2.221   -2.651  2.387   1.00 6.28  ? 132 MET A CA  1 
ATOM   791  C C   . MET A 1 105 ? 3.562   -2.475  3.120   1.00 6.25  ? 132 MET A C   1 
ATOM   792  O O   . MET A 1 105 ? 4.606   -2.905  2.646   1.00 6.44  ? 132 MET A O   1 
ATOM   793  C CB  . MET A 1 105 ? 1.758   -1.325  1.800   1.00 6.36  ? 132 MET A CB  1 
ATOM   794  C CG  . MET A 1 105 ? 2.797   -0.663  0.903   1.00 6.84  ? 132 MET A CG  1 
ATOM   795  S SD  . MET A 1 105 ? 2.221   0.894   0.246   1.00 7.29  ? 132 MET A SD  1 
ATOM   796  C CE  . MET A 1 105 ? 2.309   1.925   1.684   1.00 8.83  ? 132 MET A CE  1 
ATOM   797  N N   . PHE A 1 106 ? 3.530   -1.835  4.288   1.00 6.57  ? 133 PHE A N   1 
ATOM   798  C CA  . PHE A 1 106 ? 4.796   -1.618  5.008   1.00 7.20  ? 133 PHE A CA  1 
ATOM   799  C C   . PHE A 1 106 ? 5.413   -2.936  5.490   1.00 6.91  ? 133 PHE A C   1 
ATOM   800  O O   . PHE A 1 106 ? 6.633   -3.183  5.310   1.00 6.90  ? 133 PHE A O   1 
ATOM   801  C CB  . PHE A 1 106 ? 4.611   -0.669  6.191   1.00 7.85  ? 133 PHE A CB  1 
ATOM   802  C CG  . PHE A 1 106 ? 4.162   0.702   5.802   1.00 8.44  ? 133 PHE A CG  1 
ATOM   803  C CD1 . PHE A 1 106 ? 4.869   1.431   4.875   1.00 9.10  ? 133 PHE A CD1 1 
ATOM   804  C CD2 . PHE A 1 106 ? 3.024   1.272   6.381   1.00 9.18  ? 133 PHE A CD2 1 
ATOM   805  C CE1 . PHE A 1 106 ? 4.459   2.703   4.500   1.00 9.43  ? 133 PHE A CE1 1 
ATOM   806  C CE2 . PHE A 1 106 ? 2.628   2.535   6.011   1.00 9.63  ? 133 PHE A CE2 1 
ATOM   807  C CZ  . PHE A 1 106 ? 3.348   3.243   5.079   1.00 9.40  ? 133 PHE A CZ  1 
ATOM   808  N N   . THR A 1 107 ? 4.583   -3.789  6.093   1.00 7.10  ? 134 THR A N   1 
ATOM   809  C CA  . THR A 1 107 ? 5.125   -5.044  6.607   1.00 7.53  ? 134 THR A CA  1 
ATOM   810  C C   . THR A 1 107 ? 5.606   -5.963  5.481   1.00 6.97  ? 134 THR A C   1 
ATOM   811  O O   . THR A 1 107 ? 6.585   -6.675  5.681   1.00 7.32  ? 134 THR A O   1 
ATOM   812  C CB  . THR A 1 107 ? 4.191   -5.765  7.568   1.00 8.35  ? 134 THR A CB  1 
ATOM   813  O OG1 . THR A 1 107 ? 2.968   -6.020  6.918   1.00 9.34  ? 134 THR A OG1 1 
ATOM   814  C CG2 . THR A 1 107 ? 3.918   -4.970  8.764   1.00 8.97  ? 134 THR A CG2 1 
ATOM   815  N N   . ASN A 1 108 ? 4.985   -5.928  4.295   1.00 6.23  ? 135 ASN A N   1 
ATOM   816  C CA  . ASN A 1 108 ? 5.530   -6.748  3.205   1.00 6.19  ? 135 ASN A CA  1 
ATOM   817  C C   . ASN A 1 108 ? 6.969   -6.339  2.924   1.00 6.35  ? 135 ASN A C   1 
ATOM   818  O O   . ASN A 1 108 ? 7.836   -7.158  2.643   1.00 6.18  ? 135 ASN A O   1 
ATOM   819  C CB  . ASN A 1 108 ? 4.729   -6.546  1.929   1.00 6.09  ? 135 ASN A CB  1 
ATOM   820  C CG  . ASN A 1 108 ? 3.396   -7.253  1.920   1.00 6.32  ? 135 ASN A CG  1 
ATOM   821  O OD1 . ASN A 1 108 ? 3.135   -8.136  2.717   1.00 6.75  ? 135 ASN A OD1 1 
ATOM   822  N ND2 . ASN A 1 108 ? 2.552   -6.869  0.965   1.00 6.42  ? 135 ASN A ND2 1 
ATOM   823  N N   . CYS A 1 109 ? 7.245   -5.034  2.983   1.00 6.32  ? 136 CYS A N   1 
ATOM   824  C CA  . CYS A 1 109 ? 8.574   -4.537  2.732   1.00 6.41  ? 136 CYS A CA  1 
ATOM   825  C C   . CYS A 1 109 ? 9.552   -5.069  3.808   1.00 6.30  ? 136 CYS A C   1 
ATOM   826  O O   . CYS A 1 109 ? 10.636  -5.521  3.478   1.00 6.07  ? 136 CYS A O   1 
ATOM   827  C CB  . CYS A 1 109 ? 8.558   -3.000  2.661   1.00 6.60  ? 136 CYS A CB  1 
ATOM   828  S SG  . CYS A 1 109 ? 10.135  -2.258  2.224   1.00 7.62  ? 136 CYS A SG  1 
ATOM   829  N N   . TYR A 1 110 ? 9.122   -5.049  5.054   1.00 6.45  ? 137 TYR A N   1 
ATOM   830  C CA  . TYR A 1 110 ? 9.937   -5.568  6.134   1.00 6.51  ? 137 TYR A CA  1 
ATOM   831  C C   . TYR A 1 110 ? 10.152  -7.067  6.054   1.00 6.65  ? 137 TYR A C   1 
ATOM   832  O O   . TYR A 1 110 ? 11.227  -7.550  6.398   1.00 7.13  ? 137 TYR A O   1 
ATOM   833  C CB  . TYR A 1 110 ? 9.331   -5.189  7.483   1.00 6.55  ? 137 TYR A CB  1 
ATOM   834  C CG  . TYR A 1 110 ? 9.001   -3.723  7.691   1.00 6.86  ? 137 TYR A CG  1 
ATOM   835  C CD1 . TYR A 1 110 ? 9.710   -2.725  7.051   1.00 7.42  ? 137 TYR A CD1 1 
ATOM   836  C CD2 . TYR A 1 110 ? 7.956   -3.359  8.534   1.00 6.78  ? 137 TYR A CD2 1 
ATOM   837  C CE1 . TYR A 1 110 ? 9.408   -1.386  7.247   1.00 7.58  ? 137 TYR A CE1 1 
ATOM   838  C CE2 . TYR A 1 110 ? 7.629   -2.023  8.723   1.00 7.14  ? 137 TYR A CE2 1 
ATOM   839  C CZ  . TYR A 1 110 ? 8.378   -1.046  8.082   1.00 7.64  ? 137 TYR A CZ  1 
ATOM   840  O OH  . TYR A 1 110 ? 8.052   0.305   8.252   1.00 9.23  ? 137 TYR A OH  1 
ATOM   841  N N   . ILE A 1 111 ? 9.141   -7.781  5.603   1.00 6.48  ? 138 ILE A N   1 
ATOM   842  C CA  . ILE A 1 111 ? 9.239   -9.228  5.445   1.00 6.66  ? 138 ILE A CA  1 
ATOM   843  C C   . ILE A 1 111 ? 10.199  -9.612  4.340   1.00 7.39  ? 138 ILE A C   1 
ATOM   844  O O   . ILE A 1 111 ? 11.071  -10.446 4.561   1.00 7.72  ? 138 ILE A O   1 
ATOM   845  C CB  . ILE A 1 111 ? 7.866   -9.810  5.142   1.00 6.59  ? 138 ILE A CB  1 
ATOM   846  C CG1 . ILE A 1 111 ? 6.980   -9.756  6.413   1.00 6.63  ? 138 ILE A CG1 1 
ATOM   847  C CG2 . ILE A 1 111 ? 7.971   -11.246 4.608   1.00 6.84  ? 138 ILE A CG2 1 
ATOM   848  C CD1 . ILE A 1 111 ? 5.495   -9.981  6.160   1.00 7.18  ? 138 ILE A CD1 1 
ATOM   849  N N   . TYR A 1 112 ? 10.108  -8.979  3.182   1.00 7.19  ? 139 TYR A N   1 
ATOM   850  C CA  . TYR A 1 112 ? 10.892  -9.419  2.030   1.00 7.75  ? 139 TYR A CA  1 
ATOM   851  C C   . TYR A 1 112 ? 12.353  -9.023  2.145   1.00 8.28  ? 139 TYR A C   1 
ATOM   852  O O   . TYR A 1 112 ? 13.262  -9.749  1.734   1.00 8.98  ? 139 TYR A O   1 
ATOM   853  C CB  . TYR A 1 112 ? 10.263  -8.865  0.721   1.00 7.93  ? 139 TYR A CB  1 
ATOM   854  C CG  . TYR A 1 112 ? 11.038  -9.312  -0.499  1.00 8.08  ? 139 TYR A CG  1 
ATOM   855  C CD1 . TYR A 1 112 ? 10.986  -10.632 -0.931  1.00 8.62  ? 139 TYR A CD1 1 
ATOM   856  C CD2 . TYR A 1 112 ? 11.873  -8.432  -1.167  1.00 8.60  ? 139 TYR A CD2 1 
ATOM   857  C CE1 . TYR A 1 112 ? 11.746  -11.051 -2.008  1.00 8.96  ? 139 TYR A CE1 1 
ATOM   858  C CE2 . TYR A 1 112 ? 12.643  -8.851  -2.233  1.00 9.38  ? 139 TYR A CE2 1 
ATOM   859  C CZ  . TYR A 1 112 ? 12.560  -10.149 -2.650  1.00 9.31  ? 139 TYR A CZ  1 
ATOM   860  O OH  . TYR A 1 112 ? 13.330  -10.595 -3.716  1.00 11.77 ? 139 TYR A OH  1 
ATOM   861  N N   . ASN A 1 113 ? 12.574  -7.824  2.651   1.00 8.50  ? 140 ASN A N   1 
ATOM   862  C CA  . ASN A 1 113 ? 13.894  -7.208  2.709   1.00 9.29  ? 140 ASN A CA  1 
ATOM   863  C C   . ASN A 1 113 ? 14.582  -7.411  4.045   1.00 10.80 ? 140 ASN A C   1 
ATOM   864  O O   . ASN A 1 113 ? 14.037  -8.012  4.962   1.00 13.41 ? 140 ASN A O   1 
ATOM   865  C CB  . ASN A 1 113 ? 13.745  -5.736  2.330   1.00 9.19  ? 140 ASN A CB  1 
ATOM   866  C CG  . ASN A 1 113 ? 13.139  -5.577  0.954   1.00 8.86  ? 140 ASN A CG  1 
ATOM   867  O OD1 . ASN A 1 113 ? 13.805  -5.865  -0.032  1.00 9.83  ? 140 ASN A OD1 1 
ATOM   868  N ND2 . ASN A 1 113 ? 11.874  -5.194  0.890   1.00 8.24  ? 140 ASN A ND2 1 
ATOM   869  N N   . LYS A 1 114 ? 15.838  -6.997  4.090   1.00 11.86 ? 141 LYS A N   1 
ATOM   870  C CA  . LYS A 1 114 ? 16.627  -7.127  5.329   1.00 13.75 ? 141 LYS A CA  1 
ATOM   871  C C   . LYS A 1 114 ? 16.547  -5.820  6.115   1.00 12.64 ? 141 LYS A C   1 
ATOM   872  O O   . LYS A 1 114 ? 16.436  -4.742  5.514   1.00 11.28 ? 141 LYS A O   1 
ATOM   873  C CB  . LYS A 1 114 ? 18.065  -7.547  5.035   1.00 16.94 ? 141 LYS A CB  1 
ATOM   874  C CG  . LYS A 1 114 ? 18.146  -9.032  4.628   1.00 20.41 ? 141 LYS A CG  1 
ATOM   875  C CD  . LYS A 1 114 ? 19.486  -9.346  3.983   1.00 24.18 ? 141 LYS A CD  1 
ATOM   876  C CE  . LYS A 1 114 ? 19.473  -10.610 3.120   1.00 27.00 ? 141 LYS A CE  1 
ATOM   877  N NZ  . LYS A 1 114 ? 19.972  -11.811 3.844   1.00 29.16 ? 141 LYS A NZ  1 
ATOM   878  N N   . PRO A 1 115 ? 16.571  -5.915  7.444   1.00 11.63 ? 142 PRO A N   1 
ATOM   879  C CA  . PRO A 1 115 ? 16.435  -4.748  8.290   1.00 11.87 ? 142 PRO A CA  1 
ATOM   880  C C   . PRO A 1 115 ? 17.268  -3.537  7.952   1.00 12.02 ? 142 PRO A C   1 
ATOM   881  O O   . PRO A 1 115 ? 16.780  -2.415  8.137   1.00 11.33 ? 142 PRO A O   1 
ATOM   882  C CB  . PRO A 1 115 ? 16.796  -5.296  9.662   1.00 11.92 ? 142 PRO A CB  1 
ATOM   883  C CG  . PRO A 1 115 ? 16.178  -6.657  9.615   1.00 12.04 ? 142 PRO A CG  1 
ATOM   884  C CD  . PRO A 1 115 ? 16.522  -7.152  8.261   1.00 11.65 ? 142 PRO A CD  1 
ATOM   885  N N   . GLY A 1 116 ? 18.484  -3.729  7.453   1.00 11.18 ? 143 GLY A N   1 
ATOM   886  C CA  . GLY A 1 116 ? 19.358  -2.593  7.118   1.00 11.31 ? 143 GLY A CA  1 
ATOM   887  C C   . GLY A 1 116 ? 19.230  -2.003  5.728   1.00 10.98 ? 143 GLY A C   1 
ATOM   888  O O   . GLY A 1 116 ? 19.964  -1.085  5.366   1.00 11.15 ? 143 GLY A O   1 
ATOM   889  N N   . ASP A 1 117 ? 18.309  -2.544  4.931   1.00 10.37 ? 144 ASP A N   1 
ATOM   890  C CA  . ASP A 1 117 ? 18.211  -2.174  3.540   1.00 10.76 ? 144 ASP A CA  1 
ATOM   891  C C   . ASP A 1 117 ? 17.646  -0.768  3.359   1.00 10.02 ? 144 ASP A C   1 
ATOM   892  O O   . ASP A 1 117 ? 16.815  -0.310  4.124   1.00 10.30 ? 144 ASP A O   1 
ATOM   893  C CB  . ASP A 1 117 ? 17.326  -3.157  2.761   1.00 11.71 ? 144 ASP A CB  1 
ATOM   894  C CG  . ASP A 1 117 ? 17.989  -4.522  2.524   1.00 13.13 ? 144 ASP A CG  1 
ATOM   895  O OD1 . ASP A 1 117 ? 19.216  -4.690  2.758   1.00 13.86 ? 144 ASP A OD1 1 
ATOM   896  O OD2 . ASP A 1 117 ? 17.249  -5.466  2.139   1.00 13.66 ? 144 ASP A OD2 1 
ATOM   897  N N   . ASP A 1 118 ? 18.083  -0.103  2.305   1.00 10.79 ? 145 ASP A N   1 
ATOM   898  C CA  . ASP A 1 118 ? 17.591  1.229   1.991   1.00 11.03 ? 145 ASP A CA  1 
ATOM   899  C C   . ASP A 1 118 ? 16.077  1.287   1.856   1.00 9.85  ? 145 ASP A C   1 
ATOM   900  O O   . ASP A 1 118 ? 15.431  2.199   2.387   1.00 9.38  ? 145 ASP A O   1 
ATOM   901  C CB  . ASP A 1 118 ? 18.225  1.723   0.703   1.00 12.55 ? 145 ASP A CB  1 
ATOM   902  C CG  . ASP A 1 118 ? 19.692  2.094   0.851   1.00 14.48 ? 145 ASP A CG  1 
ATOM   903  O OD1 . ASP A 1 118 ? 20.198  2.245   1.988   1.00 14.10 ? 145 ASP A OD1 1 
ATOM   904  O OD2 . ASP A 1 118 ? 20.322  2.208   -0.219  1.00 18.18 ? 145 ASP A OD2 1 
ATOM   905  N N   . ILE A 1 119 ? 15.526  0.295   1.162   1.00 9.58  ? 146 ILE A N   1 
ATOM   906  C CA  . ILE A 1 119 ? 14.061  0.267   0.952   1.00 8.83  ? 146 ILE A CA  1 
ATOM   907  C C   . ILE A 1 119 ? 13.301  0.166   2.283   1.00 8.51  ? 146 ILE A C   1 
ATOM   908  O O   . ILE A 1 119 ? 12.194  0.698   2.417   1.00 7.81  ? 146 ILE A O   1 
ATOM   909  C CB  . ILE A 1 119 ? 13.644  -0.837  -0.045  1.00 8.96  ? 146 ILE A CB  1 
ATOM   910  C CG1 . ILE A 1 119 ? 12.175  -0.655  -0.536  1.00 9.23  ? 146 ILE A CG1 1 
ATOM   911  C CG2 . ILE A 1 119 ? 13.859  -2.213  0.570   1.00 9.42  ? 146 ILE A CG2 1 
ATOM   912  C CD1 . ILE A 1 119 ? 12.010  0.476   -1.505  1.00 9.93  ? 146 ILE A CD1 1 
ATOM   913  N N   . VAL A 1 120 ? 13.902  -0.508  3.269   1.00 8.02  ? 147 VAL A N   1 
ATOM   914  C CA  . VAL A 1 120 ? 13.326  -0.580  4.601   1.00 7.99  ? 147 VAL A CA  1 
ATOM   915  C C   . VAL A 1 120 ? 13.378  0.762   5.331   1.00 7.97  ? 147 VAL A C   1 
ATOM   916  O O   . VAL A 1 120 ? 12.412  1.128   5.963   1.00 8.59  ? 147 VAL A O   1 
ATOM   917  C CB  . VAL A 1 120 ? 13.975  -1.743  5.404   1.00 8.06  ? 147 VAL A CB  1 
ATOM   918  C CG1 . VAL A 1 120 ? 13.606  -1.738  6.881   1.00 8.12  ? 147 VAL A CG1 1 
ATOM   919  C CG2 . VAL A 1 120 ? 13.585  -3.070  4.770   1.00 8.11  ? 147 VAL A CG2 1 
ATOM   920  N N   . LEU A 1 121 ? 14.488  1.502   5.237   1.00 9.13  ? 148 LEU A N   1 
ATOM   921  C CA  . LEU A 1 121 ? 14.518  2.869   5.796   1.00 9.37  ? 148 LEU A CA  1 
ATOM   922  C C   . LEU A 1 121 ? 13.417  3.720   5.183   1.00 9.20  ? 148 LEU A C   1 
ATOM   923  O O   . LEU A 1 121 ? 12.711  4.425   5.918   1.00 9.59  ? 148 LEU A O   1 
ATOM   924  C CB  . LEU A 1 121 ? 15.866  3.571   5.580   1.00 10.38 ? 148 LEU A CB  1 
ATOM   925  C CG  . LEU A 1 121 ? 15.913  4.992   6.228   1.00 11.74 ? 148 LEU A CG  1 
ATOM   926  C CD1 . LEU A 1 121 ? 17.335  5.338   6.676   1.00 12.61 ? 148 LEU A CD1 1 
ATOM   927  C CD2 . LEU A 1 121 ? 15.312  6.122   5.402   1.00 12.57 ? 148 LEU A CD2 1 
ATOM   928  N N   . MET A 1 122 ? 13.223  3.587   3.864   1.00 8.64  ? 149 MET A N   1 
ATOM   929  C CA  . MET A 1 122 ? 12.180  4.358   3.174   1.00 8.63  ? 149 MET A CA  1 
ATOM   930  C C   . MET A 1 122 ? 10.784  4.013   3.684   1.00 8.52  ? 149 MET A C   1 
ATOM   931  O O   . MET A 1 122 ? 10.005  4.899   4.042   1.00 9.17  ? 149 MET A O   1 
ATOM   932  C CB  . MET A 1 122 ? 12.298  4.136   1.670   1.00 8.87  ? 149 MET A CB  1 
ATOM   933  C CG  . MET A 1 122 ? 13.594  4.685   1.064   1.00 9.25  ? 149 MET A CG  1 
ATOM   934  S SD  . MET A 1 122 ? 13.819  4.185   -0.652  1.00 10.00 ? 149 MET A SD  1 
ATOM   935  C CE  . MET A 1 122 ? 12.790  5.350   -1.520  1.00 9.85  ? 149 MET A CE  1 
ATOM   936  N N   . ALA A 1 123 ? 10.488  2.711   3.789   1.00 8.13  ? 150 ALA A N   1 
ATOM   937  C CA  . ALA A 1 123 ? 9.227   2.237   4.332   1.00 8.32  ? 150 ALA A CA  1 
ATOM   938  C C   . ALA A 1 123 ? 9.030   2.731   5.754   1.00 8.82  ? 150 ALA A C   1 
ATOM   939  O O   . ALA A 1 123 ? 7.947   3.161   6.115   1.00 8.95  ? 150 ALA A O   1 
ATOM   940  C CB  . ALA A 1 123 ? 9.148   0.714   4.287   1.00 8.32  ? 150 ALA A CB  1 
ATOM   941  N N   . GLU A 1 124 ? 10.081  2.666   6.577   1.00 9.67  ? 151 GLU A N   1 
ATOM   942  C CA  . GLU A 1 124 ? 9.942   3.116   7.979   1.00 10.54 ? 151 GLU A CA  1 
ATOM   943  C C   . GLU A 1 124 ? 9.580   4.602   8.076   1.00 10.28 ? 151 GLU A C   1 
ATOM   944  O O   . GLU A 1 124 ? 8.781   5.006   8.929   1.00 10.42 ? 151 GLU A O   1 
ATOM   945  C CB  . GLU A 1 124 ? 11.213  2.859   8.775   1.00 11.11 ? 151 GLU A CB  1 
ATOM   946  C CG  . GLU A 1 124 ? 11.414  1.385   9.139   1.00 11.35 ? 151 GLU A CG  1 
ATOM   947  C CD  . GLU A 1 124 ? 12.730  1.085   9.810   1.00 12.51 ? 151 GLU A CD  1 
ATOM   948  O OE1 . GLU A 1 124 ? 13.538  2.010   10.065  1.00 12.96 ? 151 GLU A OE1 1 
ATOM   949  O OE2 . GLU A 1 124 ? 12.931  -0.108  10.098  1.00 13.70 ? 151 GLU A OE2 1 
ATOM   950  N N   . ALA A 1 125 ? 10.207  5.393   7.221   1.00 10.81 ? 152 ALA A N   1 
ATOM   951  C CA  . ALA A 1 125 ? 9.921   6.829   7.201   1.00 11.20 ? 152 ALA A CA  1 
ATOM   952  C C   . ALA A 1 125 ? 8.492   7.090   6.783   1.00 11.37 ? 152 ALA A C   1 
ATOM   953  O O   . ALA A 1 125 ? 7.792   7.903   7.403   1.00 12.31 ? 152 ALA A O   1 
ATOM   954  C CB  . ALA A 1 125 ? 10.861  7.545   6.274   1.00 11.69 ? 152 ALA A CB  1 
ATOM   955  N N   . LEU A 1 126 ? 8.025   6.397   5.743   1.00 11.10 ? 153 LEU A N   1 
ATOM   956  C CA  . LEU A 1 126 ? 6.631   6.538   5.330   1.00 10.59 ? 153 LEU A CA  1 
ATOM   957  C C   . LEU A 1 126 ? 5.666   6.087   6.376   1.00 10.79 ? 153 LEU A C   1 
ATOM   958  O O   . LEU A 1 126 ? 4.615   6.680   6.591   1.00 10.48 ? 153 LEU A O   1 
ATOM   959  C CB  . LEU A 1 126 ? 6.361   5.764   4.037   1.00 10.89 ? 153 LEU A CB  1 
ATOM   960  C CG  . LEU A 1 126 ? 7.107   6.255   2.814   1.00 11.46 ? 153 LEU A CG  1 
ATOM   961  C CD1 . LEU A 1 126 ? 7.064   5.251   1.669   1.00 11.83 ? 153 LEU A CD1 1 
ATOM   962  C CD2 . LEU A 1 126 ? 6.522   7.591   2.358   1.00 11.75 ? 153 LEU A CD2 1 
ATOM   963  N N   . GLU A 1 127 ? 6.004   4.999   7.059   1.00 10.38 ? 154 GLU A N   1 
ATOM   964  C CA  . GLU A 1 127 ? 5.143   4.464   8.105   1.00 10.89 ? 154 GLU A CA  1 
ATOM   965  C C   . GLU A 1 127 ? 5.007   5.437   9.284   1.00 11.31 ? 154 GLU A C   1 
ATOM   966  O O   . GLU A 1 127 ? 3.912   5.615   9.828   1.00 10.70 ? 154 GLU A O   1 
ATOM   967  C CB  . GLU A 1 127 ? 5.646   3.088   8.580   1.00 11.93 ? 154 GLU A CB  1 
ATOM   968  C CG  . GLU A 1 127 ? 4.714   2.430   9.573   1.00 12.52 ? 154 GLU A CG  1 
ATOM   969  C CD  . GLU A 1 127 ? 5.191   1.082   10.079  1.00 14.29 ? 154 GLU A CD  1 
ATOM   970  O OE1 . GLU A 1 127 ? 6.400   0.884   10.241  1.00 15.13 ? 154 GLU A OE1 1 
ATOM   971  O OE2 . GLU A 1 127 ? 4.322   0.236   10.327  1.00 17.32 ? 154 GLU A OE2 1 
ATOM   972  N N   . LYS A 1 128 ? 6.123   6.047   9.659   1.00 12.67 ? 155 LYS A N   1 
ATOM   973  C CA  . LYS A 1 128 ? 6.103   7.056   10.727  1.00 14.32 ? 155 LYS A CA  1 
ATOM   974  C C   . LYS A 1 128 ? 5.198   8.235   10.335  1.00 13.55 ? 155 LYS A C   1 
ATOM   975  O O   . LYS A 1 128 ? 4.359   8.665   11.127  1.00 12.49 ? 155 LYS A O   1 
ATOM   976  C CB  . LYS A 1 128 ? 7.526   7.547   11.008  1.00 17.66 ? 155 LYS A CB  1 
ATOM   977  C CG  . LYS A 1 128 ? 7.787   8.160   12.386  1.00 22.31 ? 155 LYS A CG  1 
ATOM   978  C CD  . LYS A 1 128 ? 9.297   8.220   12.718  1.00 25.33 ? 155 LYS A CD  1 
ATOM   979  C CE  . LYS A 1 128 ? 10.039  6.857   12.781  1.00 26.99 ? 155 LYS A CE  1 
ATOM   980  N NZ  . LYS A 1 128 ? 11.510  6.912   13.113  1.00 28.11 ? 155 LYS A NZ  1 
ATOM   981  N N   . LEU A 1 129 ? 5.330   8.705   9.107   1.00 13.67 ? 156 LEU A N   1 
ATOM   982  C CA  . LEU A 1 129 ? 4.458   9.784   8.626   1.00 13.12 ? 156 LEU A CA  1 
ATOM   983  C C   . LEU A 1 129 ? 2.997   9.341   8.601   1.00 12.89 ? 156 LEU A C   1 
ATOM   984  O O   . LEU A 1 129 ? 2.084   10.066  9.042   1.00 12.33 ? 156 LEU A O   1 
ATOM   985  C CB  . LEU A 1 129 ? 4.887   10.244  7.245   1.00 14.09 ? 156 LEU A CB  1 
ATOM   986  C CG  . LEU A 1 129 ? 3.978   11.246  6.538   1.00 15.54 ? 156 LEU A CG  1 
ATOM   987  C CD1 . LEU A 1 129 ? 3.812   12.499  7.381   1.00 16.28 ? 156 LEU A CD1 1 
ATOM   988  C CD2 . LEU A 1 129 ? 4.568   11.554  5.182   1.00 15.86 ? 156 LEU A CD2 1 
ATOM   989  N N   . PHE A 1 130 ? 2.752   8.134   8.098   1.00 12.12 ? 157 PHE A N   1 
ATOM   990  C CA  . PHE A 1 130 ? 1.401   7.590   8.083   1.00 12.53 ? 157 PHE A CA  1 
ATOM   991  C C   . PHE A 1 130 ? 0.773   7.544   9.473   1.00 12.31 ? 157 PHE A C   1 
ATOM   992  O O   . PHE A 1 130 ? -0.364  7.936   9.634   1.00 12.51 ? 157 PHE A O   1 
ATOM   993  C CB  . PHE A 1 130 ? 1.438   6.200   7.451   1.00 12.35 ? 157 PHE A CB  1 
ATOM   994  C CG  . PHE A 1 130 ? 0.126   5.473   7.482   1.00 12.89 ? 157 PHE A CG  1 
ATOM   995  C CD1 . PHE A 1 130 ? -0.919  5.874   6.657   1.00 13.47 ? 157 PHE A CD1 1 
ATOM   996  C CD2 . PHE A 1 130 ? -0.081  4.425   8.369   1.00 13.60 ? 157 PHE A CD2 1 
ATOM   997  C CE1 . PHE A 1 130 ? -2.148  5.217   6.711   1.00 13.89 ? 157 PHE A CE1 1 
ATOM   998  C CE2 . PHE A 1 130 ? -1.307  3.768   8.399   1.00 14.13 ? 157 PHE A CE2 1 
ATOM   999  C CZ  . PHE A 1 130 ? -2.321  4.161   7.575   1.00 13.41 ? 157 PHE A CZ  1 
ATOM   1000 N N   . LEU A 1 131 ? 1.514   7.086   10.481  1.00 13.19 ? 158 LEU A N   1 
ATOM   1001 C CA  . LEU A 1 131 ? 1.000   6.998   11.853  1.00 14.45 ? 158 LEU A CA  1 
ATOM   1002 C C   . LEU A 1 131 ? 0.688   8.404   12.399  1.00 15.00 ? 158 LEU A C   1 
ATOM   1003 O O   . LEU A 1 131 ? -0.317  8.587   13.091  1.00 16.47 ? 158 LEU A O   1 
ATOM   1004 C CB  . LEU A 1 131 ? 1.970   6.243   12.771  1.00 15.61 ? 158 LEU A CB  1 
ATOM   1005 C CG  . LEU A 1 131 ? 2.029   4.739   12.506  1.00 16.36 ? 158 LEU A CG  1 
ATOM   1006 C CD1 . LEU A 1 131 ? 3.174   4.057   13.250  1.00 16.55 ? 158 LEU A CD1 1 
ATOM   1007 C CD2 . LEU A 1 131 ? 0.698   4.075   12.819  1.00 16.98 ? 158 LEU A CD2 1 
ATOM   1008 N N   . GLN A 1 132 ? 1.519   9.375   12.032  1.00 15.56 ? 159 GLN A N   1 
ATOM   1009 C CA  . GLN A 1 132 ? 1.249   10.782  12.377  1.00 16.85 ? 159 GLN A CA  1 
ATOM   1010 C C   . GLN A 1 132 ? -0.032  11.286  11.692  1.00 16.58 ? 159 GLN A C   1 
ATOM   1011 O O   . GLN A 1 132 ? -0.878  11.923  12.341  1.00 18.10 ? 159 GLN A O   1 
ATOM   1012 C CB  . GLN A 1 132 ? 2.461   11.641  12.051  1.00 17.76 ? 159 GLN A CB  1 
ATOM   1013 C CG  . GLN A 1 132 ? 3.616   11.348  12.986  1.00 20.35 ? 159 GLN A CG  1 
ATOM   1014 C CD  . GLN A 1 132 ? 4.969   11.914  12.565  1.00 22.95 ? 159 GLN A CD  1 
ATOM   1015 O OE1 . GLN A 1 132 ? 5.172   12.353  11.424  1.00 24.60 ? 159 GLN A OE1 1 
ATOM   1016 N NE2 . GLN A 1 132 ? 5.921   11.893  13.513  1.00 24.36 ? 159 GLN A NE2 1 
ATOM   1017 N N   . LYS A 1 133 ? -0.220  10.977  10.413  1.00 16.69 ? 160 LYS A N   1 
ATOM   1018 C CA  . LYS A 1 133 ? -1.415  11.427  9.727   1.00 16.70 ? 160 LYS A CA  1 
ATOM   1019 C C   . LYS A 1 133 ? -2.701  10.756  10.227  1.00 18.02 ? 160 LYS A C   1 
ATOM   1020 O O   . LYS A 1 133 ? -3.749  11.400  10.239  1.00 17.46 ? 160 LYS A O   1 
ATOM   1021 C CB  . LYS A 1 133 ? -1.296  11.224  8.210   1.00 18.16 ? 160 LYS A CB  1 
ATOM   1022 C CG  . LYS A 1 133 ? -0.170  11.961  7.489   1.00 18.98 ? 160 LYS A CG  1 
ATOM   1023 C CD  . LYS A 1 133 ? -0.126  13.462  7.720   1.00 20.38 ? 160 LYS A CD  1 
ATOM   1024 C CE  . LYS A 1 133 ? -1.235  14.161  6.979   1.00 20.96 ? 160 LYS A CE  1 
ATOM   1025 N NZ  . LYS A 1 133 ? -1.229  15.588  7.391   1.00 21.59 ? 160 LYS A NZ  1 
ATOM   1026 N N   . ILE A 1 134 ? -2.626  9.488   10.636  1.00 18.15 ? 161 ILE A N   1 
ATOM   1027 C CA  . ILE A 1 134 ? -3.776  8.754   11.190  1.00 19.47 ? 161 ILE A CA  1 
ATOM   1028 C C   . ILE A 1 134 ? -4.161  9.300   12.561  1.00 19.83 ? 161 ILE A C   1 
ATOM   1029 O O   . ILE A 1 134 ? -5.329  9.273   12.909  1.00 18.94 ? 161 ILE A O   1 
ATOM   1030 C CB  . ILE A 1 134 ? -3.506  7.221   11.256  1.00 21.05 ? 161 ILE A CB  1 
ATOM   1031 C CG1 . ILE A 1 134 ? -3.334  6.662   9.843   1.00 22.55 ? 161 ILE A CG1 1 
ATOM   1032 C CG2 . ILE A 1 134 ? -4.603  6.467   12.013  1.00 24.39 ? 161 ILE A CG2 1 
ATOM   1033 C CD1 . ILE A 1 134 ? -4.547  6.765   8.974   1.00 22.05 ? 161 ILE A CD1 1 
ATOM   1034 N N   . ASN A 1 135 ? -3.192  9.799   13.323  1.00 21.59 ? 162 ASN A N   1 
ATOM   1035 C CA  . ASN A 1 135 ? -3.514  10.536  14.561  1.00 24.18 ? 162 ASN A CA  1 
ATOM   1036 C C   . ASN A 1 135 ? -4.390  11.771  14.345  1.00 23.49 ? 162 ASN A C   1 
ATOM   1037 O O   . ASN A 1 135 ? -5.039  12.221  15.270  1.00 25.11 ? 162 ASN A O   1 
ATOM   1038 C CB  . ASN A 1 135 ? -2.236  10.948  15.322  1.00 27.16 ? 162 ASN A CB  1 
ATOM   1039 C CG  . ASN A 1 135 ? -1.661  9.821   16.170  1.00 31.46 ? 162 ASN A CG  1 
ATOM   1040 O OD1 . ASN A 1 135 ? -2.370  8.875   16.544  1.00 37.10 ? 162 ASN A OD1 1 
ATOM   1041 N ND2 . ASN A 1 135 ? -0.368  9.913   16.474  1.00 33.32 ? 162 ASN A ND2 1 
ATOM   1042 N N   . GLU A 1 136 ? -4.419  12.299  13.123  1.00 23.80 ? 163 GLU A N   1 
ATOM   1043 C CA  . GLU A 1 136 ? -5.197  13.476  12.789  1.00 24.37 ? 163 GLU A CA  1 
ATOM   1044 C C   . GLU A 1 136 ? -6.552  13.139  12.150  1.00 25.40 ? 163 GLU A C   1 
ATOM   1045 O O   . GLU A 1 136 ? -7.200  14.029  11.600  1.00 25.69 ? 163 GLU A O   1 
ATOM   1046 C CB  . GLU A 1 136 ? -4.389  14.356  11.827  1.00 26.17 ? 163 GLU A CB  1 
ATOM   1047 C CG  . GLU A 1 136 ? -2.978  14.700  12.266  1.00 27.15 ? 163 GLU A CG  1 
ATOM   1048 C CD  . GLU A 1 136 ? -2.042  14.996  11.097  1.00 28.92 ? 163 GLU A CD  1 
ATOM   1049 O OE1 . GLU A 1 136 ? -0.843  15.187  11.386  1.00 31.88 ? 163 GLU A OE1 1 
ATOM   1050 O OE2 . GLU A 1 136 ? -2.492  15.042  9.918   1.00 28.45 ? 163 GLU A OE2 1 
ATOM   1051 N N   . LEU A 1 137 ? -7.002  11.880  12.222  1.00 25.59 ? 164 LEU A N   1 
ATOM   1052 C CA  . LEU A 1 137 ? -8.297  11.498  11.627  1.00 27.67 ? 164 LEU A CA  1 
ATOM   1053 C C   . LEU A 1 137 ? -9.466  12.275  12.244  1.00 31.05 ? 164 LEU A C   1 
ATOM   1054 O O   . LEU A 1 137 ? -9.461  12.517  13.447  1.00 32.35 ? 164 LEU A O   1 
ATOM   1055 C CB  . LEU A 1 137 ? -8.586  9.997   11.797  1.00 27.38 ? 164 LEU A CB  1 
ATOM   1056 C CG  . LEU A 1 137 ? -8.029  9.005   10.769  1.00 26.82 ? 164 LEU A CG  1 
ATOM   1057 C CD1 . LEU A 1 137 ? -8.214  7.595   11.308  1.00 27.32 ? 164 LEU A CD1 1 
ATOM   1058 C CD2 . LEU A 1 137 ? -8.692  9.125   9.406   1.00 26.60 ? 164 LEU A CD2 1 
ATOM   1059 N N   . PRO A 1 138 ? -10.461 12.663  11.421  1.00 34.41 ? 165 PRO A N   1 
ATOM   1060 C CA  . PRO A 1 138 ? -11.743 13.197  11.907  1.00 36.71 ? 165 PRO A CA  1 
ATOM   1061 C C   . PRO A 1 138 ? -12.490 12.278  12.874  1.00 38.28 ? 165 PRO A C   1 
ATOM   1062 O O   . PRO A 1 138 ? -12.127 11.114  13.041  1.00 38.70 ? 165 PRO A O   1 
ATOM   1063 C CB  . PRO A 1 138 ? -12.576 13.332  10.625  1.00 36.47 ? 165 PRO A CB  1 
ATOM   1064 C CG  . PRO A 1 138 ? -11.596 13.450  9.523   1.00 36.03 ? 165 PRO A CG  1 
ATOM   1065 C CD  . PRO A 1 138 ? -10.358 12.725  9.949   1.00 34.11 ? 165 PRO A CD  1 
ATOM   1066 N N   . THR A 1 139 ? -13.555 12.817  13.466  1.00 41.63 ? 166 THR A N   1 
ATOM   1067 C CA  . THR A 1 139 ? -14.436 12.101  14.398  1.00 44.11 ? 166 THR A CA  1 
ATOM   1068 C C   . THR A 1 139 ? -14.954 10.758  13.869  1.00 43.57 ? 166 THR A C   1 
ATOM   1069 O O   . THR A 1 139 ? -15.842 10.706  13.018  1.00 44.72 ? 166 THR A O   1 
ATOM   1070 C CB  . THR A 1 139 ? -15.650 12.986  14.771  1.00 46.57 ? 166 THR A CB  1 
ATOM   1071 O OG1 . THR A 1 139 ? -15.195 14.300  15.118  1.00 48.10 ? 166 THR A OG1 1 
ATOM   1072 C CG2 . THR A 1 139 ? -16.433 12.397  15.938  1.00 48.45 ? 166 THR A CG2 1 
HETATM 1073 N N   . NO3 B 2 .   ? 16.990  -1.535  -1.570  1.00 27.12 ? 201 NO3 A N   1 
HETATM 1074 O O1  . NO3 B 2 .   ? 17.011  -1.664  -0.360  1.00 20.82 ? 201 NO3 A O1  1 
HETATM 1075 O O2  . NO3 B 2 .   ? 17.348  -2.592  -2.424  1.00 26.50 ? 201 NO3 A O2  1 
HETATM 1076 O O3  . NO3 B 2 .   ? 16.584  -0.312  -2.100  1.00 28.75 ? 201 NO3 A O3  1 
HETATM 1077 N N   . NO3 C 2 .   ? 7.908   -14.572 -8.024  1.00 20.99 ? 202 NO3 A N   1 
HETATM 1078 O O1  . NO3 C 2 .   ? 7.843   -15.115 -9.127  1.00 21.76 ? 202 NO3 A O1  1 
HETATM 1079 O O2  . NO3 C 2 .   ? 8.046   -15.307 -6.862  1.00 18.49 ? 202 NO3 A O2  1 
HETATM 1080 O O3  . NO3 C 2 .   ? 7.860   -13.208 -7.897  1.00 17.04 ? 202 NO3 A O3  1 
HETATM 1081 N N   . NO3 D 2 .   ? -14.887 5.396   9.027   1.00 27.41 ? 203 NO3 A N   1 
HETATM 1082 O O1  . NO3 D 2 .   ? -15.640 6.212   9.562   1.00 29.68 ? 203 NO3 A O1  1 
HETATM 1083 O O2  . NO3 D 2 .   ? -14.588 5.530   7.679   1.00 27.92 ? 203 NO3 A O2  1 
HETATM 1084 O O3  . NO3 D 2 .   ? -14.353 4.358   9.777   1.00 22.67 ? 203 NO3 A O3  1 
HETATM 1085 C C1  . EDO E 3 .   ? -2.878  0.305   -9.483  1.00 33.04 ? 204 EDO A C1  1 
HETATM 1086 O O1  . EDO E 3 .   ? -1.808  0.206   -8.537  1.00 31.56 ? 204 EDO A O1  1 
HETATM 1087 C C2  . EDO E 3 .   ? -3.129  -1.044  -10.150 1.00 34.79 ? 204 EDO A C2  1 
HETATM 1088 O O2  . EDO E 3 .   ? -4.536  -1.342  -10.088 1.00 34.62 ? 204 EDO A O2  1 
HETATM 1089 C C1  . EDO F 3 .   ? 8.769   -0.164  -8.373  1.00 28.34 ? 205 EDO A C1  1 
HETATM 1090 O O1  . EDO F 3 .   ? 7.609   -0.237  -7.542  1.00 25.11 ? 205 EDO A O1  1 
HETATM 1091 C C2  . EDO F 3 .   ? 9.318   1.235   -8.556  1.00 28.60 ? 205 EDO A C2  1 
HETATM 1092 O O2  . EDO F 3 .   ? 9.453   1.478   -9.970  1.00 31.60 ? 205 EDO A O2  1 
HETATM 1093 C CAV . E0B G 4 .   ? 16.187  2.655   -5.721  1.00 17.43 ? 206 E0B A CAV 1 
HETATM 1094 C CAW . E0B G 4 .   ? 17.341  3.549   -5.331  1.00 18.80 ? 206 E0B A CAW 1 
HETATM 1095 N NAX . E0B G 4 .   ? 16.802  4.411   -4.235  1.00 19.95 ? 206 E0B A NAX 1 
HETATM 1096 C CBA . E0B G 4 .   ? 16.503  5.726   -4.382  1.00 19.54 ? 206 E0B A CBA 1 
HETATM 1097 O OBC . E0B G 4 .   ? 16.734  6.367   -5.408  1.00 22.95 ? 206 E0B A OBC 1 
HETATM 1098 C CBB . E0B G 4 .   ? 15.922  6.518   -3.202  1.00 21.42 ? 206 E0B A CBB 1 
HETATM 1099 C CAY . E0B G 4 .   ? 16.481  3.572   -3.040  1.00 18.96 ? 206 E0B A CAY 1 
HETATM 1100 C CAZ . E0B G 4 .   ? 15.337  2.647   -3.352  1.00 18.04 ? 206 E0B A CAZ 1 
HETATM 1101 C CAU . E0B G 4 .   ? 15.783  1.756   -4.524  1.00 16.41 ? 206 E0B A CAU 1 
HETATM 1102 C CAT . E0B G 4 .   ? 14.629  0.816   -4.854  1.00 15.45 ? 206 E0B A CAT 1 
HETATM 1103 N NAS . E0B G 4 .   ? 15.050  -0.230  -5.837  1.00 14.54 ? 206 E0B A NAS 1 
HETATM 1104 S SAP . E0B G 4 .   ? 13.878  -0.845  -6.783  1.00 14.22 ? 206 E0B A SAP 1 
HETATM 1105 O OAQ . E0B G 4 .   ? 13.292  0.255   -7.593  1.00 13.82 ? 206 E0B A OAQ 1 
HETATM 1106 O OAR . E0B G 4 .   ? 14.522  -1.980  -7.513  1.00 15.24 ? 206 E0B A OAR 1 
HETATM 1107 C CAC . E0B G 4 .   ? 12.615  -1.511  -5.705  1.00 11.73 ? 206 E0B A CAC 1 
HETATM 1108 C CAB . E0B G 4 .   ? 11.350  -0.971  -5.788  1.00 10.79 ? 206 E0B A CAB 1 
HETATM 1109 C CAA . E0B G 4 .   ? 10.300  -1.402  -4.987  1.00 9.65  ? 206 E0B A CAA 1 
HETATM 1110 C CAF . E0B G 4 .   ? 10.530  -2.395  -4.090  1.00 9.27  ? 206 E0B A CAF 1 
HETATM 1111 C CAE . E0B G 4 .   ? 11.782  -2.899  -3.997  1.00 9.60  ? 206 E0B A CAE 1 
HETATM 1112 C CAD . E0B G 4 .   ? 12.837  -2.532  -4.753  1.00 10.60 ? 206 E0B A CAD 1 
HETATM 1113 C CAG . E0B G 4 .   ? 14.084  -3.183  -4.519  1.00 10.71 ? 206 E0B A CAG 1 
HETATM 1114 C CAH . E0B G 4 .   ? 14.135  -4.173  -3.519  1.00 10.79 ? 206 E0B A CAH 1 
HETATM 1115 C CAI . E0B G 4 .   ? 12.980  -4.472  -2.777  1.00 10.01 ? 206 E0B A CAI 1 
HETATM 1116 C CAJ . E0B G 4 .   ? 11.800  -3.842  -3.034  1.00 9.43  ? 206 E0B A CAJ 1 
HETATM 1117 C CAL . E0B G 4 .   ? 10.527  -3.857  -2.506  1.00 8.96  ? 206 E0B A CAL 1 
HETATM 1118 O OAM . E0B G 4 .   ? 10.113  -4.478  -1.501  1.00 8.46  ? 206 E0B A OAM 1 
HETATM 1119 N NAK . E0B G 4 .   ? 9.765   -2.985  -3.155  1.00 8.96  ? 206 E0B A NAK 1 
HETATM 1120 C CAN . E0B G 4 .   ? 8.351   -2.686  -2.890  1.00 8.94  ? 206 E0B A CAN 1 
HETATM 1121 C CAO . E0B G 4 .   ? 8.229   -1.549  -1.856  1.00 9.02  ? 206 E0B A CAO 1 
HETATM 1122 C C1  . GOL H 5 .   ? -2.208  -11.035 -5.456  1.00 34.49 ? 207 GOL A C1  1 
HETATM 1123 O O1  . GOL H 5 .   ? -3.134  -10.175 -4.741  1.00 34.11 ? 207 GOL A O1  1 
HETATM 1124 C C2  . GOL H 5 .   ? -2.274  -12.525 -5.151  1.00 36.44 ? 207 GOL A C2  1 
HETATM 1125 O O2  . GOL H 5 .   ? -0.936  -13.028 -5.010  1.00 37.89 ? 207 GOL A O2  1 
HETATM 1126 C C3  . GOL H 5 .   ? -2.944  -13.267 -6.305  1.00 36.09 ? 207 GOL A C3  1 
HETATM 1127 O O3  . GOL H 5 .   ? -4.106  -12.561 -6.753  1.00 36.84 ? 207 GOL A O3  1 
HETATM 1128 O O   . HOH I 6 .   ? -0.786  16.886  4.281   1.00 29.11 ? 301 HOH A O   1 
HETATM 1129 O O   . HOH I 6 .   ? 1.589   18.528  -6.058  1.00 15.66 ? 302 HOH A O   1 
HETATM 1130 O O   . HOH I 6 .   ? 7.580   -5.106  -0.316  1.00 7.22  ? 303 HOH A O   1 
HETATM 1131 O O   . HOH I 6 .   ? 21.331  -12.318 6.049   1.00 28.13 ? 304 HOH A O   1 
HETATM 1132 O O   . HOH I 6 .   ? 13.332  -12.314 1.074   1.00 23.65 ? 305 HOH A O   1 
HETATM 1133 O O   . HOH I 6 .   ? 14.337  1.460   -9.714  1.00 28.78 ? 306 HOH A O   1 
HETATM 1134 O O   . HOH I 6 .   ? -8.393  10.246  -6.256  1.00 16.18 ? 307 HOH A O   1 
HETATM 1135 O O   . HOH I 6 .   ? -19.216 2.294   5.431   1.00 28.63 ? 308 HOH A O   1 
HETATM 1136 O O   . HOH I 6 .   ? -12.283 -6.378  7.111   1.00 25.44 ? 309 HOH A O   1 
HETATM 1137 O O   . HOH I 6 .   ? 0.066   3.236   -9.440  1.00 24.40 ? 310 HOH A O   1 
HETATM 1138 O O   . HOH I 6 .   ? -15.449 -4.442  -0.276  1.00 22.98 ? 311 HOH A O   1 
HETATM 1139 O O   . HOH I 6 .   ? -17.853 2.275   2.853   1.00 19.94 ? 312 HOH A O   1 
HETATM 1140 O O   . HOH I 6 .   ? -4.550  -3.003  -7.959  1.00 13.38 ? 313 HOH A O   1 
HETATM 1141 O O   . HOH I 6 .   ? -4.357  -5.928  3.978   1.00 15.12 ? 314 HOH A O   1 
HETATM 1142 O O   . HOH I 6 .   ? -1.512  -8.887  -6.709  1.00 12.10 ? 315 HOH A O   1 
HETATM 1143 O O   . HOH I 6 .   ? -14.650 -6.465  4.162   1.00 22.87 ? 316 HOH A O   1 
HETATM 1144 O O   . HOH I 6 .   ? -13.854 5.660   -0.043  1.00 17.44 ? 317 HOH A O   1 
HETATM 1145 O O   . HOH I 6 .   ? -7.435  16.444  10.440  1.00 26.65 ? 318 HOH A O   1 
HETATM 1146 O O   . HOH I 6 .   ? 20.368  -20.340 -11.644 1.00 35.64 ? 319 HOH A O   1 
HETATM 1147 O O   . HOH I 6 .   ? 16.449  -16.720 -17.526 1.00 29.08 ? 320 HOH A O   1 
HETATM 1148 O O   . HOH I 6 .   ? -3.323  -8.456  -2.096  1.00 16.77 ? 321 HOH A O   1 
HETATM 1149 O O   . HOH I 6 .   ? -6.714  -7.457  -11.065 1.00 34.86 ? 322 HOH A O   1 
HETATM 1150 O O   . HOH I 6 .   ? 5.408   -1.384  -4.472  1.00 7.89  ? 323 HOH A O   1 
HETATM 1151 O O   . HOH I 6 .   ? 11.358  -2.327  9.914   1.00 18.27 ? 324 HOH A O   1 
HETATM 1152 O O   . HOH I 6 .   ? -16.330 -0.893  -4.432  1.00 20.58 ? 325 HOH A O   1 
HETATM 1153 O O   . HOH I 6 .   ? 17.197  0.059   7.051   1.00 13.56 ? 326 HOH A O   1 
HETATM 1154 O O   . HOH I 6 .   ? -9.430  2.794   -11.334 1.00 24.80 ? 327 HOH A O   1 
HETATM 1155 O O   . HOH I 6 .   ? 17.755  -8.055  1.409   1.00 30.99 ? 328 HOH A O   1 
HETATM 1156 O O   . HOH I 6 .   ? 15.352  -1.406  10.242  1.00 15.18 ? 329 HOH A O   1 
HETATM 1157 O O   . HOH I 6 .   ? 1.136   16.006  9.679   1.00 41.59 ? 330 HOH A O   1 
HETATM 1158 O O   . HOH I 6 .   ? -6.531  5.570   -9.617  1.00 13.03 ? 331 HOH A O   1 
HETATM 1159 O O   . HOH I 6 .   ? 3.677   -5.521  -1.609  1.00 9.96  ? 332 HOH A O   1 
HETATM 1160 O O   . HOH I 6 .   ? 3.625   -2.339  -11.447 1.00 18.73 ? 333 HOH A O   1 
HETATM 1161 O O   . HOH I 6 .   ? 8.832   4.052   -10.730 1.00 37.98 ? 334 HOH A O   1 
HETATM 1162 O O   . HOH I 6 .   ? 14.916  -13.028 -1.038  1.00 34.83 ? 335 HOH A O   1 
HETATM 1163 O O   . HOH I 6 .   ? 4.502   -2.319  -2.124  1.00 12.04 ? 336 HOH A O   1 
HETATM 1164 O O   . HOH I 6 .   ? 13.439  -6.119  7.229   1.00 9.87  ? 337 HOH A O   1 
HETATM 1165 O O   . HOH I 6 .   ? 5.753   -3.131  0.140   1.00 10.49 ? 338 HOH A O   1 
HETATM 1166 O O   . HOH I 6 .   ? -10.412 4.116   -9.167  1.00 16.15 ? 339 HOH A O   1 
HETATM 1167 O O   . HOH I 6 .   ? -9.615  -6.989  0.569   1.00 31.36 ? 340 HOH A O   1 
HETATM 1168 O O   . HOH I 6 .   ? -14.622 8.492   -6.439  1.00 24.98 ? 341 HOH A O   1 
HETATM 1169 O O   . HOH I 6 .   ? 20.890  -4.731  4.973   1.00 25.52 ? 342 HOH A O   1 
HETATM 1170 O O   . HOH I 6 .   ? 2.118   -8.140  5.336   1.00 11.18 ? 343 HOH A O   1 
HETATM 1171 O O   . HOH I 6 .   ? 11.731  9.417   14.294  1.00 32.13 ? 344 HOH A O   1 
HETATM 1172 O O   . HOH I 6 .   ? 2.080   -10.685 2.364   1.00 11.58 ? 345 HOH A O   1 
HETATM 1173 O O   . HOH I 6 .   ? 0.367   -4.869  -4.960  1.00 8.01  ? 346 HOH A O   1 
HETATM 1174 O O   . HOH I 6 .   ? -0.672  -12.159 -14.138 1.00 24.73 ? 347 HOH A O   1 
HETATM 1175 O O   . HOH I 6 .   ? 0.526   -7.250  -9.831  1.00 10.46 ? 348 HOH A O   1 
HETATM 1176 O O   . HOH I 6 .   ? -5.058  3.450   -13.549 1.00 25.47 ? 349 HOH A O   1 
HETATM 1177 O O   . HOH I 6 .   ? 2.053   -14.576 -13.946 1.00 20.96 ? 350 HOH A O   1 
HETATM 1178 O O   . HOH I 6 .   ? 4.464   14.813  1.418   1.00 27.50 ? 351 HOH A O   1 
HETATM 1179 O O   . HOH I 6 .   ? 16.050  -10.120 1.852   1.00 33.35 ? 352 HOH A O   1 
HETATM 1180 O O   . HOH I 6 .   ? 17.283  -1.798  -5.132  1.00 24.82 ? 353 HOH A O   1 
HETATM 1181 O O   . HOH I 6 .   ? -6.344  -9.925  -8.092  1.00 26.29 ? 354 HOH A O   1 
HETATM 1182 O O   . HOH I 6 .   ? -3.084  19.142  -3.463  1.00 22.18 ? 355 HOH A O   1 
HETATM 1183 O O   . HOH I 6 .   ? 13.842  -10.927 -13.031 1.00 15.76 ? 356 HOH A O   1 
HETATM 1184 O O   . HOH I 6 .   ? 7.135   -2.269  -9.459  1.00 15.00 ? 357 HOH A O   1 
HETATM 1185 O O   . HOH I 6 .   ? 3.146   -6.823  -10.789 1.00 12.15 ? 358 HOH A O   1 
HETATM 1186 O O   . HOH I 6 .   ? 10.722  -17.610 -12.125 1.00 25.97 ? 359 HOH A O   1 
HETATM 1187 O O   . HOH I 6 .   ? 16.360  -4.685  -0.490  1.00 26.09 ? 360 HOH A O   1 
HETATM 1188 O O   . HOH I 6 .   ? -0.010  -8.061  -13.541 1.00 30.26 ? 361 HOH A O   1 
HETATM 1189 O O   . HOH I 6 .   ? -2.202  -5.682  7.911   1.00 30.93 ? 362 HOH A O   1 
HETATM 1190 O O   . HOH I 6 .   ? 16.245  -4.877  -7.241  1.00 30.17 ? 363 HOH A O   1 
HETATM 1191 O O   . HOH I 6 .   ? 9.289   14.206  1.367   1.00 24.84 ? 364 HOH A O   1 
HETATM 1192 O O   . HOH I 6 .   ? -0.654  -8.351  5.994   1.00 27.13 ? 365 HOH A O   1 
HETATM 1193 O O   . HOH I 6 .   ? 6.522   -6.968  -16.524 1.00 24.90 ? 366 HOH A O   1 
HETATM 1194 O O   . HOH I 6 .   ? 3.135   -4.910  -4.649  1.00 12.07 ? 367 HOH A O   1 
HETATM 1195 O O   . HOH I 6 .   ? -13.182 -3.203  10.636  1.00 25.37 ? 368 HOH A O   1 
HETATM 1196 O O   . HOH I 6 .   ? 16.928  -15.742 -9.755  1.00 23.69 ? 369 HOH A O   1 
HETATM 1197 O O   . HOH I 6 .   ? -7.567  -8.732  -4.360  1.00 25.65 ? 370 HOH A O   1 
HETATM 1198 O O   . HOH I 6 .   ? 14.278  -10.810 5.637   1.00 25.29 ? 371 HOH A O   1 
HETATM 1199 O O   . HOH I 6 .   ? 8.988   10.243  8.618   1.00 24.62 ? 372 HOH A O   1 
HETATM 1200 O O   . HOH I 6 .   ? -13.245 -4.050  2.063   1.00 22.91 ? 373 HOH A O   1 
HETATM 1201 O O   . HOH I 6 .   ? 20.188  -1.334  0.723   1.00 22.64 ? 374 HOH A O   1 
HETATM 1202 O O   . HOH I 6 .   ? 20.227  -6.056  7.415   1.00 18.16 ? 375 HOH A O   1 
HETATM 1203 O O   . HOH I 6 .   ? 6.072   11.099  -5.597  1.00 26.13 ? 376 HOH A O   1 
HETATM 1204 O O   . HOH I 6 .   ? -13.632 3.076   0.826   1.00 13.74 ? 377 HOH A O   1 
HETATM 1205 O O   . HOH I 6 .   ? 8.468   9.690   -4.431  1.00 19.26 ? 378 HOH A O   1 
HETATM 1206 O O   . HOH I 6 .   ? 3.543   -13.030 3.050   1.00 20.19 ? 379 HOH A O   1 
HETATM 1207 O O   . HOH I 6 .   ? 4.497   8.232   14.039  1.00 40.60 ? 380 HOH A O   1 
HETATM 1208 O O   . HOH I 6 .   ? -1.029  17.636  -1.670  1.00 33.90 ? 381 HOH A O   1 
HETATM 1209 O O   . HOH I 6 .   ? 8.246   3.160   11.180  1.00 26.77 ? 382 HOH A O   1 
HETATM 1210 O O   . HOH I 6 .   ? 2.532   -4.237  12.225  1.00 32.65 ? 383 HOH A O   1 
HETATM 1211 O O   . HOH I 6 .   ? 5.135   -2.294  11.629  1.00 33.19 ? 384 HOH A O   1 
HETATM 1212 O O   . HOH I 6 .   ? 13.312  6.075   8.305   1.00 29.30 ? 385 HOH A O   1 
HETATM 1213 O O   . HOH I 6 .   ? 11.329  -17.457 -9.611  1.00 38.08 ? 386 HOH A O   1 
HETATM 1214 O O   . HOH I 6 .   ? 1.428   0.271   9.560   1.00 26.81 ? 387 HOH A O   1 
HETATM 1215 O O   . HOH I 6 .   ? -8.163  -4.484  4.190   1.00 28.16 ? 388 HOH A O   1 
HETATM 1216 O O   . HOH I 6 .   ? -12.607 1.857   11.387  1.00 21.73 ? 389 HOH A O   1 
HETATM 1217 O O   . HOH I 6 .   ? -4.098  4.587   -8.458  1.00 21.46 ? 390 HOH A O   1 
HETATM 1218 O O   . HOH I 6 .   ? 4.690   -11.788 -15.361 1.00 24.31 ? 391 HOH A O   1 
HETATM 1219 O O   . HOH I 6 .   ? -18.964 0.171   -3.651  1.00 32.22 ? 392 HOH A O   1 
HETATM 1220 O O   . HOH I 6 .   ? 0.609   -7.086  -6.936  1.00 12.45 ? 393 HOH A O   1 
HETATM 1221 O O   . HOH I 6 .   ? -5.924  -7.666  -1.025  1.00 24.24 ? 394 HOH A O   1 
HETATM 1222 O O   . HOH I 6 .   ? -8.063  16.309  -3.972  1.00 39.89 ? 395 HOH A O   1 
HETATM 1223 O O   . HOH I 6 .   ? 15.728  -8.582  -0.681  1.00 37.88 ? 396 HOH A O   1 
HETATM 1224 O O   . HOH I 6 .   ? -0.079  16.815  0.481   1.00 36.75 ? 397 HOH A O   1 
HETATM 1225 O O   . HOH I 6 .   ? 8.112   -1.333  -11.804 1.00 35.75 ? 398 HOH A O   1 
HETATM 1226 O O   . HOH I 6 .   ? -11.754 -5.211  9.705   1.00 32.75 ? 399 HOH A O   1 
HETATM 1227 O O   . HOH I 6 .   ? 2.939   8.194   16.524  1.00 53.91 ? 400 HOH A O   1 
HETATM 1228 O O   . HOH I 6 .   ? -15.294 8.219   1.088   1.00 33.12 ? 401 HOH A O   1 
HETATM 1229 O O   . HOH I 6 .   ? 7.666   2.989   -13.008 1.00 43.37 ? 402 HOH A O   1 
HETATM 1230 O O   . HOH I 6 .   ? 3.817   12.973  -6.432  1.00 22.22 ? 403 HOH A O   1 
HETATM 1231 O O   . HOH I 6 .   ? -0.077  -5.173  -11.810 1.00 23.86 ? 404 HOH A O   1 
HETATM 1232 O O   . HOH I 6 .   ? -15.607 7.663   -8.890  1.00 28.32 ? 405 HOH A O   1 
HETATM 1233 O O   . HOH I 6 .   ? 5.311   15.209  -5.782  1.00 34.07 ? 406 HOH A O   1 
HETATM 1234 O O   . HOH I 6 .   ? 13.157  -6.945  -17.452 1.00 28.26 ? 407 HOH A O   1 
HETATM 1235 O O   . HOH I 6 .   ? 6.765   -6.813  9.832   1.00 24.18 ? 408 HOH A O   1 
HETATM 1236 O O   . HOH I 6 .   ? 3.183   -5.054  -12.630 1.00 30.45 ? 409 HOH A O   1 
HETATM 1237 O O   . HOH I 6 .   ? 5.077   14.755  4.175   1.00 38.05 ? 410 HOH A O   1 
HETATM 1238 O O   . HOH I 6 .   ? -11.192 12.947  -3.950  1.00 37.20 ? 411 HOH A O   1 
HETATM 1239 O O   . HOH I 6 .   ? -6.312  11.576  -4.956  1.00 24.19 ? 412 HOH A O   1 
HETATM 1240 O O   . HOH I 6 .   ? 12.852  -4.676  9.532   1.00 14.91 ? 413 HOH A O   1 
HETATM 1241 O O   . HOH I 6 .   ? -8.046  13.569  -3.981  1.00 42.09 ? 414 HOH A O   1 
HETATM 1242 O O   . HOH I 6 .   ? 2.640   17.064  0.992   1.00 33.52 ? 415 HOH A O   1 
# 
loop_
_pdbx_poly_seq_scheme.asym_id 
_pdbx_poly_seq_scheme.entity_id 
_pdbx_poly_seq_scheme.seq_id 
_pdbx_poly_seq_scheme.mon_id 
_pdbx_poly_seq_scheme.ndb_seq_num 
_pdbx_poly_seq_scheme.pdb_seq_num 
_pdbx_poly_seq_scheme.auth_seq_num 
_pdbx_poly_seq_scheme.pdb_mon_id 
_pdbx_poly_seq_scheme.auth_mon_id 
_pdbx_poly_seq_scheme.pdb_strand_id 
_pdbx_poly_seq_scheme.pdb_ins_code 
_pdbx_poly_seq_scheme.hetero 
A 1 1   MET 1   28  ?   ?   ?   A . n 
A 1 2   LYS 2   29  ?   ?   ?   A . n 
A 1 3   LYS 3   30  ?   ?   ?   A . n 
A 1 4   GLY 4   31  ?   ?   ?   A . n 
A 1 5   HIS 5   32  ?   ?   ?   A . n 
A 1 6   HIS 6   33  ?   ?   ?   A . n 
A 1 7   HIS 7   34  ?   ?   ?   A . n 
A 1 8   HIS 8   35  ?   ?   ?   A . n 
A 1 9   HIS 9   36  ?   ?   ?   A . n 
A 1 10  HIS 10  37  ?   ?   ?   A . n 
A 1 11  LEU 11  38  38  LEU LEU A . n 
A 1 12  VAL 12  39  39  VAL VAL A . n 
A 1 13  PRO 13  40  40  PRO PRO A . n 
A 1 14  ARG 14  41  41  ARG ARG A . n 
A 1 15  GLY 15  42  42  GLY GLY A . n 
A 1 16  SER 16  43  43  SER SER A . n 
A 1 17  ASN 17  44  44  ASN ASN A . n 
A 1 18  PRO 18  45  45  PRO PRO A . n 
A 1 19  PRO 19  46  46  PRO PRO A . n 
A 1 20  PRO 20  47  47  PRO PRO A . n 
A 1 21  PRO 21  48  48  PRO PRO A . n 
A 1 22  GLU 22  49  49  GLU GLU A . n 
A 1 23  THR 23  50  50  THR THR A . n 
A 1 24  SER 24  51  51  SER SER A . n 
A 1 25  ASN 25  52  52  ASN ASN A . n 
A 1 26  PRO 26  53  53  PRO PRO A . n 
A 1 27  ASN 27  54  54  ASN ASN A . n 
A 1 28  LYS 28  55  55  LYS LYS A . n 
A 1 29  PRO 29  56  56  PRO PRO A . n 
A 1 30  LYS 30  57  57  LYS LYS A . n 
A 1 31  ARG 31  58  58  ARG ARG A . n 
A 1 32  GLN 32  59  59  GLN GLN A . n 
A 1 33  THR 33  60  60  THR THR A . n 
A 1 34  ASN 34  61  61  ASN ASN A . n 
A 1 35  GLN 35  62  62  GLN GLN A . n 
A 1 36  LEU 36  63  63  LEU LEU A . n 
A 1 37  GLN 37  64  64  GLN GLN A . n 
A 1 38  TYR 38  65  65  TYR TYR A . n 
A 1 39  LEU 39  66  66  LEU LEU A . n 
A 1 40  LEU 40  67  67  LEU LEU A . n 
A 1 41  ARG 41  68  68  ARG ARG A . n 
A 1 42  VAL 42  69  69  VAL VAL A . n 
A 1 43  VAL 43  70  70  VAL VAL A . n 
A 1 44  LEU 44  71  71  LEU LEU A . n 
A 1 45  LYS 45  72  72  LYS LYS A . n 
A 1 46  THR 46  73  73  THR THR A . n 
A 1 47  LEU 47  74  74  LEU LEU A . n 
A 1 48  TRP 48  75  75  TRP TRP A . n 
A 1 49  LYS 49  76  76  LYS LYS A . n 
A 1 50  HIS 50  77  77  HIS HIS A . n 
A 1 51  GLN 51  78  78  GLN GLN A . n 
A 1 52  PHE 52  79  79  PHE PHE A . n 
A 1 53  ALA 53  80  80  ALA ALA A . n 
A 1 54  TRP 54  81  81  TRP TRP A . n 
A 1 55  PRO 55  82  82  PRO PRO A . n 
A 1 56  PHE 56  83  83  PHE PHE A . n 
A 1 57  GLN 57  84  84  GLN GLN A . n 
A 1 58  GLN 58  85  85  GLN GLN A . n 
A 1 59  PRO 59  86  86  PRO PRO A . n 
A 1 60  VAL 60  87  87  VAL VAL A . n 
A 1 61  ASP 61  88  88  ASP ASP A . n 
A 1 62  ALA 62  89  89  ALA ALA A . n 
A 1 63  VAL 63  90  90  VAL VAL A . n 
A 1 64  LYS 64  91  91  LYS LYS A . n 
A 1 65  LEU 65  92  92  LEU LEU A . n 
A 1 66  ASN 66  93  93  ASN ASN A . n 
A 1 67  LEU 67  94  94  LEU LEU A . n 
A 1 68  PRO 68  95  95  PRO PRO A . n 
A 1 69  ASP 69  96  96  ASP ASP A . n 
A 1 70  TYR 70  97  97  TYR TYR A . n 
A 1 71  TYR 71  98  98  TYR TYR A . n 
A 1 72  LYS 72  99  99  LYS LYS A . n 
A 1 73  ILE 73  100 100 ILE ILE A . n 
A 1 74  ILE 74  101 101 ILE ILE A . n 
A 1 75  LYS 75  102 102 LYS LYS A . n 
A 1 76  THR 76  103 103 THR THR A . n 
A 1 77  PRO 77  104 104 PRO PRO A . n 
A 1 78  MET 78  105 105 MET MET A . n 
A 1 79  ASP 79  106 106 ASP ASP A . n 
A 1 80  MET 80  107 107 MET MET A . n 
A 1 81  GLY 81  108 108 GLY GLY A . n 
A 1 82  THR 82  109 109 THR THR A . n 
A 1 83  ILE 83  110 110 ILE ILE A . n 
A 1 84  LYS 84  111 111 LYS LYS A . n 
A 1 85  LYS 85  112 112 LYS LYS A . n 
A 1 86  ARG 86  113 113 ARG ARG A . n 
A 1 87  LEU 87  114 114 LEU LEU A . n 
A 1 88  GLU 88  115 115 GLU GLU A . n 
A 1 89  ASN 89  116 116 ASN ASN A . n 
A 1 90  ASN 90  117 117 ASN ASN A . n 
A 1 91  TYR 91  118 118 TYR TYR A . n 
A 1 92  TYR 92  119 119 TYR TYR A . n 
A 1 93  TRP 93  120 120 TRP TRP A . n 
A 1 94  ASN 94  121 121 ASN ASN A . n 
A 1 95  ALA 95  122 122 ALA ALA A . n 
A 1 96  GLN 96  123 123 GLN GLN A . n 
A 1 97  GLU 97  124 124 GLU GLU A . n 
A 1 98  CYS 98  125 125 CYS CYS A . n 
A 1 99  ILE 99  126 126 ILE ILE A . n 
A 1 100 GLN 100 127 127 GLN GLN A . n 
A 1 101 ASP 101 128 128 ASP ASP A . n 
A 1 102 PHE 102 129 129 PHE PHE A . n 
A 1 103 ASN 103 130 130 ASN ASN A . n 
A 1 104 THR 104 131 131 THR THR A . n 
A 1 105 MET 105 132 132 MET MET A . n 
A 1 106 PHE 106 133 133 PHE PHE A . n 
A 1 107 THR 107 134 134 THR THR A . n 
A 1 108 ASN 108 135 135 ASN ASN A . n 
A 1 109 CYS 109 136 136 CYS CYS A . n 
A 1 110 TYR 110 137 137 TYR TYR A . n 
A 1 111 ILE 111 138 138 ILE ILE A . n 
A 1 112 TYR 112 139 139 TYR TYR A . n 
A 1 113 ASN 113 140 140 ASN ASN A . n 
A 1 114 LYS 114 141 141 LYS LYS A . n 
A 1 115 PRO 115 142 142 PRO PRO A . n 
A 1 116 GLY 116 143 143 GLY GLY A . n 
A 1 117 ASP 117 144 144 ASP ASP A . n 
A 1 118 ASP 118 145 145 ASP ASP A . n 
A 1 119 ILE 119 146 146 ILE ILE A . n 
A 1 120 VAL 120 147 147 VAL VAL A . n 
A 1 121 LEU 121 148 148 LEU LEU A . n 
A 1 122 MET 122 149 149 MET MET A . n 
A 1 123 ALA 123 150 150 ALA ALA A . n 
A 1 124 GLU 124 151 151 GLU GLU A . n 
A 1 125 ALA 125 152 152 ALA ALA A . n 
A 1 126 LEU 126 153 153 LEU LEU A . n 
A 1 127 GLU 127 154 154 GLU GLU A . n 
A 1 128 LYS 128 155 155 LYS LYS A . n 
A 1 129 LEU 129 156 156 LEU LEU A . n 
A 1 130 PHE 130 157 157 PHE PHE A . n 
A 1 131 LEU 131 158 158 LEU LEU A . n 
A 1 132 GLN 132 159 159 GLN GLN A . n 
A 1 133 LYS 133 160 160 LYS LYS A . n 
A 1 134 ILE 134 161 161 ILE ILE A . n 
A 1 135 ASN 135 162 162 ASN ASN A . n 
A 1 136 GLU 136 163 163 GLU GLU A . n 
A 1 137 LEU 137 164 164 LEU LEU A . n 
A 1 138 PRO 138 165 165 PRO PRO A . n 
A 1 139 THR 139 166 166 THR THR A . n 
A 1 140 GLU 140 167 ?   ?   ?   A . n 
A 1 141 GLU 141 168 ?   ?   ?   A . n 
# 
loop_
_pdbx_nonpoly_scheme.asym_id 
_pdbx_nonpoly_scheme.entity_id 
_pdbx_nonpoly_scheme.mon_id 
_pdbx_nonpoly_scheme.ndb_seq_num 
_pdbx_nonpoly_scheme.pdb_seq_num 
_pdbx_nonpoly_scheme.auth_seq_num 
_pdbx_nonpoly_scheme.pdb_mon_id 
_pdbx_nonpoly_scheme.auth_mon_id 
_pdbx_nonpoly_scheme.pdb_strand_id 
_pdbx_nonpoly_scheme.pdb_ins_code 
B 2 NO3 1   201 1   NO3 NO3 A . 
C 2 NO3 1   202 2   NO3 NO3 A . 
D 2 NO3 1   203 3   NO3 NO3 A . 
E 3 EDO 1   204 1   EDO EDO A . 
F 3 EDO 1   205 2   EDO EDO A . 
G 4 E0B 1   206 1   E0B E0B A . 
H 5 GOL 1   207 1   GOL GOL A . 
I 6 HOH 1   301 98  HOH HOH A . 
I 6 HOH 2   302 27  HOH HOH A . 
I 6 HOH 3   303 16  HOH HOH A . 
I 6 HOH 4   304 99  HOH HOH A . 
I 6 HOH 5   305 47  HOH HOH A . 
I 6 HOH 6   306 100 HOH HOH A . 
I 6 HOH 7   307 24  HOH HOH A . 
I 6 HOH 8   308 95  HOH HOH A . 
I 6 HOH 9   309 74  HOH HOH A . 
I 6 HOH 10  310 77  HOH HOH A . 
I 6 HOH 11  311 54  HOH HOH A . 
I 6 HOH 12  312 23  HOH HOH A . 
I 6 HOH 13  313 17  HOH HOH A . 
I 6 HOH 14  314 58  HOH HOH A . 
I 6 HOH 15  315 9   HOH HOH A . 
I 6 HOH 16  316 76  HOH HOH A . 
I 6 HOH 17  317 51  HOH HOH A . 
I 6 HOH 18  318 88  HOH HOH A . 
I 6 HOH 19  319 82  HOH HOH A . 
I 6 HOH 20  320 68  HOH HOH A . 
I 6 HOH 21  321 42  HOH HOH A . 
I 6 HOH 22  322 18  HOH HOH A . 
I 6 HOH 23  323 14  HOH HOH A . 
I 6 HOH 24  324 62  HOH HOH A . 
I 6 HOH 25  325 20  HOH HOH A . 
I 6 HOH 26  326 116 HOH HOH A . 
I 6 HOH 27  327 45  HOH HOH A . 
I 6 HOH 28  328 63  HOH HOH A . 
I 6 HOH 29  329 29  HOH HOH A . 
I 6 HOH 30  330 102 HOH HOH A . 
I 6 HOH 31  331 48  HOH HOH A . 
I 6 HOH 32  332 12  HOH HOH A . 
I 6 HOH 33  333 6   HOH HOH A . 
I 6 HOH 34  334 103 HOH HOH A . 
I 6 HOH 35  335 91  HOH HOH A . 
I 6 HOH 36  336 13  HOH HOH A . 
I 6 HOH 37  337 60  HOH HOH A . 
I 6 HOH 38  338 15  HOH HOH A . 
I 6 HOH 39  339 44  HOH HOH A . 
I 6 HOH 40  340 52  HOH HOH A . 
I 6 HOH 41  341 79  HOH HOH A . 
I 6 HOH 42  342 65  HOH HOH A . 
I 6 HOH 43  343 59  HOH HOH A . 
I 6 HOH 44  344 89  HOH HOH A . 
I 6 HOH 45  345 41  HOH HOH A . 
I 6 HOH 46  346 10  HOH HOH A . 
I 6 HOH 47  347 7   HOH HOH A . 
I 6 HOH 48  348 4   HOH HOH A . 
I 6 HOH 49  349 46  HOH HOH A . 
I 6 HOH 50  350 3   HOH HOH A . 
I 6 HOH 51  351 32  HOH HOH A . 
I 6 HOH 52  352 90  HOH HOH A . 
I 6 HOH 53  353 81  HOH HOH A . 
I 6 HOH 54  354 86  HOH HOH A . 
I 6 HOH 55  355 30  HOH HOH A . 
I 6 HOH 56  356 1   HOH HOH A . 
I 6 HOH 57  357 35  HOH HOH A . 
I 6 HOH 58  358 5   HOH HOH A . 
I 6 HOH 59  359 22  HOH HOH A . 
I 6 HOH 60  360 66  HOH HOH A . 
I 6 HOH 61  361 75  HOH HOH A . 
I 6 HOH 62  362 106 HOH HOH A . 
I 6 HOH 63  363 97  HOH HOH A . 
I 6 HOH 64  364 31  HOH HOH A . 
I 6 HOH 65  365 107 HOH HOH A . 
I 6 HOH 66  366 39  HOH HOH A . 
I 6 HOH 67  367 11  HOH HOH A . 
I 6 HOH 68  368 55  HOH HOH A . 
I 6 HOH 69  369 83  HOH HOH A . 
I 6 HOH 70  370 19  HOH HOH A . 
I 6 HOH 71  371 80  HOH HOH A . 
I 6 HOH 72  372 70  HOH HOH A . 
I 6 HOH 73  373 53  HOH HOH A . 
I 6 HOH 74  374 67  HOH HOH A . 
I 6 HOH 75  375 64  HOH HOH A . 
I 6 HOH 76  376 34  HOH HOH A . 
I 6 HOH 77  377 50  HOH HOH A . 
I 6 HOH 78  378 33  HOH HOH A . 
I 6 HOH 79  379 40  HOH HOH A . 
I 6 HOH 80  380 71  HOH HOH A . 
I 6 HOH 81  381 110 HOH HOH A . 
I 6 HOH 82  382 69  HOH HOH A . 
I 6 HOH 83  383 105 HOH HOH A . 
I 6 HOH 84  384 104 HOH HOH A . 
I 6 HOH 85  385 101 HOH HOH A . 
I 6 HOH 86  386 84  HOH HOH A . 
I 6 HOH 87  387 96  HOH HOH A . 
I 6 HOH 88  388 57  HOH HOH A . 
I 6 HOH 89  389 56  HOH HOH A . 
I 6 HOH 90  390 49  HOH HOH A . 
I 6 HOH 91  391 2   HOH HOH A . 
I 6 HOH 92  392 21  HOH HOH A . 
I 6 HOH 93  393 8   HOH HOH A . 
I 6 HOH 94  394 43  HOH HOH A . 
I 6 HOH 95  395 113 HOH HOH A . 
I 6 HOH 96  396 92  HOH HOH A . 
I 6 HOH 97  397 111 HOH HOH A . 
I 6 HOH 98  398 118 HOH HOH A . 
I 6 HOH 99  399 78  HOH HOH A . 
I 6 HOH 100 400 93  HOH HOH A . 
I 6 HOH 101 401 94  HOH HOH A . 
I 6 HOH 102 402 119 HOH HOH A . 
I 6 HOH 103 403 87  HOH HOH A . 
I 6 HOH 104 404 38  HOH HOH A . 
I 6 HOH 105 405 108 HOH HOH A . 
I 6 HOH 106 406 73  HOH HOH A . 
I 6 HOH 107 407 72  HOH HOH A . 
I 6 HOH 108 408 25  HOH HOH A . 
I 6 HOH 109 409 37  HOH HOH A . 
I 6 HOH 110 410 117 HOH HOH A . 
I 6 HOH 111 411 115 HOH HOH A . 
I 6 HOH 112 412 26  HOH HOH A . 
I 6 HOH 113 413 61  HOH HOH A . 
I 6 HOH 114 414 114 HOH HOH A . 
I 6 HOH 115 415 112 HOH HOH A . 
# 
_pdbx_struct_assembly.id                   1 
_pdbx_struct_assembly.details              author_and_software_defined_assembly 
_pdbx_struct_assembly.method_details       PISA 
_pdbx_struct_assembly.oligomeric_details   monomeric 
_pdbx_struct_assembly.oligomeric_count     1 
# 
_pdbx_struct_assembly_gen.assembly_id       1 
_pdbx_struct_assembly_gen.oper_expression   1 
_pdbx_struct_assembly_gen.asym_id_list      A,B,C,D,E,F,G,H,I 
# 
loop_
_pdbx_struct_assembly_prop.biol_id 
_pdbx_struct_assembly_prop.type 
_pdbx_struct_assembly_prop.value 
_pdbx_struct_assembly_prop.details 
1 'ABSA (A^2)' 160  ? 
1 MORE         1    ? 
1 'SSA (A^2)'  8060 ? 
# 
_pdbx_struct_oper_list.id                   1 
_pdbx_struct_oper_list.type                 'identity operation' 
_pdbx_struct_oper_list.name                 1_555 
_pdbx_struct_oper_list.symmetry_operation   x,y,z 
_pdbx_struct_oper_list.matrix[1][1]         1.0000000000 
_pdbx_struct_oper_list.matrix[1][2]         0.0000000000 
_pdbx_struct_oper_list.matrix[1][3]         0.0000000000 
_pdbx_struct_oper_list.vector[1]            0.0000000000 
_pdbx_struct_oper_list.matrix[2][1]         0.0000000000 
_pdbx_struct_oper_list.matrix[2][2]         1.0000000000 
_pdbx_struct_oper_list.matrix[2][3]         0.0000000000 
_pdbx_struct_oper_list.vector[2]            0.0000000000 
_pdbx_struct_oper_list.matrix[3][1]         0.0000000000 
_pdbx_struct_oper_list.matrix[3][2]         0.0000000000 
_pdbx_struct_oper_list.matrix[3][3]         1.0000000000 
_pdbx_struct_oper_list.vector[3]            0.0000000000 
# 
loop_
_pdbx_audit_revision_history.ordinal 
_pdbx_audit_revision_history.data_content_type 
_pdbx_audit_revision_history.major_revision 
_pdbx_audit_revision_history.minor_revision 
_pdbx_audit_revision_history.revision_date 
1 'Structure model' 1 0 2016-01-13 
2 'Structure model' 1 1 2016-01-27 
3 'Structure model' 1 2 2016-03-09 
4 'Structure model' 1 3 2023-11-08 
5 'Structure model' 1 4 2023-11-29 
# 
_pdbx_audit_revision_details.ordinal             1 
_pdbx_audit_revision_details.revision_ordinal    1 
_pdbx_audit_revision_details.data_content_type   'Structure model' 
_pdbx_audit_revision_details.provider            repository 
_pdbx_audit_revision_details.type                'Initial release' 
_pdbx_audit_revision_details.description         ? 
_pdbx_audit_revision_details.details             ? 
# 
loop_
_pdbx_audit_revision_group.ordinal 
_pdbx_audit_revision_group.revision_ordinal 
_pdbx_audit_revision_group.data_content_type 
_pdbx_audit_revision_group.group 
1 2 'Structure model' 'Database references'    
2 3 'Structure model' 'Database references'    
3 4 'Structure model' 'Data collection'        
4 4 'Structure model' 'Database references'    
5 4 'Structure model' 'Derived calculations'   
6 4 'Structure model' 'Refinement description' 
7 5 'Structure model' 'Database references'    
# 
loop_
_pdbx_audit_revision_category.ordinal 
_pdbx_audit_revision_category.revision_ordinal 
_pdbx_audit_revision_category.data_content_type 
_pdbx_audit_revision_category.category 
1 4 'Structure model' chem_comp_atom                
2 4 'Structure model' chem_comp_bond                
3 4 'Structure model' citation                      
4 4 'Structure model' database_2                    
5 4 'Structure model' diffrn_radiation_wavelength   
6 4 'Structure model' pdbx_initial_refinement_model 
7 4 'Structure model' pdbx_struct_oper_list         
8 5 'Structure model' pdbx_database_related         
# 
loop_
_pdbx_audit_revision_item.ordinal 
_pdbx_audit_revision_item.revision_ordinal 
_pdbx_audit_revision_item.data_content_type 
_pdbx_audit_revision_item.item 
1 4 'Structure model' '_citation.journal_id_CSD'                  
2 4 'Structure model' '_database_2.pdbx_DOI'                      
3 4 'Structure model' '_database_2.pdbx_database_accession'       
4 4 'Structure model' '_pdbx_struct_oper_list.symmetry_operation' 
5 5 'Structure model' '_pdbx_database_related.db_name'            
# 
loop_
_software.citation_id 
_software.classification 
_software.compiler_name 
_software.compiler_version 
_software.contact_author 
_software.contact_author_email 
_software.date 
_software.description 
_software.dependencies 
_software.hardware 
_software.language 
_software.location 
_software.mods 
_software.name 
_software.os 
_software.os_version 
_software.type 
_software.version 
_software.pdbx_ordinal 
? 'data scaling'    ? ? ? ? ? ? ? ? ? ? ? Aimless     ? ? ? 0.5.9    1 
? refinement        ? ? ? ? ? ? ? ? ? ? ? REFMAC      ? ? ? 5.8.0124 2 
? 'data extraction' ? ? ? ? ? ? ? ? ? ? ? PDB_EXTRACT ? ? ? 3.15     3 
? 'data reduction'  ? ? ? ? ? ? ? ? ? ? ? MOSFLM      ? ? ? .        4 
? phasing           ? ? ? ? ? ? ? ? ? ? ? MOLREP      ? ? ? .        5 
# 
_pdbx_validate_rmsd_angle.id                         1 
_pdbx_validate_rmsd_angle.PDB_model_num              1 
_pdbx_validate_rmsd_angle.auth_atom_id_1             CG 
_pdbx_validate_rmsd_angle.auth_asym_id_1             A 
_pdbx_validate_rmsd_angle.auth_comp_id_1             MET 
_pdbx_validate_rmsd_angle.auth_seq_id_1              107 
_pdbx_validate_rmsd_angle.PDB_ins_code_1             ? 
_pdbx_validate_rmsd_angle.label_alt_id_1             ? 
_pdbx_validate_rmsd_angle.auth_atom_id_2             SD 
_pdbx_validate_rmsd_angle.auth_asym_id_2             A 
_pdbx_validate_rmsd_angle.auth_comp_id_2             MET 
_pdbx_validate_rmsd_angle.auth_seq_id_2              107 
_pdbx_validate_rmsd_angle.PDB_ins_code_2             ? 
_pdbx_validate_rmsd_angle.label_alt_id_2             ? 
_pdbx_validate_rmsd_angle.auth_atom_id_3             CE 
_pdbx_validate_rmsd_angle.auth_asym_id_3             A 
_pdbx_validate_rmsd_angle.auth_comp_id_3             MET 
_pdbx_validate_rmsd_angle.auth_seq_id_3              107 
_pdbx_validate_rmsd_angle.PDB_ins_code_3             ? 
_pdbx_validate_rmsd_angle.label_alt_id_3             ? 
_pdbx_validate_rmsd_angle.angle_value                89.88 
_pdbx_validate_rmsd_angle.angle_target_value         100.20 
_pdbx_validate_rmsd_angle.angle_deviation            -10.32 
_pdbx_validate_rmsd_angle.angle_standard_deviation   1.60 
_pdbx_validate_rmsd_angle.linker_flag                N 
# 
_pdbx_validate_torsion.id              1 
_pdbx_validate_torsion.PDB_model_num   1 
_pdbx_validate_torsion.auth_comp_id    PRO 
_pdbx_validate_torsion.auth_asym_id    A 
_pdbx_validate_torsion.auth_seq_id     165 
_pdbx_validate_torsion.PDB_ins_code    ? 
_pdbx_validate_torsion.label_alt_id    ? 
_pdbx_validate_torsion.phi             -56.04 
_pdbx_validate_torsion.psi             171.10 
# 
loop_
_pdbx_unobs_or_zero_occ_residues.id 
_pdbx_unobs_or_zero_occ_residues.PDB_model_num 
_pdbx_unobs_or_zero_occ_residues.polymer_flag 
_pdbx_unobs_or_zero_occ_residues.occupancy_flag 
_pdbx_unobs_or_zero_occ_residues.auth_asym_id 
_pdbx_unobs_or_zero_occ_residues.auth_comp_id 
_pdbx_unobs_or_zero_occ_residues.auth_seq_id 
_pdbx_unobs_or_zero_occ_residues.PDB_ins_code 
_pdbx_unobs_or_zero_occ_residues.label_asym_id 
_pdbx_unobs_or_zero_occ_residues.label_comp_id 
_pdbx_unobs_or_zero_occ_residues.label_seq_id 
1  1 Y 1 A MET 28  ? A MET 1   
2  1 Y 1 A LYS 29  ? A LYS 2   
3  1 Y 1 A LYS 30  ? A LYS 3   
4  1 Y 1 A GLY 31  ? A GLY 4   
5  1 Y 1 A HIS 32  ? A HIS 5   
6  1 Y 1 A HIS 33  ? A HIS 6   
7  1 Y 1 A HIS 34  ? A HIS 7   
8  1 Y 1 A HIS 35  ? A HIS 8   
9  1 Y 1 A HIS 36  ? A HIS 9   
10 1 Y 1 A HIS 37  ? A HIS 10  
11 1 Y 1 A GLU 167 ? A GLU 140 
12 1 Y 1 A GLU 168 ? A GLU 141 
# 
loop_
_chem_comp_atom.comp_id 
_chem_comp_atom.atom_id 
_chem_comp_atom.type_symbol 
_chem_comp_atom.pdbx_aromatic_flag 
_chem_comp_atom.pdbx_stereo_config 
_chem_comp_atom.pdbx_ordinal 
ALA N    N N N 1   
ALA CA   C N S 2   
ALA C    C N N 3   
ALA O    O N N 4   
ALA CB   C N N 5   
ALA OXT  O N N 6   
ALA H    H N N 7   
ALA H2   H N N 8   
ALA HA   H N N 9   
ALA HB1  H N N 10  
ALA HB2  H N N 11  
ALA HB3  H N N 12  
ALA HXT  H N N 13  
ARG N    N N N 14  
ARG CA   C N S 15  
ARG C    C N N 16  
ARG O    O N N 17  
ARG CB   C N N 18  
ARG CG   C N N 19  
ARG CD   C N N 20  
ARG NE   N N N 21  
ARG CZ   C N N 22  
ARG NH1  N N N 23  
ARG NH2  N N N 24  
ARG OXT  O N N 25  
ARG H    H N N 26  
ARG H2   H N N 27  
ARG HA   H N N 28  
ARG HB2  H N N 29  
ARG HB3  H N N 30  
ARG HG2  H N N 31  
ARG HG3  H N N 32  
ARG HD2  H N N 33  
ARG HD3  H N N 34  
ARG HE   H N N 35  
ARG HH11 H N N 36  
ARG HH12 H N N 37  
ARG HH21 H N N 38  
ARG HH22 H N N 39  
ARG HXT  H N N 40  
ASN N    N N N 41  
ASN CA   C N S 42  
ASN C    C N N 43  
ASN O    O N N 44  
ASN CB   C N N 45  
ASN CG   C N N 46  
ASN OD1  O N N 47  
ASN ND2  N N N 48  
ASN OXT  O N N 49  
ASN H    H N N 50  
ASN H2   H N N 51  
ASN HA   H N N 52  
ASN HB2  H N N 53  
ASN HB3  H N N 54  
ASN HD21 H N N 55  
ASN HD22 H N N 56  
ASN HXT  H N N 57  
ASP N    N N N 58  
ASP CA   C N S 59  
ASP C    C N N 60  
ASP O    O N N 61  
ASP CB   C N N 62  
ASP CG   C N N 63  
ASP OD1  O N N 64  
ASP OD2  O N N 65  
ASP OXT  O N N 66  
ASP H    H N N 67  
ASP H2   H N N 68  
ASP HA   H N N 69  
ASP HB2  H N N 70  
ASP HB3  H N N 71  
ASP HD2  H N N 72  
ASP HXT  H N N 73  
CYS N    N N N 74  
CYS CA   C N R 75  
CYS C    C N N 76  
CYS O    O N N 77  
CYS CB   C N N 78  
CYS SG   S N N 79  
CYS OXT  O N N 80  
CYS H    H N N 81  
CYS H2   H N N 82  
CYS HA   H N N 83  
CYS HB2  H N N 84  
CYS HB3  H N N 85  
CYS HG   H N N 86  
CYS HXT  H N N 87  
E0B CAV  C N N 88  
E0B CAW  C N N 89  
E0B NAX  N N N 90  
E0B CBA  C N N 91  
E0B OBC  O N N 92  
E0B CBB  C N N 93  
E0B CAY  C N N 94  
E0B CAZ  C N N 95  
E0B CAU  C N N 96  
E0B CAT  C N N 97  
E0B NAS  N N N 98  
E0B SAP  S N N 99  
E0B OAQ  O N N 100 
E0B OAR  O N N 101 
E0B CAC  C Y N 102 
E0B CAB  C Y N 103 
E0B CAA  C Y N 104 
E0B CAF  C Y N 105 
E0B CAE  C Y N 106 
E0B CAD  C Y N 107 
E0B CAG  C Y N 108 
E0B CAH  C Y N 109 
E0B CAI  C Y N 110 
E0B CAJ  C Y N 111 
E0B CAL  C N N 112 
E0B OAM  O N N 113 
E0B NAK  N N N 114 
E0B CAN  C N N 115 
E0B CAO  C N N 116 
E0B H1   H N N 117 
E0B H2   H N N 118 
E0B H3   H N N 119 
E0B H4   H N N 120 
E0B H5   H N N 121 
E0B H6   H N N 122 
E0B H7   H N N 123 
E0B H8   H N N 124 
E0B H9   H N N 125 
E0B H10  H N N 126 
E0B H11  H N N 127 
E0B H12  H N N 128 
E0B H13  H N N 129 
E0B H14  H N N 130 
E0B H15  H N N 131 
E0B H16  H N N 132 
E0B H17  H N N 133 
E0B H18  H N N 134 
E0B H19  H N N 135 
E0B H20  H N N 136 
E0B H21  H N N 137 
E0B H22  H N N 138 
E0B H23  H N N 139 
E0B H24  H N N 140 
E0B H25  H N N 141 
EDO C1   C N N 142 
EDO O1   O N N 143 
EDO C2   C N N 144 
EDO O2   O N N 145 
EDO H11  H N N 146 
EDO H12  H N N 147 
EDO HO1  H N N 148 
EDO H21  H N N 149 
EDO H22  H N N 150 
EDO HO2  H N N 151 
GLN N    N N N 152 
GLN CA   C N S 153 
GLN C    C N N 154 
GLN O    O N N 155 
GLN CB   C N N 156 
GLN CG   C N N 157 
GLN CD   C N N 158 
GLN OE1  O N N 159 
GLN NE2  N N N 160 
GLN OXT  O N N 161 
GLN H    H N N 162 
GLN H2   H N N 163 
GLN HA   H N N 164 
GLN HB2  H N N 165 
GLN HB3  H N N 166 
GLN HG2  H N N 167 
GLN HG3  H N N 168 
GLN HE21 H N N 169 
GLN HE22 H N N 170 
GLN HXT  H N N 171 
GLU N    N N N 172 
GLU CA   C N S 173 
GLU C    C N N 174 
GLU O    O N N 175 
GLU CB   C N N 176 
GLU CG   C N N 177 
GLU CD   C N N 178 
GLU OE1  O N N 179 
GLU OE2  O N N 180 
GLU OXT  O N N 181 
GLU H    H N N 182 
GLU H2   H N N 183 
GLU HA   H N N 184 
GLU HB2  H N N 185 
GLU HB3  H N N 186 
GLU HG2  H N N 187 
GLU HG3  H N N 188 
GLU HE2  H N N 189 
GLU HXT  H N N 190 
GLY N    N N N 191 
GLY CA   C N N 192 
GLY C    C N N 193 
GLY O    O N N 194 
GLY OXT  O N N 195 
GLY H    H N N 196 
GLY H2   H N N 197 
GLY HA2  H N N 198 
GLY HA3  H N N 199 
GLY HXT  H N N 200 
GOL C1   C N N 201 
GOL O1   O N N 202 
GOL C2   C N N 203 
GOL O2   O N N 204 
GOL C3   C N N 205 
GOL O3   O N N 206 
GOL H11  H N N 207 
GOL H12  H N N 208 
GOL HO1  H N N 209 
GOL H2   H N N 210 
GOL HO2  H N N 211 
GOL H31  H N N 212 
GOL H32  H N N 213 
GOL HO3  H N N 214 
HIS N    N N N 215 
HIS CA   C N S 216 
HIS C    C N N 217 
HIS O    O N N 218 
HIS CB   C N N 219 
HIS CG   C Y N 220 
HIS ND1  N Y N 221 
HIS CD2  C Y N 222 
HIS CE1  C Y N 223 
HIS NE2  N Y N 224 
HIS OXT  O N N 225 
HIS H    H N N 226 
HIS H2   H N N 227 
HIS HA   H N N 228 
HIS HB2  H N N 229 
HIS HB3  H N N 230 
HIS HD1  H N N 231 
HIS HD2  H N N 232 
HIS HE1  H N N 233 
HIS HE2  H N N 234 
HIS HXT  H N N 235 
HOH O    O N N 236 
HOH H1   H N N 237 
HOH H2   H N N 238 
ILE N    N N N 239 
ILE CA   C N S 240 
ILE C    C N N 241 
ILE O    O N N 242 
ILE CB   C N S 243 
ILE CG1  C N N 244 
ILE CG2  C N N 245 
ILE CD1  C N N 246 
ILE OXT  O N N 247 
ILE H    H N N 248 
ILE H2   H N N 249 
ILE HA   H N N 250 
ILE HB   H N N 251 
ILE HG12 H N N 252 
ILE HG13 H N N 253 
ILE HG21 H N N 254 
ILE HG22 H N N 255 
ILE HG23 H N N 256 
ILE HD11 H N N 257 
ILE HD12 H N N 258 
ILE HD13 H N N 259 
ILE HXT  H N N 260 
LEU N    N N N 261 
LEU CA   C N S 262 
LEU C    C N N 263 
LEU O    O N N 264 
LEU CB   C N N 265 
LEU CG   C N N 266 
LEU CD1  C N N 267 
LEU CD2  C N N 268 
LEU OXT  O N N 269 
LEU H    H N N 270 
LEU H2   H N N 271 
LEU HA   H N N 272 
LEU HB2  H N N 273 
LEU HB3  H N N 274 
LEU HG   H N N 275 
LEU HD11 H N N 276 
LEU HD12 H N N 277 
LEU HD13 H N N 278 
LEU HD21 H N N 279 
LEU HD22 H N N 280 
LEU HD23 H N N 281 
LEU HXT  H N N 282 
LYS N    N N N 283 
LYS CA   C N S 284 
LYS C    C N N 285 
LYS O    O N N 286 
LYS CB   C N N 287 
LYS CG   C N N 288 
LYS CD   C N N 289 
LYS CE   C N N 290 
LYS NZ   N N N 291 
LYS OXT  O N N 292 
LYS H    H N N 293 
LYS H2   H N N 294 
LYS HA   H N N 295 
LYS HB2  H N N 296 
LYS HB3  H N N 297 
LYS HG2  H N N 298 
LYS HG3  H N N 299 
LYS HD2  H N N 300 
LYS HD3  H N N 301 
LYS HE2  H N N 302 
LYS HE3  H N N 303 
LYS HZ1  H N N 304 
LYS HZ2  H N N 305 
LYS HZ3  H N N 306 
LYS HXT  H N N 307 
MET N    N N N 308 
MET CA   C N S 309 
MET C    C N N 310 
MET O    O N N 311 
MET CB   C N N 312 
MET CG   C N N 313 
MET SD   S N N 314 
MET CE   C N N 315 
MET OXT  O N N 316 
MET H    H N N 317 
MET H2   H N N 318 
MET HA   H N N 319 
MET HB2  H N N 320 
MET HB3  H N N 321 
MET HG2  H N N 322 
MET HG3  H N N 323 
MET HE1  H N N 324 
MET HE2  H N N 325 
MET HE3  H N N 326 
MET HXT  H N N 327 
NO3 N    N N N 328 
NO3 O1   O N N 329 
NO3 O2   O N N 330 
NO3 O3   O N N 331 
PHE N    N N N 332 
PHE CA   C N S 333 
PHE C    C N N 334 
PHE O    O N N 335 
PHE CB   C N N 336 
PHE CG   C Y N 337 
PHE CD1  C Y N 338 
PHE CD2  C Y N 339 
PHE CE1  C Y N 340 
PHE CE2  C Y N 341 
PHE CZ   C Y N 342 
PHE OXT  O N N 343 
PHE H    H N N 344 
PHE H2   H N N 345 
PHE HA   H N N 346 
PHE HB2  H N N 347 
PHE HB3  H N N 348 
PHE HD1  H N N 349 
PHE HD2  H N N 350 
PHE HE1  H N N 351 
PHE HE2  H N N 352 
PHE HZ   H N N 353 
PHE HXT  H N N 354 
PRO N    N N N 355 
PRO CA   C N S 356 
PRO C    C N N 357 
PRO O    O N N 358 
PRO CB   C N N 359 
PRO CG   C N N 360 
PRO CD   C N N 361 
PRO OXT  O N N 362 
PRO H    H N N 363 
PRO HA   H N N 364 
PRO HB2  H N N 365 
PRO HB3  H N N 366 
PRO HG2  H N N 367 
PRO HG3  H N N 368 
PRO HD2  H N N 369 
PRO HD3  H N N 370 
PRO HXT  H N N 371 
SER N    N N N 372 
SER CA   C N S 373 
SER C    C N N 374 
SER O    O N N 375 
SER CB   C N N 376 
SER OG   O N N 377 
SER OXT  O N N 378 
SER H    H N N 379 
SER H2   H N N 380 
SER HA   H N N 381 
SER HB2  H N N 382 
SER HB3  H N N 383 
SER HG   H N N 384 
SER HXT  H N N 385 
THR N    N N N 386 
THR CA   C N S 387 
THR C    C N N 388 
THR O    O N N 389 
THR CB   C N R 390 
THR OG1  O N N 391 
THR CG2  C N N 392 
THR OXT  O N N 393 
THR H    H N N 394 
THR H2   H N N 395 
THR HA   H N N 396 
THR HB   H N N 397 
THR HG1  H N N 398 
THR HG21 H N N 399 
THR HG22 H N N 400 
THR HG23 H N N 401 
THR HXT  H N N 402 
TRP N    N N N 403 
TRP CA   C N S 404 
TRP C    C N N 405 
TRP O    O N N 406 
TRP CB   C N N 407 
TRP CG   C Y N 408 
TRP CD1  C Y N 409 
TRP CD2  C Y N 410 
TRP NE1  N Y N 411 
TRP CE2  C Y N 412 
TRP CE3  C Y N 413 
TRP CZ2  C Y N 414 
TRP CZ3  C Y N 415 
TRP CH2  C Y N 416 
TRP OXT  O N N 417 
TRP H    H N N 418 
TRP H2   H N N 419 
TRP HA   H N N 420 
TRP HB2  H N N 421 
TRP HB3  H N N 422 
TRP HD1  H N N 423 
TRP HE1  H N N 424 
TRP HE3  H N N 425 
TRP HZ2  H N N 426 
TRP HZ3  H N N 427 
TRP HH2  H N N 428 
TRP HXT  H N N 429 
TYR N    N N N 430 
TYR CA   C N S 431 
TYR C    C N N 432 
TYR O    O N N 433 
TYR CB   C N N 434 
TYR CG   C Y N 435 
TYR CD1  C Y N 436 
TYR CD2  C Y N 437 
TYR CE1  C Y N 438 
TYR CE2  C Y N 439 
TYR CZ   C Y N 440 
TYR OH   O N N 441 
TYR OXT  O N N 442 
TYR H    H N N 443 
TYR H2   H N N 444 
TYR HA   H N N 445 
TYR HB2  H N N 446 
TYR HB3  H N N 447 
TYR HD1  H N N 448 
TYR HD2  H N N 449 
TYR HE1  H N N 450 
TYR HE2  H N N 451 
TYR HH   H N N 452 
TYR HXT  H N N 453 
VAL N    N N N 454 
VAL CA   C N S 455 
VAL C    C N N 456 
VAL O    O N N 457 
VAL CB   C N N 458 
VAL CG1  C N N 459 
VAL CG2  C N N 460 
VAL OXT  O N N 461 
VAL H    H N N 462 
VAL H2   H N N 463 
VAL HA   H N N 464 
VAL HB   H N N 465 
VAL HG11 H N N 466 
VAL HG12 H N N 467 
VAL HG13 H N N 468 
VAL HG21 H N N 469 
VAL HG22 H N N 470 
VAL HG23 H N N 471 
VAL HXT  H N N 472 
# 
loop_
_chem_comp_bond.comp_id 
_chem_comp_bond.atom_id_1 
_chem_comp_bond.atom_id_2 
_chem_comp_bond.value_order 
_chem_comp_bond.pdbx_aromatic_flag 
_chem_comp_bond.pdbx_stereo_config 
_chem_comp_bond.pdbx_ordinal 
ALA N   CA   sing N N 1   
ALA N   H    sing N N 2   
ALA N   H2   sing N N 3   
ALA CA  C    sing N N 4   
ALA CA  CB   sing N N 5   
ALA CA  HA   sing N N 6   
ALA C   O    doub N N 7   
ALA C   OXT  sing N N 8   
ALA CB  HB1  sing N N 9   
ALA CB  HB2  sing N N 10  
ALA CB  HB3  sing N N 11  
ALA OXT HXT  sing N N 12  
ARG N   CA   sing N N 13  
ARG N   H    sing N N 14  
ARG N   H2   sing N N 15  
ARG CA  C    sing N N 16  
ARG CA  CB   sing N N 17  
ARG CA  HA   sing N N 18  
ARG C   O    doub N N 19  
ARG C   OXT  sing N N 20  
ARG CB  CG   sing N N 21  
ARG CB  HB2  sing N N 22  
ARG CB  HB3  sing N N 23  
ARG CG  CD   sing N N 24  
ARG CG  HG2  sing N N 25  
ARG CG  HG3  sing N N 26  
ARG CD  NE   sing N N 27  
ARG CD  HD2  sing N N 28  
ARG CD  HD3  sing N N 29  
ARG NE  CZ   sing N N 30  
ARG NE  HE   sing N N 31  
ARG CZ  NH1  sing N N 32  
ARG CZ  NH2  doub N N 33  
ARG NH1 HH11 sing N N 34  
ARG NH1 HH12 sing N N 35  
ARG NH2 HH21 sing N N 36  
ARG NH2 HH22 sing N N 37  
ARG OXT HXT  sing N N 38  
ASN N   CA   sing N N 39  
ASN N   H    sing N N 40  
ASN N   H2   sing N N 41  
ASN CA  C    sing N N 42  
ASN CA  CB   sing N N 43  
ASN CA  HA   sing N N 44  
ASN C   O    doub N N 45  
ASN C   OXT  sing N N 46  
ASN CB  CG   sing N N 47  
ASN CB  HB2  sing N N 48  
ASN CB  HB3  sing N N 49  
ASN CG  OD1  doub N N 50  
ASN CG  ND2  sing N N 51  
ASN ND2 HD21 sing N N 52  
ASN ND2 HD22 sing N N 53  
ASN OXT HXT  sing N N 54  
ASP N   CA   sing N N 55  
ASP N   H    sing N N 56  
ASP N   H2   sing N N 57  
ASP CA  C    sing N N 58  
ASP CA  CB   sing N N 59  
ASP CA  HA   sing N N 60  
ASP C   O    doub N N 61  
ASP C   OXT  sing N N 62  
ASP CB  CG   sing N N 63  
ASP CB  HB2  sing N N 64  
ASP CB  HB3  sing N N 65  
ASP CG  OD1  doub N N 66  
ASP CG  OD2  sing N N 67  
ASP OD2 HD2  sing N N 68  
ASP OXT HXT  sing N N 69  
CYS N   CA   sing N N 70  
CYS N   H    sing N N 71  
CYS N   H2   sing N N 72  
CYS CA  C    sing N N 73  
CYS CA  CB   sing N N 74  
CYS CA  HA   sing N N 75  
CYS C   O    doub N N 76  
CYS C   OXT  sing N N 77  
CYS CB  SG   sing N N 78  
CYS CB  HB2  sing N N 79  
CYS CB  HB3  sing N N 80  
CYS SG  HG   sing N N 81  
CYS OXT HXT  sing N N 82  
E0B OBC CBA  doub N N 83  
E0B CBB CBA  sing N N 84  
E0B CBA NAX  sing N N 85  
E0B NAX CAW  sing N N 86  
E0B NAX CAY  sing N N 87  
E0B CAW CAV  sing N N 88  
E0B CAY CAZ  sing N N 89  
E0B CAV CAU  sing N N 90  
E0B CAZ CAU  sing N N 91  
E0B CAU CAT  sing N N 92  
E0B CAT NAS  sing N N 93  
E0B NAS SAP  sing N N 94  
E0B OAQ SAP  doub N N 95  
E0B SAP OAR  doub N N 96  
E0B SAP CAC  sing N N 97  
E0B CAC CAB  doub Y N 98  
E0B CAC CAD  sing Y N 99  
E0B CAG CAD  doub Y N 100 
E0B CAG CAH  sing Y N 101 
E0B CAB CAA  sing Y N 102 
E0B CAD CAE  sing Y N 103 
E0B CAH CAI  doub Y N 104 
E0B CAE CAF  sing Y N 105 
E0B CAE CAJ  doub Y N 106 
E0B CAA CAF  doub Y N 107 
E0B CAI CAJ  sing Y N 108 
E0B CAF NAK  sing N N 109 
E0B CAJ CAL  sing N N 110 
E0B NAK CAL  sing N N 111 
E0B NAK CAN  sing N N 112 
E0B CAL OAM  doub N N 113 
E0B CAO CAN  sing N N 114 
E0B CAV H1   sing N N 115 
E0B CAV H2   sing N N 116 
E0B CAW H3   sing N N 117 
E0B CAW H4   sing N N 118 
E0B CBB H5   sing N N 119 
E0B CBB H6   sing N N 120 
E0B CBB H7   sing N N 121 
E0B CAY H8   sing N N 122 
E0B CAY H9   sing N N 123 
E0B CAZ H10  sing N N 124 
E0B CAZ H11  sing N N 125 
E0B CAU H12  sing N N 126 
E0B CAT H13  sing N N 127 
E0B CAT H14  sing N N 128 
E0B NAS H15  sing N N 129 
E0B CAB H16  sing N N 130 
E0B CAA H17  sing N N 131 
E0B CAG H18  sing N N 132 
E0B CAH H19  sing N N 133 
E0B CAI H20  sing N N 134 
E0B CAN H21  sing N N 135 
E0B CAN H22  sing N N 136 
E0B CAO H23  sing N N 137 
E0B CAO H24  sing N N 138 
E0B CAO H25  sing N N 139 
EDO C1  O1   sing N N 140 
EDO C1  C2   sing N N 141 
EDO C1  H11  sing N N 142 
EDO C1  H12  sing N N 143 
EDO O1  HO1  sing N N 144 
EDO C2  O2   sing N N 145 
EDO C2  H21  sing N N 146 
EDO C2  H22  sing N N 147 
EDO O2  HO2  sing N N 148 
GLN N   CA   sing N N 149 
GLN N   H    sing N N 150 
GLN N   H2   sing N N 151 
GLN CA  C    sing N N 152 
GLN CA  CB   sing N N 153 
GLN CA  HA   sing N N 154 
GLN C   O    doub N N 155 
GLN C   OXT  sing N N 156 
GLN CB  CG   sing N N 157 
GLN CB  HB2  sing N N 158 
GLN CB  HB3  sing N N 159 
GLN CG  CD   sing N N 160 
GLN CG  HG2  sing N N 161 
GLN CG  HG3  sing N N 162 
GLN CD  OE1  doub N N 163 
GLN CD  NE2  sing N N 164 
GLN NE2 HE21 sing N N 165 
GLN NE2 HE22 sing N N 166 
GLN OXT HXT  sing N N 167 
GLU N   CA   sing N N 168 
GLU N   H    sing N N 169 
GLU N   H2   sing N N 170 
GLU CA  C    sing N N 171 
GLU CA  CB   sing N N 172 
GLU CA  HA   sing N N 173 
GLU C   O    doub N N 174 
GLU C   OXT  sing N N 175 
GLU CB  CG   sing N N 176 
GLU CB  HB2  sing N N 177 
GLU CB  HB3  sing N N 178 
GLU CG  CD   sing N N 179 
GLU CG  HG2  sing N N 180 
GLU CG  HG3  sing N N 181 
GLU CD  OE1  doub N N 182 
GLU CD  OE2  sing N N 183 
GLU OE2 HE2  sing N N 184 
GLU OXT HXT  sing N N 185 
GLY N   CA   sing N N 186 
GLY N   H    sing N N 187 
GLY N   H2   sing N N 188 
GLY CA  C    sing N N 189 
GLY CA  HA2  sing N N 190 
GLY CA  HA3  sing N N 191 
GLY C   O    doub N N 192 
GLY C   OXT  sing N N 193 
GLY OXT HXT  sing N N 194 
GOL C1  O1   sing N N 195 
GOL C1  C2   sing N N 196 
GOL C1  H11  sing N N 197 
GOL C1  H12  sing N N 198 
GOL O1  HO1  sing N N 199 
GOL C2  O2   sing N N 200 
GOL C2  C3   sing N N 201 
GOL C2  H2   sing N N 202 
GOL O2  HO2  sing N N 203 
GOL C3  O3   sing N N 204 
GOL C3  H31  sing N N 205 
GOL C3  H32  sing N N 206 
GOL O3  HO3  sing N N 207 
HIS N   CA   sing N N 208 
HIS N   H    sing N N 209 
HIS N   H2   sing N N 210 
HIS CA  C    sing N N 211 
HIS CA  CB   sing N N 212 
HIS CA  HA   sing N N 213 
HIS C   O    doub N N 214 
HIS C   OXT  sing N N 215 
HIS CB  CG   sing N N 216 
HIS CB  HB2  sing N N 217 
HIS CB  HB3  sing N N 218 
HIS CG  ND1  sing Y N 219 
HIS CG  CD2  doub Y N 220 
HIS ND1 CE1  doub Y N 221 
HIS ND1 HD1  sing N N 222 
HIS CD2 NE2  sing Y N 223 
HIS CD2 HD2  sing N N 224 
HIS CE1 NE2  sing Y N 225 
HIS CE1 HE1  sing N N 226 
HIS NE2 HE2  sing N N 227 
HIS OXT HXT  sing N N 228 
HOH O   H1   sing N N 229 
HOH O   H2   sing N N 230 
ILE N   CA   sing N N 231 
ILE N   H    sing N N 232 
ILE N   H2   sing N N 233 
ILE CA  C    sing N N 234 
ILE CA  CB   sing N N 235 
ILE CA  HA   sing N N 236 
ILE C   O    doub N N 237 
ILE C   OXT  sing N N 238 
ILE CB  CG1  sing N N 239 
ILE CB  CG2  sing N N 240 
ILE CB  HB   sing N N 241 
ILE CG1 CD1  sing N N 242 
ILE CG1 HG12 sing N N 243 
ILE CG1 HG13 sing N N 244 
ILE CG2 HG21 sing N N 245 
ILE CG2 HG22 sing N N 246 
ILE CG2 HG23 sing N N 247 
ILE CD1 HD11 sing N N 248 
ILE CD1 HD12 sing N N 249 
ILE CD1 HD13 sing N N 250 
ILE OXT HXT  sing N N 251 
LEU N   CA   sing N N 252 
LEU N   H    sing N N 253 
LEU N   H2   sing N N 254 
LEU CA  C    sing N N 255 
LEU CA  CB   sing N N 256 
LEU CA  HA   sing N N 257 
LEU C   O    doub N N 258 
LEU C   OXT  sing N N 259 
LEU CB  CG   sing N N 260 
LEU CB  HB2  sing N N 261 
LEU CB  HB3  sing N N 262 
LEU CG  CD1  sing N N 263 
LEU CG  CD2  sing N N 264 
LEU CG  HG   sing N N 265 
LEU CD1 HD11 sing N N 266 
LEU CD1 HD12 sing N N 267 
LEU CD1 HD13 sing N N 268 
LEU CD2 HD21 sing N N 269 
LEU CD2 HD22 sing N N 270 
LEU CD2 HD23 sing N N 271 
LEU OXT HXT  sing N N 272 
LYS N   CA   sing N N 273 
LYS N   H    sing N N 274 
LYS N   H2   sing N N 275 
LYS CA  C    sing N N 276 
LYS CA  CB   sing N N 277 
LYS CA  HA   sing N N 278 
LYS C   O    doub N N 279 
LYS C   OXT  sing N N 280 
LYS CB  CG   sing N N 281 
LYS CB  HB2  sing N N 282 
LYS CB  HB3  sing N N 283 
LYS CG  CD   sing N N 284 
LYS CG  HG2  sing N N 285 
LYS CG  HG3  sing N N 286 
LYS CD  CE   sing N N 287 
LYS CD  HD2  sing N N 288 
LYS CD  HD3  sing N N 289 
LYS CE  NZ   sing N N 290 
LYS CE  HE2  sing N N 291 
LYS CE  HE3  sing N N 292 
LYS NZ  HZ1  sing N N 293 
LYS NZ  HZ2  sing N N 294 
LYS NZ  HZ3  sing N N 295 
LYS OXT HXT  sing N N 296 
MET N   CA   sing N N 297 
MET N   H    sing N N 298 
MET N   H2   sing N N 299 
MET CA  C    sing N N 300 
MET CA  CB   sing N N 301 
MET CA  HA   sing N N 302 
MET C   O    doub N N 303 
MET C   OXT  sing N N 304 
MET CB  CG   sing N N 305 
MET CB  HB2  sing N N 306 
MET CB  HB3  sing N N 307 
MET CG  SD   sing N N 308 
MET CG  HG2  sing N N 309 
MET CG  HG3  sing N N 310 
MET SD  CE   sing N N 311 
MET CE  HE1  sing N N 312 
MET CE  HE2  sing N N 313 
MET CE  HE3  sing N N 314 
MET OXT HXT  sing N N 315 
NO3 N   O1   doub N N 316 
NO3 N   O2   sing N N 317 
NO3 N   O3   sing N N 318 
PHE N   CA   sing N N 319 
PHE N   H    sing N N 320 
PHE N   H2   sing N N 321 
PHE CA  C    sing N N 322 
PHE CA  CB   sing N N 323 
PHE CA  HA   sing N N 324 
PHE C   O    doub N N 325 
PHE C   OXT  sing N N 326 
PHE CB  CG   sing N N 327 
PHE CB  HB2  sing N N 328 
PHE CB  HB3  sing N N 329 
PHE CG  CD1  doub Y N 330 
PHE CG  CD2  sing Y N 331 
PHE CD1 CE1  sing Y N 332 
PHE CD1 HD1  sing N N 333 
PHE CD2 CE2  doub Y N 334 
PHE CD2 HD2  sing N N 335 
PHE CE1 CZ   doub Y N 336 
PHE CE1 HE1  sing N N 337 
PHE CE2 CZ   sing Y N 338 
PHE CE2 HE2  sing N N 339 
PHE CZ  HZ   sing N N 340 
PHE OXT HXT  sing N N 341 
PRO N   CA   sing N N 342 
PRO N   CD   sing N N 343 
PRO N   H    sing N N 344 
PRO CA  C    sing N N 345 
PRO CA  CB   sing N N 346 
PRO CA  HA   sing N N 347 
PRO C   O    doub N N 348 
PRO C   OXT  sing N N 349 
PRO CB  CG   sing N N 350 
PRO CB  HB2  sing N N 351 
PRO CB  HB3  sing N N 352 
PRO CG  CD   sing N N 353 
PRO CG  HG2  sing N N 354 
PRO CG  HG3  sing N N 355 
PRO CD  HD2  sing N N 356 
PRO CD  HD3  sing N N 357 
PRO OXT HXT  sing N N 358 
SER N   CA   sing N N 359 
SER N   H    sing N N 360 
SER N   H2   sing N N 361 
SER CA  C    sing N N 362 
SER CA  CB   sing N N 363 
SER CA  HA   sing N N 364 
SER C   O    doub N N 365 
SER C   OXT  sing N N 366 
SER CB  OG   sing N N 367 
SER CB  HB2  sing N N 368 
SER CB  HB3  sing N N 369 
SER OG  HG   sing N N 370 
SER OXT HXT  sing N N 371 
THR N   CA   sing N N 372 
THR N   H    sing N N 373 
THR N   H2   sing N N 374 
THR CA  C    sing N N 375 
THR CA  CB   sing N N 376 
THR CA  HA   sing N N 377 
THR C   O    doub N N 378 
THR C   OXT  sing N N 379 
THR CB  OG1  sing N N 380 
THR CB  CG2  sing N N 381 
THR CB  HB   sing N N 382 
THR OG1 HG1  sing N N 383 
THR CG2 HG21 sing N N 384 
THR CG2 HG22 sing N N 385 
THR CG2 HG23 sing N N 386 
THR OXT HXT  sing N N 387 
TRP N   CA   sing N N 388 
TRP N   H    sing N N 389 
TRP N   H2   sing N N 390 
TRP CA  C    sing N N 391 
TRP CA  CB   sing N N 392 
TRP CA  HA   sing N N 393 
TRP C   O    doub N N 394 
TRP C   OXT  sing N N 395 
TRP CB  CG   sing N N 396 
TRP CB  HB2  sing N N 397 
TRP CB  HB3  sing N N 398 
TRP CG  CD1  doub Y N 399 
TRP CG  CD2  sing Y N 400 
TRP CD1 NE1  sing Y N 401 
TRP CD1 HD1  sing N N 402 
TRP CD2 CE2  doub Y N 403 
TRP CD2 CE3  sing Y N 404 
TRP NE1 CE2  sing Y N 405 
TRP NE1 HE1  sing N N 406 
TRP CE2 CZ2  sing Y N 407 
TRP CE3 CZ3  doub Y N 408 
TRP CE3 HE3  sing N N 409 
TRP CZ2 CH2  doub Y N 410 
TRP CZ2 HZ2  sing N N 411 
TRP CZ3 CH2  sing Y N 412 
TRP CZ3 HZ3  sing N N 413 
TRP CH2 HH2  sing N N 414 
TRP OXT HXT  sing N N 415 
TYR N   CA   sing N N 416 
TYR N   H    sing N N 417 
TYR N   H2   sing N N 418 
TYR CA  C    sing N N 419 
TYR CA  CB   sing N N 420 
TYR CA  HA   sing N N 421 
TYR C   O    doub N N 422 
TYR C   OXT  sing N N 423 
TYR CB  CG   sing N N 424 
TYR CB  HB2  sing N N 425 
TYR CB  HB3  sing N N 426 
TYR CG  CD1  doub Y N 427 
TYR CG  CD2  sing Y N 428 
TYR CD1 CE1  sing Y N 429 
TYR CD1 HD1  sing N N 430 
TYR CD2 CE2  doub Y N 431 
TYR CD2 HD2  sing N N 432 
TYR CE1 CZ   doub Y N 433 
TYR CE1 HE1  sing N N 434 
TYR CE2 CZ   sing Y N 435 
TYR CE2 HE2  sing N N 436 
TYR CZ  OH   sing N N 437 
TYR OH  HH   sing N N 438 
TYR OXT HXT  sing N N 439 
VAL N   CA   sing N N 440 
VAL N   H    sing N N 441 
VAL N   H2   sing N N 442 
VAL CA  C    sing N N 443 
VAL CA  CB   sing N N 444 
VAL CA  HA   sing N N 445 
VAL C   O    doub N N 446 
VAL C   OXT  sing N N 447 
VAL CB  CG1  sing N N 448 
VAL CB  CG2  sing N N 449 
VAL CB  HB   sing N N 450 
VAL CG1 HG11 sing N N 451 
VAL CG1 HG12 sing N N 452 
VAL CG1 HG13 sing N N 453 
VAL CG2 HG21 sing N N 454 
VAL CG2 HG22 sing N N 455 
VAL CG2 HG23 sing N N 456 
VAL OXT HXT  sing N N 457 
# 
loop_
_pdbx_entity_nonpoly.entity_id 
_pdbx_entity_nonpoly.name 
_pdbx_entity_nonpoly.comp_id 
2 'NITRATE ION'                                                                               NO3 
3 1,2-ETHANEDIOL                                                                              EDO 
4 'N-[(1-acetylpiperidin-4-yl)methyl]-1-ethyl-2-oxo-1,2-dihydrobenzo[cd]indole-6-sulfonamide' E0B 
5 GLYCEROL                                                                                    GOL 
6 water                                                                                       HOH 
# 
_pdbx_initial_refinement_model.id               1 
_pdbx_initial_refinement_model.entity_id_list   ? 
_pdbx_initial_refinement_model.type             'experimental model' 
_pdbx_initial_refinement_model.source_name      PDB 
_pdbx_initial_refinement_model.accession_code   3MXF 
_pdbx_initial_refinement_model.details          ? 
# 
